data_2AA3
#
_entry.id   2AA3
#
_cell.length_a   81.482
_cell.length_b   128.454
_cell.length_c   130.781
_cell.angle_alpha   90.00
_cell.angle_beta   90.00
_cell.angle_gamma   90.00
#
_symmetry.space_group_name_H-M   'P 21 21 21'
#
loop_
_entity.id
_entity.type
_entity.pdbx_description
1 polymer 'L-lactate dehydrogenase'
2 non-polymer 'SULFATE ION'
3 non-polymer 'ACETYL PYRIDINE ADENINE DINUCLEOTIDE, REDUCED'
4 water water
#
_entity_poly.entity_id   1
_entity_poly.type   'polypeptide(L)'
_entity_poly.pdbx_seq_one_letter_code
;TPKPKIVLVGSGMIGGVMATLIVQKNLGDVVMFDVVKNMPQGKALDTSHSNVMAYSNCKVTGSNSYDDLKGADVVIVTAG
FTKAPGKSDKEWNRDDLLPLNNKIMIEIGGHIKNLCPNAFIIVVTNPVDVMVQLLFEHSGVPKNKIIGLGGVLDTSRLKY
YISQKLNVCPRDVNALIVGAHGNKMVLLKRYITVGGIPLQEFINNKKITDEEVEGIFDRTVNTALEIVNLLASPYVAPAA
AIIEMAESYLKDIKKVLVCSTLLEGQYGHSNIFGGTPLVIGGTGVEQVIELQLNAEEKTKFDEAVAETKRMKALIHHHHH
H
;
_entity_poly.pdbx_strand_id   A,B,C,D
#
loop_
_chem_comp.id
_chem_comp.type
_chem_comp.name
_chem_comp.formula
AP0 non-polymer 'ACETYL PYRIDINE ADENINE DINUCLEOTIDE, REDUCED' 'C22 H30 N6 O14 P2'
SO4 non-polymer 'SULFATE ION' 'O4 S -2'
#
# COMPACT_ATOMS: atom_id res chain seq x y z
N THR A 1 -2.77 14.47 -11.53
CA THR A 1 -3.35 14.80 -12.87
C THR A 1 -4.33 16.01 -12.91
N PRO A 2 -3.89 17.20 -12.48
CA PRO A 2 -2.67 17.50 -11.75
C PRO A 2 -2.81 17.12 -10.27
N LYS A 3 -1.78 17.41 -9.50
CA LYS A 3 -1.63 16.89 -8.11
C LYS A 3 -2.64 17.67 -7.24
N PRO A 4 -3.47 16.98 -6.41
CA PRO A 4 -4.32 17.71 -5.46
C PRO A 4 -3.52 18.60 -4.53
N LYS A 5 -4.10 19.72 -4.11
CA LYS A 5 -3.45 20.58 -3.12
C LYS A 5 -4.27 20.55 -1.83
N ILE A 6 -3.63 20.19 -0.73
CA ILE A 6 -4.32 20.01 0.57
C ILE A 6 -3.67 21.02 1.51
N VAL A 7 -4.47 21.95 2.04
CA VAL A 7 -3.95 22.95 3.00
C VAL A 7 -4.41 22.60 4.42
N LEU A 8 -3.44 22.40 5.31
CA LEU A 8 -3.68 22.11 6.75
C LEU A 8 -3.66 23.45 7.47
N VAL A 9 -4.84 23.98 7.79
CA VAL A 9 -4.95 25.24 8.54
C VAL A 9 -4.81 24.89 10.06
N GLY A 10 -3.61 25.02 10.62
CA GLY A 10 -3.25 24.42 11.93
C GLY A 10 -2.19 23.35 11.67
N SER A 11 -0.99 23.57 12.18
CA SER A 11 0.13 22.65 12.01
C SER A 11 0.67 22.21 13.38
N GLY A 12 -0.26 21.86 14.26
CA GLY A 12 0.05 21.33 15.58
C GLY A 12 0.23 19.85 15.57
N MET A 13 -0.23 19.22 16.61
CA MET A 13 -0.02 17.78 16.78
C MET A 13 -0.71 16.97 15.68
N ILE A 14 -1.97 17.29 15.47
CA ILE A 14 -2.77 16.58 14.46
C ILE A 14 -2.27 16.95 13.07
N GLY A 15 -2.05 18.24 12.85
CA GLY A 15 -1.43 18.73 11.61
C GLY A 15 -0.20 17.93 11.15
N GLY A 16 0.76 17.69 12.06
CA GLY A 16 1.98 16.96 11.74
C GLY A 16 1.77 15.53 11.27
N VAL A 17 0.92 14.79 11.99
CA VAL A 17 0.62 13.42 11.61
C VAL A 17 -0.13 13.43 10.27
N MET A 18 -1.07 14.35 10.09
CA MET A 18 -1.72 14.45 8.77
C MET A 18 -0.73 14.59 7.60
N ALA A 19 0.22 15.52 7.72
CA ALA A 19 1.22 15.74 6.66
C ALA A 19 2.04 14.48 6.46
N THR A 20 2.43 13.82 7.57
CA THR A 20 3.13 12.54 7.44
C THR A 20 2.35 11.49 6.61
N LEU A 21 1.08 11.27 6.97
CA LEU A 21 0.22 10.29 6.30
C LEU A 21 -0.07 10.65 4.87
N ILE A 22 -0.23 11.95 4.59
CA ILE A 22 -0.44 12.42 3.17
C ILE A 22 0.75 11.98 2.27
N VAL A 23 1.98 12.24 2.74
CA VAL A 23 3.16 11.79 2.04
C VAL A 23 3.23 10.23 1.91
N GLN A 24 2.98 9.48 3.01
CA GLN A 24 2.94 8.02 2.97
C GLN A 24 2.01 7.49 1.85
N LYS A 25 0.88 8.17 1.69
CA LYS A 25 -0.15 7.76 0.73
C LYS A 25 -0.06 8.49 -0.62
N ASN A 26 0.94 9.36 -0.79
CA ASN A 26 1.07 10.15 -2.02
C ASN A 26 -0.23 10.86 -2.42
N LEU A 27 -0.93 11.44 -1.42
CA LEU A 27 -2.28 11.94 -1.67
C LEU A 27 -2.36 13.29 -2.36
N GLY A 28 -1.33 14.10 -2.17
CA GLY A 28 -1.29 15.42 -2.79
C GLY A 28 -0.19 16.31 -2.20
N ASP A 29 0.07 17.48 -2.83
CA ASP A 29 0.89 18.53 -2.23
C ASP A 29 0.23 19.04 -0.92
N VAL A 30 1.06 19.37 0.07
CA VAL A 30 0.55 19.78 1.39
C VAL A 30 1.11 21.15 1.76
N VAL A 31 0.25 22.07 2.17
CA VAL A 31 0.72 23.30 2.82
C VAL A 31 0.40 23.13 4.31
N MET A 32 1.46 23.16 5.11
CA MET A 32 1.28 23.24 6.55
C MET A 32 1.22 24.75 6.97
N PHE A 33 0.01 25.22 7.25
CA PHE A 33 -0.23 26.62 7.64
C PHE A 33 -0.37 26.75 9.16
N ASP A 34 0.27 27.78 9.73
CA ASP A 34 0.03 28.07 11.12
C ASP A 34 0.20 29.60 11.41
N VAL A 35 -0.35 30.06 12.53
CA VAL A 35 -0.07 31.44 12.95
C VAL A 35 1.32 31.52 13.59
N VAL A 36 1.80 30.38 14.11
CA VAL A 36 3.13 30.33 14.75
C VAL A 36 4.20 30.38 13.69
N LYS A 37 5.07 31.39 13.79
CA LYS A 37 6.16 31.59 12.83
C LYS A 37 7.22 30.49 12.87
N ASN A 38 7.71 30.12 11.69
CA ASN A 38 8.83 29.17 11.51
C ASN A 38 8.49 27.70 11.76
N MET A 39 7.70 27.45 12.78
CA MET A 39 7.33 26.06 13.19
C MET A 39 6.80 25.18 12.01
N PRO A 40 5.77 25.66 11.26
CA PRO A 40 5.29 24.83 10.15
C PRO A 40 6.34 24.66 9.04
N GLN A 41 7.20 25.67 8.81
CA GLN A 41 8.28 25.49 7.83
C GLN A 41 9.29 24.39 8.25
N GLY A 42 9.56 24.30 9.55
CA GLY A 42 10.47 23.26 10.08
C GLY A 42 9.83 21.86 9.92
N LYS A 43 8.57 21.75 10.29
CA LYS A 43 7.87 20.44 10.17
C LYS A 43 7.77 20.01 8.69
N ALA A 44 7.44 20.96 7.83
CA ALA A 44 7.33 20.69 6.39
C ALA A 44 8.65 20.21 5.75
N LEU A 45 9.78 20.82 6.14
CA LEU A 45 11.08 20.42 5.58
C LEU A 45 11.43 19.00 6.03
N ASP A 46 11.29 18.75 7.33
CA ASP A 46 11.46 17.42 7.85
C ASP A 46 10.56 16.39 7.10
N THR A 47 9.25 16.69 7.04
CA THR A 47 8.26 15.81 6.37
C THR A 47 8.58 15.59 4.89
N SER A 48 9.00 16.65 4.20
CA SER A 48 9.34 16.51 2.75
C SER A 48 10.41 15.43 2.42
N HIS A 49 11.38 15.23 3.34
CA HIS A 49 12.44 14.22 3.12
C HIS A 49 11.84 12.81 3.08
N SER A 50 10.71 12.61 3.78
CA SER A 50 10.12 11.27 3.87
C SER A 50 9.55 10.82 2.53
N ASN A 51 9.40 11.74 1.55
CA ASN A 51 9.05 11.33 0.17
C ASN A 51 9.95 10.24 -0.39
N VAL A 52 11.25 10.31 -0.09
CA VAL A 52 12.26 9.31 -0.58
C VAL A 52 11.88 7.93 -0.04
N MET A 53 11.79 7.81 1.30
CA MET A 53 11.39 6.54 1.91
C MET A 53 10.02 6.03 1.40
N ALA A 54 9.07 6.94 1.18
CA ALA A 54 7.69 6.55 0.82
C ALA A 54 7.49 6.23 -0.66
N TYR A 55 8.49 6.52 -1.49
CA TYR A 55 8.42 6.56 -2.98
CA TYR A 55 8.35 6.47 -2.94
C TYR A 55 7.26 7.45 -3.41
N SER A 56 7.16 8.62 -2.76
CA SER A 56 6.11 9.55 -3.10
C SER A 56 6.65 10.81 -3.81
N ASN A 57 5.76 11.67 -4.29
CA ASN A 57 6.18 12.96 -4.80
C ASN A 57 5.15 14.03 -4.44
N CYS A 58 5.13 14.41 -3.15
CA CYS A 58 4.22 15.46 -2.62
C CYS A 58 5.12 16.60 -2.16
N LYS A 59 4.86 17.79 -2.66
CA LYS A 59 5.54 18.98 -2.08
C LYS A 59 4.95 19.23 -0.70
N VAL A 60 5.80 19.47 0.28
CA VAL A 60 5.33 19.78 1.62
C VAL A 60 6.00 21.11 1.97
N THR A 61 5.23 22.15 2.24
CA THR A 61 5.80 23.51 2.50
C THR A 61 5.10 24.01 3.73
N GLY A 62 5.70 24.98 4.41
CA GLY A 62 5.07 25.58 5.56
C GLY A 62 4.73 27.02 5.26
N SER A 63 3.71 27.55 5.96
CA SER A 63 3.23 28.90 5.63
C SER A 63 2.73 29.61 6.86
N ASN A 64 3.00 30.91 6.94
CA ASN A 64 2.27 31.81 7.85
C ASN A 64 1.40 32.77 7.09
N SER A 65 1.12 32.48 5.81
CA SER A 65 0.26 33.32 4.99
C SER A 65 -1.02 32.63 4.57
N TYR A 66 -2.17 33.26 4.77
CA TYR A 66 -3.42 32.69 4.29
C TYR A 66 -3.53 32.63 2.76
N ASP A 67 -2.59 33.32 2.06
CA ASP A 67 -2.64 33.41 0.60
C ASP A 67 -2.54 31.99 0.06
N ASP A 68 -1.86 31.12 0.81
CA ASP A 68 -1.60 29.74 0.37
C ASP A 68 -2.89 28.91 0.27
N LEU A 69 -4.01 29.43 0.76
CA LEU A 69 -5.32 28.78 0.53
C LEU A 69 -5.72 28.77 -0.97
N LYS A 70 -5.16 29.73 -1.73
CA LYS A 70 -5.47 29.79 -3.16
C LYS A 70 -5.15 28.47 -3.92
N GLY A 71 -6.14 27.94 -4.63
CA GLY A 71 -5.93 26.66 -5.34
C GLY A 71 -6.10 25.39 -4.51
N ALA A 72 -6.49 25.51 -3.22
CA ALA A 72 -6.69 24.31 -2.36
C ALA A 72 -7.90 23.47 -2.84
N ASP A 73 -7.68 22.15 -2.95
CA ASP A 73 -8.77 21.18 -3.21
C ASP A 73 -9.41 20.75 -1.91
N VAL A 74 -8.57 20.68 -0.88
CA VAL A 74 -8.99 20.24 0.48
C VAL A 74 -8.35 21.15 1.51
N VAL A 75 -9.18 21.65 2.43
CA VAL A 75 -8.73 22.48 3.55
C VAL A 75 -9.15 21.73 4.80
N ILE A 76 -8.19 21.43 5.66
CA ILE A 76 -8.49 20.79 6.94
C ILE A 76 -8.19 21.75 8.07
N VAL A 77 -9.18 22.05 8.90
CA VAL A 77 -9.01 23.13 9.93
C VAL A 77 -8.86 22.49 11.30
N THR A 78 -7.66 22.56 11.88
CA THR A 78 -7.45 22.12 13.28
C THR A 78 -7.05 23.32 14.16
N ALA A 79 -6.93 24.50 13.53
CA ALA A 79 -6.53 25.78 14.18
C ALA A 79 -7.44 26.12 15.33
N GLY A 80 -6.86 26.45 16.48
CA GLY A 80 -7.66 26.92 17.60
C GLY A 80 -6.81 27.38 18.77
N PHE A 81 -7.74 27.81 19.76
CA PHE A 81 -7.32 28.15 21.12
C PHE A 81 -7.51 26.98 22.08
N THR A 82 -6.78 27.05 23.19
CA THR A 82 -7.01 26.21 24.37
C THR A 82 -6.42 26.88 25.63
N LYS A 83 -5.74 26.09 26.46
CA LYS A 83 -5.09 26.62 27.69
C LYS A 83 -5.83 27.78 28.35
N ALA A 84 -5.21 28.37 29.37
CA ALA A 84 -5.80 29.46 30.14
C ALA A 84 -4.77 30.12 31.06
N PRO A 85 -4.98 31.41 31.39
CA PRO A 85 -4.02 32.18 32.18
C PRO A 85 -4.31 32.17 33.68
N GLY A 86 -3.89 33.24 34.36
CA GLY A 86 -4.08 33.40 35.80
C GLY A 86 -4.72 32.26 36.55
N LYS A 87 -5.93 31.88 36.13
CA LYS A 87 -6.74 30.89 36.87
C LYS A 87 -5.91 29.90 37.68
N SER A 88 -6.41 29.56 38.87
CA SER A 88 -5.74 28.62 39.75
C SER A 88 -6.75 27.65 40.38
N ASP A 89 -6.57 26.36 40.12
CA ASP A 89 -5.52 25.91 39.23
C ASP A 89 -6.05 24.78 38.34
N LYS A 90 -7.21 24.27 38.70
CA LYS A 90 -7.84 23.17 37.97
C LYS A 90 -9.17 23.62 37.37
N GLU A 91 -9.40 24.91 37.41
CA GLU A 91 -10.71 25.45 37.01
C GLU A 91 -10.74 26.18 35.66
N TRP A 92 -9.97 25.66 34.70
CA TRP A 92 -10.09 25.99 33.28
C TRP A 92 -11.39 25.54 32.57
N ASN A 93 -12.48 26.24 32.86
CA ASN A 93 -13.01 27.23 31.93
C ASN A 93 -12.38 27.20 30.55
N ARG A 94 -13.41 27.47 29.57
CA ARG A 94 -14.49 26.48 29.49
C ARG A 94 -14.54 25.90 28.05
N ASP A 95 -15.35 26.41 27.08
CA ASP A 95 -16.57 27.30 27.15
C ASP A 95 -16.34 28.81 26.94
N ASP A 96 -15.38 29.35 27.69
CA ASP A 96 -14.83 30.67 27.43
C ASP A 96 -13.95 30.64 26.16
N LEU A 97 -13.59 29.43 25.72
CA LEU A 97 -12.84 29.22 24.48
C LEU A 97 -13.71 29.51 23.25
N LEU A 98 -15.03 29.31 23.38
CA LEU A 98 -15.95 29.44 22.24
C LEU A 98 -15.87 30.75 21.45
N PRO A 99 -15.86 31.91 22.18
CA PRO A 99 -15.73 33.12 21.36
C PRO A 99 -14.36 33.28 20.72
N LEU A 100 -13.30 32.78 21.35
CA LEU A 100 -11.94 32.93 20.75
C LEU A 100 -11.83 32.05 19.52
N ASN A 101 -12.44 30.87 19.54
CA ASN A 101 -12.38 29.97 18.37
C ASN A 101 -13.29 30.41 17.26
N ASN A 102 -14.44 30.98 17.62
CA ASN A 102 -15.25 31.65 16.65
C ASN A 102 -14.52 32.76 15.85
N LYS A 103 -13.70 33.57 16.54
CA LYS A 103 -12.93 34.60 15.87
C LYS A 103 -11.91 34.01 14.89
N ILE A 104 -11.31 32.88 15.28
CA ILE A 104 -10.47 32.10 14.34
C ILE A 104 -11.26 31.63 13.09
N MET A 105 -12.46 31.10 13.29
CA MET A 105 -13.33 30.66 12.20
C MET A 105 -13.73 31.78 11.26
N ILE A 106 -14.01 32.96 11.84
CA ILE A 106 -14.35 34.16 11.06
C ILE A 106 -13.20 34.51 10.15
N GLU A 107 -11.98 34.58 10.70
CA GLU A 107 -10.76 34.87 9.96
C GLU A 107 -10.49 33.83 8.82
N ILE A 108 -10.51 32.54 9.19
CA ILE A 108 -10.28 31.48 8.20
C ILE A 108 -11.32 31.54 7.10
N GLY A 109 -12.59 31.61 7.50
CA GLY A 109 -13.72 31.61 6.59
C GLY A 109 -13.70 32.70 5.56
N GLY A 110 -13.28 33.92 5.96
CA GLY A 110 -13.17 35.02 5.00
C GLY A 110 -12.15 34.74 3.92
N HIS A 111 -11.00 34.17 4.28
CA HIS A 111 -10.00 33.81 3.26
C HIS A 111 -10.44 32.65 2.37
N ILE A 112 -11.14 31.65 2.95
CA ILE A 112 -11.63 30.54 2.09
C ILE A 112 -12.62 31.06 1.05
N LYS A 113 -13.53 31.90 1.50
CA LYS A 113 -14.51 32.58 0.63
C LYS A 113 -13.83 33.32 -0.53
N ASN A 114 -12.77 34.04 -0.23
CA ASN A 114 -12.03 34.85 -1.19
C ASN A 114 -11.16 34.00 -2.13
N LEU A 115 -10.45 33.01 -1.55
CA LEU A 115 -9.34 32.36 -2.23
C LEU A 115 -9.60 30.92 -2.69
N CYS A 116 -10.44 30.16 -1.96
CA CYS A 116 -10.70 28.81 -2.42
C CYS A 116 -12.16 28.43 -2.19
N PRO A 117 -13.12 29.15 -2.86
CA PRO A 117 -14.53 28.88 -2.53
C PRO A 117 -15.03 27.49 -2.92
N ASN A 118 -14.31 26.80 -3.79
CA ASN A 118 -14.68 25.47 -4.22
C ASN A 118 -13.95 24.35 -3.47
N ALA A 119 -13.18 24.69 -2.42
CA ALA A 119 -12.52 23.61 -1.64
C ALA A 119 -13.53 22.74 -0.91
N PHE A 120 -13.15 21.50 -0.69
CA PHE A 120 -13.82 20.62 0.30
C PHE A 120 -13.19 20.87 1.65
N ILE A 121 -14.04 21.08 2.68
CA ILE A 121 -13.54 21.53 4.00
C ILE A 121 -13.85 20.53 5.08
N ILE A 122 -12.87 20.20 5.90
CA ILE A 122 -13.06 19.28 7.03
C ILE A 122 -12.66 20.06 8.26
N VAL A 123 -13.61 20.21 9.19
CA VAL A 123 -13.36 20.96 10.40
C VAL A 123 -13.13 20.02 11.56
N VAL A 124 -12.12 20.33 12.37
CA VAL A 124 -11.70 19.47 13.51
C VAL A 124 -11.76 20.23 14.85
N THR A 125 -11.46 21.54 14.81
CA THR A 125 -11.46 22.44 15.98
C THR A 125 -12.68 22.25 16.90
N ASN A 126 -12.47 22.04 18.20
CA ASN A 126 -13.58 21.79 19.09
C ASN A 126 -14.24 23.07 19.64
N PRO A 127 -15.53 22.98 20.03
CA PRO A 127 -16.43 21.85 19.84
C PRO A 127 -16.80 21.72 18.37
N VAL A 128 -16.51 20.56 17.78
CA VAL A 128 -16.52 20.44 16.31
C VAL A 128 -17.88 20.72 15.65
N ASP A 129 -18.97 20.27 16.28
CA ASP A 129 -20.28 20.36 15.65
C ASP A 129 -20.80 21.83 15.64
N VAL A 130 -20.28 22.60 16.58
CA VAL A 130 -20.47 24.07 16.61
C VAL A 130 -19.54 24.79 15.60
N MET A 131 -18.25 24.47 15.65
CA MET A 131 -17.25 25.14 14.79
C MET A 131 -17.46 24.87 13.30
N VAL A 132 -17.86 23.65 12.95
CA VAL A 132 -18.07 23.37 11.51
C VAL A 132 -19.20 24.28 10.98
N GLN A 133 -20.27 24.43 11.76
CA GLN A 133 -21.37 25.28 11.30
C GLN A 133 -20.98 26.75 11.17
N LEU A 134 -20.21 27.24 12.12
CA LEU A 134 -19.67 28.62 12.12
C LEU A 134 -18.80 28.84 10.90
N LEU A 135 -17.87 27.90 10.67
CA LEU A 135 -17.09 27.98 9.44
C LEU A 135 -17.94 27.85 8.17
N PHE A 136 -18.94 26.98 8.18
CA PHE A 136 -19.85 26.91 7.02
C PHE A 136 -20.47 28.31 6.72
N GLU A 137 -20.88 28.96 7.82
CA GLU A 137 -21.59 30.26 7.80
C GLU A 137 -20.64 31.39 7.37
N HIS A 138 -19.42 31.40 7.87
CA HIS A 138 -18.47 32.48 7.54
C HIS A 138 -17.77 32.27 6.19
N SER A 139 -17.66 31.01 5.73
CA SER A 139 -16.99 30.71 4.44
C SER A 139 -17.90 30.81 3.22
N GLY A 140 -19.21 30.62 3.43
CA GLY A 140 -20.15 30.63 2.31
C GLY A 140 -20.13 29.38 1.44
N VAL A 141 -19.38 28.33 1.84
CA VAL A 141 -19.27 27.11 0.95
C VAL A 141 -20.60 26.33 0.90
N PRO A 142 -20.87 25.60 -0.21
CA PRO A 142 -22.06 24.76 -0.22
C PRO A 142 -22.06 23.70 0.90
N LYS A 143 -23.27 23.31 1.31
CA LYS A 143 -23.46 22.44 2.47
C LYS A 143 -22.86 21.01 2.20
N ASN A 144 -22.80 20.61 0.94
CA ASN A 144 -22.18 19.32 0.59
C ASN A 144 -20.63 19.37 0.53
N LYS A 145 -20.04 20.51 0.91
CA LYS A 145 -18.59 20.74 0.77
C LYS A 145 -17.88 20.99 2.12
N ILE A 146 -18.57 20.75 3.21
CA ILE A 146 -17.99 20.96 4.53
C ILE A 146 -18.58 19.99 5.55
N ILE A 147 -17.69 19.30 6.27
CA ILE A 147 -18.08 18.37 7.31
C ILE A 147 -17.16 18.48 8.47
N GLY A 148 -17.59 17.96 9.61
CA GLY A 148 -16.75 17.95 10.79
C GLY A 148 -16.36 16.52 11.07
N LEU A 149 -15.16 16.34 11.64
CA LEU A 149 -14.72 15.08 12.24
C LEU A 149 -15.58 14.70 13.46
N GLY A 150 -15.99 13.45 13.58
CA GLY A 150 -16.43 12.98 14.91
C GLY A 150 -16.53 11.48 14.88
N GLY A 151 -17.52 10.97 14.18
CA GLY A 151 -17.85 9.54 14.24
C GLY A 151 -16.81 8.54 13.74
N VAL A 152 -16.04 8.92 12.73
CA VAL A 152 -14.91 8.07 12.30
C VAL A 152 -13.96 7.82 13.46
N LEU A 153 -13.59 8.89 14.17
CA LEU A 153 -12.72 8.74 15.34
C LEU A 153 -13.42 8.03 16.50
N ASP A 154 -14.59 8.53 16.89
CA ASP A 154 -15.35 7.93 18.03
C ASP A 154 -15.64 6.44 17.83
N THR A 155 -16.07 6.07 16.63
CA THR A 155 -16.33 4.63 16.33
C THR A 155 -15.04 3.81 16.26
N SER A 156 -13.89 4.43 15.90
CA SER A 156 -12.62 3.66 15.88
C SER A 156 -12.27 3.12 17.28
N ARG A 157 -12.58 3.91 18.31
CA ARG A 157 -12.40 3.49 19.71
C ARG A 157 -13.29 2.31 20.03
N LEU A 158 -14.57 2.43 19.70
CA LEU A 158 -15.55 1.42 20.07
C LEU A 158 -15.27 0.11 19.28
N LYS A 159 -15.07 0.25 17.97
CA LYS A 159 -14.60 -0.85 17.09
C LYS A 159 -13.38 -1.55 17.65
N TYR A 160 -12.37 -0.77 18.01
CA TYR A 160 -11.10 -1.32 18.46
C TYR A 160 -11.26 -2.07 19.77
N TYR A 161 -11.89 -1.45 20.78
CA TYR A 161 -12.06 -2.13 22.10
C TYR A 161 -12.89 -3.41 22.01
N ILE A 162 -13.93 -3.43 21.18
CA ILE A 162 -14.69 -4.67 20.98
C ILE A 162 -13.87 -5.76 20.27
N SER A 163 -13.06 -5.37 19.28
CA SER A 163 -12.22 -6.33 18.52
C SER A 163 -11.20 -7.03 19.40
N GLN A 164 -10.70 -6.31 20.38
CA GLN A 164 -9.70 -6.87 21.29
C GLN A 164 -10.34 -7.87 22.27
N LYS A 165 -11.57 -7.60 22.70
CA LYS A 165 -12.30 -8.54 23.56
C LYS A 165 -12.68 -9.78 22.74
N LEU A 166 -13.12 -9.59 21.50
CA LEU A 166 -13.55 -10.69 20.67
C LEU A 166 -12.42 -11.38 19.85
N ASN A 167 -11.21 -10.81 19.87
CA ASN A 167 -10.01 -11.33 19.18
C ASN A 167 -10.23 -11.41 17.65
N VAL A 168 -10.77 -10.33 17.06
CA VAL A 168 -10.90 -10.22 15.58
C VAL A 168 -10.20 -8.96 15.08
N CYS A 169 -9.99 -8.88 13.77
CA CYS A 169 -9.42 -7.69 13.17
C CYS A 169 -10.25 -6.44 13.55
N PRO A 170 -9.61 -5.34 14.06
CA PRO A 170 -10.39 -4.13 14.43
C PRO A 170 -11.39 -3.65 13.38
N ARG A 171 -10.99 -3.49 12.11
CA ARG A 171 -11.91 -3.06 11.12
C ARG A 171 -13.09 -4.02 10.84
N ASP A 172 -13.01 -5.27 11.30
CA ASP A 172 -14.15 -6.20 11.16
C ASP A 172 -15.31 -5.93 12.12
N VAL A 173 -15.09 -5.05 13.08
CA VAL A 173 -16.21 -4.56 13.92
C VAL A 173 -16.75 -3.28 13.28
N ASN A 174 -18.07 -3.20 13.11
CA ASN A 174 -18.72 -1.98 12.66
C ASN A 174 -19.65 -1.47 13.73
N ALA A 175 -19.75 -0.16 13.81
CA ALA A 175 -20.47 0.52 14.84
C ALA A 175 -20.80 1.94 14.32
N LEU A 176 -21.87 2.51 14.89
CA LEU A 176 -22.33 3.85 14.52
C LEU A 176 -22.47 4.63 15.79
N ILE A 177 -21.73 5.74 15.88
CA ILE A 177 -21.88 6.66 17.03
C ILE A 177 -22.28 7.97 16.41
N VAL A 178 -23.39 8.57 16.88
CA VAL A 178 -24.03 9.69 16.14
C VAL A 178 -24.39 10.89 17.05
N GLY A 179 -25.04 11.90 16.47
CA GLY A 179 -25.53 13.08 17.23
C GLY A 179 -24.50 14.21 17.32
N ALA A 180 -23.53 14.06 18.23
CA ALA A 180 -22.41 14.95 18.35
C ALA A 180 -21.15 14.19 18.76
N HIS A 181 -20.00 14.82 18.46
CA HIS A 181 -18.76 14.47 19.09
C HIS A 181 -18.76 14.98 20.52
N GLY A 182 -18.15 14.27 21.45
CA GLY A 182 -18.10 14.77 22.82
C GLY A 182 -18.91 13.92 23.78
N ASN A 183 -19.04 14.37 25.02
CA ASN A 183 -19.58 13.53 26.11
C ASN A 183 -21.01 13.04 25.89
N LYS A 184 -21.76 13.69 24.98
CA LYS A 184 -23.16 13.36 24.68
C LYS A 184 -23.30 12.50 23.43
N MET A 185 -22.17 11.99 22.93
CA MET A 185 -22.18 11.13 21.71
C MET A 185 -23.13 9.96 21.90
N VAL A 186 -23.89 9.65 20.88
CA VAL A 186 -24.87 8.55 20.99
C VAL A 186 -24.32 7.20 20.45
N LEU A 187 -24.03 6.30 21.38
CA LEU A 187 -23.50 4.98 21.08
C LEU A 187 -24.63 4.00 20.92
N LEU A 188 -24.80 3.51 19.71
CA LEU A 188 -25.97 2.72 19.35
C LEU A 188 -25.64 1.23 19.45
N LYS A 189 -25.92 0.61 20.61
CA LYS A 189 -25.63 -0.82 20.82
C LYS A 189 -26.23 -1.72 19.73
N ARG A 190 -27.40 -1.31 19.25
CA ARG A 190 -28.18 -2.08 18.30
C ARG A 190 -27.52 -2.18 16.91
N TYR A 191 -26.60 -1.26 16.67
CA TYR A 191 -26.01 -1.13 15.33
C TYR A 191 -24.56 -1.60 15.35
N ILE A 192 -24.19 -2.42 16.32
CA ILE A 192 -22.83 -2.98 16.39
C ILE A 192 -22.81 -4.37 15.76
N THR A 193 -21.90 -4.59 14.80
CA THR A 193 -21.81 -5.91 14.17
C THR A 193 -20.34 -6.30 14.20
N VAL A 194 -20.08 -7.61 14.05
CA VAL A 194 -18.73 -8.18 14.12
C VAL A 194 -18.61 -9.15 12.96
N GLY A 195 -17.78 -8.84 11.98
CA GLY A 195 -17.76 -9.62 10.74
C GLY A 195 -19.13 -9.69 10.06
N GLY A 196 -19.95 -8.66 10.24
CA GLY A 196 -21.27 -8.59 9.62
C GLY A 196 -22.44 -9.13 10.49
N ILE A 197 -22.09 -9.63 11.66
CA ILE A 197 -22.95 -10.45 12.50
C ILE A 197 -23.34 -9.60 13.72
N PRO A 198 -24.66 -9.51 14.06
CA PRO A 198 -25.11 -8.70 15.19
C PRO A 198 -24.30 -9.00 16.45
N LEU A 199 -23.88 -7.96 17.20
CA LEU A 199 -23.18 -8.15 18.47
C LEU A 199 -23.92 -9.10 19.46
N GLN A 200 -25.24 -8.97 19.51
CA GLN A 200 -26.06 -9.82 20.40
C GLN A 200 -25.73 -11.35 20.29
N GLU A 201 -25.36 -11.82 19.09
CA GLU A 201 -24.97 -13.23 18.92
C GLU A 201 -23.76 -13.57 19.75
N PHE A 202 -22.75 -12.66 19.80
CA PHE A 202 -21.56 -12.85 20.68
C PHE A 202 -21.87 -12.76 22.17
N ILE A 203 -22.81 -11.90 22.51
CA ILE A 203 -23.32 -11.83 23.86
C ILE A 203 -24.04 -13.17 24.21
N ASN A 204 -24.95 -13.60 23.34
CA ASN A 204 -25.61 -14.91 23.57
C ASN A 204 -24.64 -16.11 23.72
N ASN A 205 -23.56 -16.10 22.94
CA ASN A 205 -22.50 -17.13 22.95
C ASN A 205 -21.52 -16.93 24.05
N LYS A 206 -21.83 -16.00 24.94
CA LYS A 206 -20.97 -15.68 26.08
C LYS A 206 -19.53 -15.35 25.69
N LYS A 207 -19.30 -14.74 24.52
CA LYS A 207 -17.94 -14.29 24.20
C LYS A 207 -17.67 -12.89 24.75
N ILE A 208 -18.74 -12.19 25.12
CA ILE A 208 -18.65 -10.86 25.73
C ILE A 208 -19.95 -10.70 26.54
N THR A 209 -19.92 -9.98 27.67
CA THR A 209 -21.16 -9.80 28.46
C THR A 209 -21.71 -8.41 28.26
N ASP A 210 -22.99 -8.24 28.60
CA ASP A 210 -23.65 -6.93 28.61
C ASP A 210 -22.90 -5.91 29.46
N GLU A 211 -22.34 -6.35 30.59
CA GLU A 211 -21.55 -5.48 31.45
C GLU A 211 -20.24 -5.01 30.79
N GLU A 212 -19.55 -5.92 30.09
CA GLU A 212 -18.32 -5.60 29.33
C GLU A 212 -18.55 -4.60 28.24
N VAL A 213 -19.69 -4.72 27.57
CA VAL A 213 -20.08 -3.82 26.47
C VAL A 213 -20.27 -2.49 27.11
N GLU A 214 -20.98 -2.42 28.25
CA GLU A 214 -21.20 -1.13 28.90
C GLU A 214 -19.91 -0.48 29.40
N GLY A 215 -18.98 -1.26 29.97
CA GLY A 215 -17.69 -0.71 30.38
C GLY A 215 -16.91 -0.20 29.16
N ILE A 216 -16.99 -0.93 28.06
CA ILE A 216 -16.45 -0.47 26.77
C ILE A 216 -17.10 0.83 26.25
N PHE A 217 -18.43 0.90 26.27
CA PHE A 217 -19.13 2.18 26.02
C PHE A 217 -18.60 3.34 26.87
N ASP A 218 -18.44 3.13 28.17
CA ASP A 218 -17.93 4.19 29.08
C ASP A 218 -16.48 4.50 28.75
N ARG A 219 -15.68 3.47 28.49
CA ARG A 219 -14.31 3.74 28.00
C ARG A 219 -14.27 4.54 26.70
N THR A 220 -15.12 4.21 25.75
CA THR A 220 -15.23 4.99 24.50
C THR A 220 -15.50 6.49 24.75
N VAL A 221 -16.48 6.79 25.61
CA VAL A 221 -16.76 8.19 26.01
C VAL A 221 -15.63 8.85 26.79
N ASN A 222 -15.01 8.13 27.73
CA ASN A 222 -13.86 8.66 28.51
C ASN A 222 -12.46 8.64 27.81
N THR A 223 -12.41 8.31 26.53
CA THR A 223 -11.12 8.01 25.90
C THR A 223 -10.27 9.27 25.80
N ALA A 224 -10.84 10.38 25.39
CA ALA A 224 -10.00 11.59 25.28
C ALA A 224 -9.45 12.02 26.66
N LEU A 225 -10.31 11.99 27.69
CA LEU A 225 -9.88 12.23 29.08
C LEU A 225 -8.83 11.25 29.57
N GLU A 226 -9.02 9.95 29.26
CA GLU A 226 -8.03 8.94 29.62
C GLU A 226 -6.63 9.31 29.10
N ILE A 227 -6.57 9.66 27.81
CA ILE A 227 -5.31 9.97 27.14
C ILE A 227 -4.82 11.37 27.58
N VAL A 228 -5.71 12.39 27.66
CA VAL A 228 -5.30 13.71 28.23
C VAL A 228 -4.66 13.54 29.61
N ASN A 229 -5.28 12.72 30.45
CA ASN A 229 -4.80 12.51 31.82
C ASN A 229 -3.38 11.92 31.81
N LEU A 230 -3.09 11.00 30.89
CA LEU A 230 -1.75 10.42 30.67
C LEU A 230 -0.75 11.30 29.89
N LEU A 231 -1.24 12.09 28.93
CA LEU A 231 -0.35 12.67 27.90
C LEU A 231 -0.84 14.07 27.45
N ALA A 232 -1.84 14.10 26.56
CA ALA A 232 -2.37 15.32 26.02
C ALA A 232 -3.56 14.90 25.16
N SER A 233 -4.25 15.89 24.61
CA SER A 233 -5.30 15.66 23.63
C SER A 233 -4.77 14.59 22.60
N PRO A 234 -5.56 13.52 22.28
CA PRO A 234 -5.14 12.53 21.23
C PRO A 234 -4.90 13.19 19.84
N TYR A 235 -3.98 12.64 19.06
CA TYR A 235 -3.65 13.20 17.73
C TYR A 235 -3.38 12.20 16.56
N VAL A 236 -2.84 11.03 16.87
CA VAL A 236 -2.59 10.03 15.82
C VAL A 236 -3.88 9.45 15.20
N ALA A 237 -4.74 8.92 16.07
CA ALA A 237 -6.02 8.43 15.55
C ALA A 237 -6.89 9.55 14.93
N PRO A 238 -7.00 10.72 15.63
CA PRO A 238 -7.72 11.82 14.94
C PRO A 238 -7.18 12.14 13.50
N ALA A 239 -5.87 12.32 13.35
CA ALA A 239 -5.28 12.49 12.01
C ALA A 239 -5.64 11.36 11.05
N ALA A 240 -5.48 10.09 11.49
CA ALA A 240 -5.81 8.93 10.62
C ALA A 240 -7.28 9.03 10.14
N ALA A 241 -8.18 9.38 11.05
CA ALA A 241 -9.62 9.49 10.72
C ALA A 241 -9.86 10.55 9.66
N ILE A 242 -9.22 11.70 9.85
CA ILE A 242 -9.38 12.84 8.96
C ILE A 242 -8.84 12.51 7.60
N ILE A 243 -7.69 11.83 7.54
CA ILE A 243 -7.12 11.43 6.22
C ILE A 243 -7.99 10.35 5.53
N GLU A 244 -8.63 9.46 6.30
CA GLU A 244 -9.61 8.53 5.70
C GLU A 244 -10.76 9.30 5.01
N MET A 245 -11.28 10.32 5.68
CA MET A 245 -12.35 11.15 5.11
C MET A 245 -11.82 11.92 3.90
N ALA A 246 -10.63 12.53 4.03
CA ALA A 246 -10.07 13.31 2.89
C ALA A 246 -9.78 12.39 1.71
N GLU A 247 -9.20 11.22 1.98
CA GLU A 247 -8.96 10.27 0.90
C GLU A 247 -10.24 9.80 0.15
N SER A 248 -11.35 9.62 0.88
CA SER A 248 -12.58 9.17 0.23
C SER A 248 -13.04 10.21 -0.79
N TYR A 249 -12.84 11.48 -0.45
CA TYR A 249 -13.17 12.58 -1.34
C TYR A 249 -12.23 12.62 -2.56
N LEU A 250 -10.91 12.65 -2.30
CA LEU A 250 -9.89 12.85 -3.33
C LEU A 250 -9.87 11.69 -4.36
N LYS A 251 -10.19 10.47 -3.90
CA LYS A 251 -10.18 9.28 -4.78
C LYS A 251 -11.57 8.82 -5.16
N ASP A 252 -12.58 9.62 -4.80
CA ASP A 252 -14.01 9.32 -5.08
C ASP A 252 -14.36 7.87 -4.65
N ILE A 253 -14.02 7.52 -3.40
CA ILE A 253 -14.20 6.13 -2.95
C ILE A 253 -15.68 5.87 -2.57
N LYS A 254 -16.42 6.92 -2.14
CA LYS A 254 -17.79 6.75 -1.67
C LYS A 254 -17.93 5.82 -0.48
N LYS A 255 -16.99 5.91 0.46
CA LYS A 255 -17.16 5.23 1.74
C LYS A 255 -18.29 5.87 2.51
N VAL A 256 -18.96 5.04 3.32
CA VAL A 256 -19.95 5.49 4.32
C VAL A 256 -19.17 5.84 5.57
N LEU A 257 -19.23 7.12 5.98
CA LEU A 257 -18.42 7.60 7.11
C LEU A 257 -19.33 8.47 8.00
N VAL A 258 -19.23 8.32 9.31
CA VAL A 258 -20.08 9.12 10.19
C VAL A 258 -19.34 10.43 10.46
N CYS A 259 -19.92 11.53 10.02
CA CYS A 259 -19.29 12.86 10.11
C CYS A 259 -20.34 13.89 10.47
N SER A 260 -19.91 15.09 10.87
CA SER A 260 -20.87 16.13 11.18
C SER A 260 -21.27 16.88 9.90
N THR A 261 -22.57 16.94 9.62
CA THR A 261 -23.04 17.55 8.38
C THR A 261 -24.30 18.40 8.74
N LEU A 262 -24.73 19.30 7.85
CA LEU A 262 -25.94 20.11 8.10
C LEU A 262 -27.19 19.27 8.04
N LEU A 263 -27.91 19.24 9.15
CA LEU A 263 -29.23 18.63 9.26
C LEU A 263 -30.30 19.57 8.74
N GLU A 264 -31.14 18.99 7.90
CA GLU A 264 -32.25 19.65 7.22
C GLU A 264 -33.53 18.85 7.43
N GLY A 265 -33.85 18.55 8.69
CA GLY A 265 -35.05 17.77 9.03
C GLY A 265 -34.78 16.34 9.47
N GLN A 266 -33.60 15.81 9.14
CA GLN A 266 -33.23 14.47 9.63
C GLN A 266 -33.24 14.45 11.14
N TYR A 267 -33.81 13.36 11.68
CA TYR A 267 -33.92 13.17 13.09
C TYR A 267 -34.81 14.25 13.78
N GLY A 268 -35.55 15.04 13.00
CA GLY A 268 -36.40 16.16 13.51
C GLY A 268 -35.63 17.44 13.81
N HIS A 269 -34.45 17.59 13.17
CA HIS A 269 -33.53 18.70 13.46
C HIS A 269 -33.16 19.43 12.18
N SER A 270 -32.98 20.76 12.31
CA SER A 270 -32.76 21.69 11.20
C SER A 270 -31.87 22.82 11.74
N ASN A 271 -31.22 23.53 10.84
CA ASN A 271 -30.35 24.65 11.19
C ASN A 271 -29.25 24.31 12.18
N ILE A 272 -28.71 23.10 12.09
CA ILE A 272 -27.72 22.63 13.05
C ILE A 272 -26.94 21.51 12.36
N PHE A 273 -25.69 21.31 12.74
CA PHE A 273 -24.90 20.17 12.20
C PHE A 273 -24.89 19.07 13.25
N GLY A 274 -24.99 17.82 12.79
CA GLY A 274 -24.94 16.69 13.69
C GLY A 274 -24.24 15.48 13.07
N GLY A 275 -23.70 14.64 13.91
CA GLY A 275 -23.11 13.39 13.45
C GLY A 275 -24.10 12.38 12.87
N THR A 276 -23.81 11.96 11.65
CA THR A 276 -24.63 10.96 11.01
C THR A 276 -23.81 10.26 9.89
N PRO A 277 -24.10 8.95 9.63
CA PRO A 277 -23.48 8.31 8.44
C PRO A 277 -23.77 9.12 7.17
N LEU A 278 -22.76 9.22 6.33
CA LEU A 278 -22.92 9.95 5.11
C LEU A 278 -21.96 9.37 4.08
N VAL A 279 -22.14 9.71 2.81
CA VAL A 279 -21.27 9.20 1.75
C VAL A 279 -20.33 10.27 1.21
N ILE A 280 -19.02 10.00 1.22
CA ILE A 280 -18.06 10.98 0.73
C ILE A 280 -17.48 10.49 -0.58
N GLY A 281 -17.71 11.24 -1.67
CA GLY A 281 -17.28 10.88 -2.98
C GLY A 281 -16.69 12.13 -3.59
N GLY A 282 -16.38 12.05 -4.88
CA GLY A 282 -15.56 13.06 -5.51
C GLY A 282 -16.26 14.40 -5.57
N THR A 283 -17.58 14.39 -5.40
CA THR A 283 -18.28 15.67 -5.34
C THR A 283 -18.50 16.18 -3.94
N GLY A 284 -18.03 15.46 -2.91
CA GLY A 284 -18.22 15.95 -1.55
C GLY A 284 -19.18 15.00 -0.88
N VAL A 285 -20.09 15.54 -0.06
CA VAL A 285 -21.12 14.70 0.56
C VAL A 285 -22.14 14.35 -0.53
N GLU A 286 -22.24 13.06 -0.83
CA GLU A 286 -23.09 12.64 -1.91
C GLU A 286 -24.42 12.18 -1.36
N GLN A 287 -24.45 11.72 -0.12
CA GLN A 287 -25.70 11.29 0.50
C GLN A 287 -25.59 11.55 1.99
N VAL A 288 -26.69 11.92 2.61
CA VAL A 288 -26.78 11.93 4.06
C VAL A 288 -27.74 10.83 4.45
N ILE A 289 -27.25 9.90 5.27
CA ILE A 289 -28.05 8.75 5.64
C ILE A 289 -28.69 8.97 7.02
N GLU A 290 -30.01 8.88 7.06
CA GLU A 290 -30.73 9.03 8.32
C GLU A 290 -31.07 7.68 8.90
N LEU A 291 -30.60 7.42 10.09
CA LEU A 291 -30.83 6.13 10.72
C LEU A 291 -32.26 6.07 11.24
N GLN A 292 -32.88 4.90 11.14
CA GLN A 292 -34.26 4.73 11.59
C GLN A 292 -34.21 4.40 13.08
N LEU A 293 -33.98 5.43 13.89
CA LEU A 293 -33.79 5.23 15.31
C LEU A 293 -35.13 4.94 16.04
N ASN A 294 -35.07 4.22 17.15
CA ASN A 294 -36.23 4.06 17.99
C ASN A 294 -36.46 5.34 18.82
N ALA A 295 -37.46 5.32 19.71
CA ALA A 295 -37.78 6.49 20.56
C ALA A 295 -36.68 6.75 21.53
N GLU A 296 -36.15 5.72 22.19
CA GLU A 296 -35.07 5.97 23.16
C GLU A 296 -33.80 6.52 22.48
N GLU A 297 -33.48 5.99 21.29
CA GLU A 297 -32.31 6.42 20.52
C GLU A 297 -32.50 7.87 20.05
N LYS A 298 -33.70 8.17 19.54
CA LYS A 298 -34.06 9.50 19.10
C LYS A 298 -33.92 10.49 20.23
N THR A 299 -34.24 10.07 21.46
CA THR A 299 -34.06 11.02 22.59
C THR A 299 -32.61 11.24 23.01
N LYS A 300 -31.74 10.23 22.91
CA LYS A 300 -30.31 10.52 23.09
C LYS A 300 -29.77 11.47 21.97
N PHE A 301 -30.29 11.31 20.76
CA PHE A 301 -29.87 12.15 19.63
C PHE A 301 -30.29 13.60 19.91
N ASP A 302 -31.47 13.80 20.50
CA ASP A 302 -31.97 15.14 20.85
C ASP A 302 -31.12 15.78 21.89
N GLU A 303 -30.72 15.03 22.89
CA GLU A 303 -29.83 15.54 23.92
C GLU A 303 -28.45 15.92 23.38
N ALA A 304 -27.92 15.14 22.43
CA ALA A 304 -26.68 15.56 21.74
C ALA A 304 -26.83 16.90 21.00
N VAL A 305 -27.88 17.03 20.17
CA VAL A 305 -28.10 18.24 19.39
C VAL A 305 -28.35 19.49 20.27
N ALA A 306 -29.03 19.26 21.40
CA ALA A 306 -29.41 20.35 22.30
C ALA A 306 -28.16 20.95 22.92
N GLU A 307 -27.16 20.12 23.13
CA GLU A 307 -25.90 20.61 23.65
C GLU A 307 -25.10 21.40 22.58
N THR A 308 -25.12 20.92 21.33
CA THR A 308 -24.59 21.71 20.17
C THR A 308 -25.31 23.09 20.11
N LYS A 309 -26.65 23.06 20.03
CA LYS A 309 -27.48 24.28 20.07
C LYS A 309 -27.10 25.18 21.24
N ARG A 310 -26.94 24.58 22.42
CA ARG A 310 -26.58 25.35 23.60
C ARG A 310 -25.28 26.14 23.40
N MET A 311 -24.23 25.49 22.89
CA MET A 311 -22.94 26.16 22.77
C MET A 311 -22.98 27.17 21.67
N LYS A 312 -23.72 26.88 20.62
CA LYS A 312 -23.86 27.77 19.47
C LYS A 312 -24.51 29.10 19.90
N ALA A 313 -25.36 29.02 20.92
CA ALA A 313 -26.13 30.17 21.43
C ALA A 313 -25.27 31.09 22.28
N LEU A 314 -24.09 30.60 22.67
CA LEU A 314 -23.13 31.41 23.38
C LEU A 314 -22.33 32.28 22.42
N ILE A 315 -22.53 32.05 21.12
CA ILE A 315 -21.86 32.86 20.10
C ILE A 315 -22.74 34.06 19.67
N HIS A 316 -22.18 35.26 19.77
CA HIS A 316 -22.88 36.52 19.43
C HIS A 316 -22.27 37.27 18.25
N THR B 1 8.01 -15.59 10.55
CA THR B 1 9.04 -16.02 9.53
C THR B 1 9.40 -14.86 8.59
N PRO B 2 10.70 -14.63 8.36
CA PRO B 2 11.10 -13.50 7.48
C PRO B 2 10.51 -13.59 6.07
N LYS B 3 10.79 -14.70 5.33
CA LYS B 3 10.14 -14.92 4.01
C LYS B 3 9.28 -16.20 3.91
N PRO B 4 7.96 -16.01 4.05
CA PRO B 4 7.05 -17.17 3.87
C PRO B 4 7.23 -17.87 2.52
N LYS B 5 6.88 -19.13 2.44
CA LYS B 5 6.94 -19.84 1.16
C LYS B 5 5.54 -20.28 0.80
N ILE B 6 5.10 -19.97 -0.40
CA ILE B 6 3.72 -20.25 -0.73
C ILE B 6 3.75 -21.10 -1.97
N VAL B 7 3.15 -22.28 -1.88
CA VAL B 7 3.17 -23.22 -3.00
C VAL B 7 1.80 -23.29 -3.61
N LEU B 8 1.72 -22.92 -4.89
CA LEU B 8 0.48 -22.99 -5.67
C LEU B 8 0.50 -24.34 -6.44
N VAL B 9 -0.26 -25.30 -5.91
CA VAL B 9 -0.44 -26.63 -6.51
C VAL B 9 -1.54 -26.46 -7.57
N GLY B 10 -1.11 -26.21 -8.80
CA GLY B 10 -2.01 -25.80 -9.90
C GLY B 10 -1.61 -24.41 -10.28
N SER B 11 -1.16 -24.30 -11.51
CA SER B 11 -0.69 -23.03 -12.07
C SER B 11 -1.45 -22.72 -13.35
N GLY B 12 -2.77 -22.85 -13.32
CA GLY B 12 -3.63 -22.45 -14.43
C GLY B 12 -4.06 -21.00 -14.30
N MET B 13 -5.32 -20.70 -14.64
CA MET B 13 -5.81 -19.31 -14.63
C MET B 13 -5.75 -18.66 -13.26
N ILE B 14 -6.29 -19.34 -12.25
CA ILE B 14 -6.32 -18.76 -10.90
C ILE B 14 -4.89 -18.63 -10.30
N GLY B 15 -4.06 -19.64 -10.58
CA GLY B 15 -2.68 -19.71 -10.11
C GLY B 15 -1.88 -18.59 -10.67
N GLY B 16 -2.07 -18.27 -11.95
CA GLY B 16 -1.42 -17.12 -12.52
C GLY B 16 -1.70 -15.78 -11.81
N VAL B 17 -2.96 -15.49 -11.57
CA VAL B 17 -3.35 -14.23 -10.89
C VAL B 17 -2.84 -14.26 -9.43
N MET B 18 -2.96 -15.40 -8.76
CA MET B 18 -2.44 -15.54 -7.40
C MET B 18 -0.98 -15.16 -7.31
N ALA B 19 -0.18 -15.66 -8.27
CA ALA B 19 1.25 -15.41 -8.17
C ALA B 19 1.49 -13.92 -8.40
N THR B 20 0.77 -13.32 -9.35
CA THR B 20 0.85 -11.91 -9.63
C THR B 20 0.54 -11.08 -8.36
N LEU B 21 -0.54 -11.43 -7.67
CA LEU B 21 -0.97 -10.70 -6.45
C LEU B 21 -0.05 -10.88 -5.24
N ILE B 22 0.54 -12.06 -5.10
CA ILE B 22 1.58 -12.29 -4.07
C ILE B 22 2.81 -11.40 -4.27
N VAL B 23 3.29 -11.25 -5.54
CA VAL B 23 4.40 -10.36 -5.79
C VAL B 23 4.02 -8.88 -5.50
N GLN B 24 2.83 -8.47 -5.94
CA GLN B 24 2.30 -7.11 -5.72
C GLN B 24 2.34 -6.77 -4.24
N LYS B 25 1.93 -7.72 -3.41
CA LYS B 25 1.84 -7.52 -1.95
C LYS B 25 3.10 -7.97 -1.21
N ASN B 26 4.13 -8.40 -1.96
CA ASN B 26 5.36 -8.89 -1.34
C ASN B 26 5.13 -9.94 -0.25
N LEU B 27 4.17 -10.86 -0.50
CA LEU B 27 3.72 -11.72 0.58
C LEU B 27 4.61 -12.92 0.82
N GLY B 28 5.31 -13.39 -0.22
CA GLY B 28 6.20 -14.54 -0.04
C GLY B 28 6.87 -15.05 -1.29
N ASP B 29 7.87 -15.92 -1.13
CA ASP B 29 8.39 -16.66 -2.28
C ASP B 29 7.23 -17.54 -2.79
N VAL B 30 7.15 -17.68 -4.10
CA VAL B 30 6.08 -18.47 -4.76
C VAL B 30 6.63 -19.64 -5.56
N VAL B 31 6.03 -20.81 -5.41
CA VAL B 31 6.35 -21.95 -6.28
C VAL B 31 5.08 -22.18 -7.10
N MET B 32 5.19 -21.99 -8.40
CA MET B 32 4.06 -22.31 -9.24
C MET B 32 4.24 -23.78 -9.67
N PHE B 33 3.49 -24.67 -9.04
CA PHE B 33 3.56 -26.11 -9.33
C PHE B 33 2.45 -26.54 -10.31
N ASP B 34 2.78 -27.38 -11.29
CA ASP B 34 1.72 -28.04 -12.07
C ASP B 34 2.21 -29.42 -12.60
N VAL B 35 1.31 -30.28 -13.05
CA VAL B 35 1.69 -31.53 -13.76
C VAL B 35 2.10 -31.26 -15.17
N VAL B 36 1.57 -30.18 -15.77
CA VAL B 36 1.99 -29.75 -17.10
C VAL B 36 3.43 -29.26 -17.04
N LYS B 37 4.30 -29.80 -17.91
CA LYS B 37 5.73 -29.46 -17.97
C LYS B 37 5.99 -28.13 -18.64
N ASN B 38 7.00 -27.42 -18.13
CA ASN B 38 7.50 -26.17 -18.73
C ASN B 38 6.61 -24.94 -18.53
N MET B 39 5.31 -25.14 -18.68
CA MET B 39 4.35 -24.07 -18.53
C MET B 39 4.54 -23.24 -17.22
N PRO B 40 4.46 -23.88 -16.02
CA PRO B 40 4.65 -23.09 -14.78
C PRO B 40 6.01 -22.36 -14.72
N GLN B 41 7.07 -22.93 -15.30
CA GLN B 41 8.37 -22.28 -15.39
C GLN B 41 8.32 -21.07 -16.30
N GLY B 42 7.61 -21.16 -17.44
CA GLY B 42 7.42 -19.95 -18.28
C GLY B 42 6.65 -18.84 -17.57
N LYS B 43 5.54 -19.19 -16.93
CA LYS B 43 4.74 -18.20 -16.17
C LYS B 43 5.52 -17.56 -15.02
N ALA B 44 6.30 -18.40 -14.34
CA ALA B 44 7.03 -17.99 -13.16
C ALA B 44 8.11 -16.99 -13.58
N LEU B 45 8.72 -17.22 -14.75
CA LEU B 45 9.72 -16.31 -15.26
C LEU B 45 9.14 -14.92 -15.56
N ASP B 46 8.04 -14.91 -16.32
CA ASP B 46 7.36 -13.66 -16.60
C ASP B 46 7.03 -12.91 -15.26
N THR B 47 6.37 -13.60 -14.33
CA THR B 47 5.89 -12.99 -13.08
C THR B 47 7.07 -12.45 -12.26
N SER B 48 8.20 -13.18 -12.22
CA SER B 48 9.38 -12.77 -11.41
C SER B 48 9.84 -11.35 -11.74
N HIS B 49 9.72 -10.92 -12.99
CA HIS B 49 10.23 -9.62 -13.44
C HIS B 49 9.40 -8.48 -12.84
N SER B 50 8.11 -8.75 -12.57
CA SER B 50 7.22 -7.75 -11.98
C SER B 50 7.67 -7.31 -10.55
N ASN B 51 8.55 -8.09 -9.91
CA ASN B 51 9.13 -7.69 -8.62
C ASN B 51 9.74 -6.30 -8.68
N VAL B 52 10.35 -5.98 -9.82
CA VAL B 52 10.89 -4.65 -10.08
C VAL B 52 9.84 -3.51 -10.00
N MET B 53 8.78 -3.63 -10.81
CA MET B 53 7.71 -2.66 -10.80
C MET B 53 7.01 -2.53 -9.43
N ALA B 54 6.93 -3.65 -8.71
CA ALA B 54 6.24 -3.71 -7.43
C ALA B 54 7.10 -3.34 -6.22
N TYR B 55 8.41 -3.16 -6.41
CA TYR B 55 9.43 -2.94 -5.35
CA TYR B 55 9.26 -2.84 -5.29
C TYR B 55 9.33 -4.05 -4.32
N SER B 56 9.17 -5.27 -4.85
CA SER B 56 9.05 -6.46 -4.04
C SER B 56 10.30 -7.28 -4.13
N ASN B 57 10.39 -8.33 -3.31
CA ASN B 57 11.47 -9.34 -3.46
C ASN B 57 10.95 -10.76 -3.13
N CYS B 58 10.16 -11.30 -4.05
CA CYS B 58 9.60 -12.66 -3.93
C CYS B 58 10.17 -13.47 -5.06
N LYS B 59 10.80 -14.57 -4.74
CA LYS B 59 11.23 -15.55 -5.76
C LYS B 59 9.94 -16.18 -6.33
N VAL B 60 9.88 -16.36 -7.63
CA VAL B 60 8.75 -17.03 -8.27
C VAL B 60 9.38 -18.10 -9.20
N THR B 61 9.14 -19.37 -8.91
CA THR B 61 9.79 -20.41 -9.69
C THR B 61 8.66 -21.32 -10.10
N GLY B 62 8.86 -22.03 -11.21
CA GLY B 62 7.88 -23.02 -11.68
C GLY B 62 8.36 -24.42 -11.29
N SER B 63 7.44 -25.34 -11.06
CA SER B 63 7.86 -26.69 -10.63
C SER B 63 6.93 -27.78 -11.10
N ASN B 64 7.53 -28.93 -11.47
CA ASN B 64 6.75 -30.15 -11.73
C ASN B 64 7.15 -31.23 -10.75
N SER B 65 7.81 -30.83 -9.66
CA SER B 65 8.19 -31.77 -8.62
C SER B 65 7.48 -31.45 -7.34
N TYR B 66 6.83 -32.44 -6.75
CA TYR B 66 6.21 -32.24 -5.44
C TYR B 66 7.21 -32.03 -4.28
N ASP B 67 8.51 -32.27 -4.51
CA ASP B 67 9.52 -31.98 -3.45
C ASP B 67 9.46 -30.51 -3.01
N ASP B 68 9.00 -29.64 -3.93
CA ASP B 68 8.94 -28.20 -3.65
C ASP B 68 7.97 -27.89 -2.54
N LEU B 69 7.21 -28.89 -2.10
CA LEU B 69 6.32 -28.74 -0.94
C LEU B 69 7.05 -28.58 0.38
N LYS B 70 8.28 -29.10 0.47
CA LYS B 70 8.98 -29.05 1.74
C LYS B 70 9.27 -27.58 2.04
N GLY B 71 9.00 -27.21 3.29
CA GLY B 71 9.18 -25.83 3.70
C GLY B 71 7.96 -24.93 3.43
N ALA B 72 6.90 -25.43 2.78
CA ALA B 72 5.77 -24.60 2.46
C ALA B 72 5.11 -24.08 3.74
N ASP B 73 4.92 -22.77 3.82
CA ASP B 73 4.03 -22.19 4.88
C ASP B 73 2.54 -22.23 4.54
N VAL B 74 2.24 -22.08 3.27
CA VAL B 74 0.89 -22.03 2.69
C VAL B 74 0.89 -22.83 1.38
N VAL B 75 -0.13 -23.67 1.23
CA VAL B 75 -0.37 -24.49 0.05
C VAL B 75 -1.79 -24.16 -0.43
N ILE B 76 -1.86 -23.71 -1.69
CA ILE B 76 -3.14 -23.39 -2.33
C ILE B 76 -3.39 -24.38 -3.46
N VAL B 77 -4.48 -25.12 -3.35
CA VAL B 77 -4.77 -26.22 -4.29
C VAL B 77 -5.88 -25.83 -5.25
N THR B 78 -5.50 -25.53 -6.48
CA THR B 78 -6.39 -25.32 -7.64
C THR B 78 -6.29 -26.49 -8.64
N ALA B 79 -5.37 -27.42 -8.42
CA ALA B 79 -5.14 -28.52 -9.36
C ALA B 79 -6.41 -29.36 -9.55
N GLY B 80 -6.77 -29.64 -10.80
CA GLY B 80 -7.89 -30.53 -11.05
C GLY B 80 -8.41 -30.40 -12.46
N PHE B 81 -9.38 -31.26 -12.78
CA PHE B 81 -10.05 -31.24 -14.08
C PHE B 81 -11.17 -30.24 -14.00
N THR B 82 -11.45 -29.59 -15.13
CA THR B 82 -12.64 -28.73 -15.28
C THR B 82 -13.80 -29.40 -16.10
N LYS B 83 -13.46 -30.45 -16.84
CA LYS B 83 -14.48 -31.30 -17.47
C LYS B 83 -13.85 -32.68 -17.67
N ALA B 84 -14.71 -33.70 -17.86
CA ALA B 84 -14.27 -35.08 -18.11
C ALA B 84 -13.62 -35.24 -19.47
N PRO B 85 -12.47 -35.96 -19.53
CA PRO B 85 -11.89 -36.20 -20.87
C PRO B 85 -12.87 -37.02 -21.76
N GLY B 86 -12.96 -36.67 -23.05
CA GLY B 86 -13.92 -37.30 -23.98
C GLY B 86 -15.32 -36.70 -24.06
N LYS B 87 -15.78 -36.05 -22.99
CA LYS B 87 -17.17 -35.52 -22.93
C LYS B 87 -17.39 -34.16 -23.64
N SER B 88 -18.60 -33.95 -24.19
CA SER B 88 -18.97 -32.70 -24.87
C SER B 88 -19.49 -31.72 -23.84
N ASP B 89 -19.53 -30.44 -24.23
CA ASP B 89 -20.22 -29.38 -23.48
C ASP B 89 -21.70 -29.72 -23.17
N LYS B 90 -22.37 -30.47 -24.05
CA LYS B 90 -23.82 -30.78 -23.88
C LYS B 90 -24.10 -31.85 -22.81
N GLU B 91 -23.19 -32.83 -22.75
CA GLU B 91 -23.21 -33.94 -21.78
C GLU B 91 -22.54 -33.60 -20.40
N TRP B 92 -22.14 -32.34 -20.24
CA TRP B 92 -21.70 -31.78 -18.97
C TRP B 92 -22.57 -32.26 -17.79
N ASN B 93 -21.91 -32.91 -16.81
CA ASN B 93 -22.54 -33.39 -15.57
C ASN B 93 -21.55 -33.17 -14.43
N ARG B 94 -21.89 -32.27 -13.51
CA ARG B 94 -21.01 -31.89 -12.38
C ARG B 94 -20.49 -33.08 -11.55
N ASP B 95 -21.37 -34.07 -11.34
CA ASP B 95 -20.98 -35.29 -10.64
C ASP B 95 -19.85 -36.05 -11.31
N ASP B 96 -19.61 -35.83 -12.60
CA ASP B 96 -18.53 -36.53 -13.31
C ASP B 96 -17.13 -36.18 -12.83
N LEU B 97 -16.96 -34.98 -12.24
CA LEU B 97 -15.63 -34.55 -11.75
C LEU B 97 -15.26 -35.19 -10.42
N LEU B 98 -16.25 -35.72 -9.70
CA LEU B 98 -16.04 -36.26 -8.38
C LEU B 98 -14.92 -37.32 -8.28
N PRO B 99 -14.99 -38.41 -9.10
CA PRO B 99 -13.86 -39.37 -8.98
C PRO B 99 -12.55 -38.88 -9.62
N LEU B 100 -12.65 -37.95 -10.59
CA LEU B 100 -11.43 -37.51 -11.23
C LEU B 100 -10.61 -36.55 -10.30
N ASN B 101 -11.30 -35.65 -9.60
CA ASN B 101 -10.59 -34.72 -8.71
C ASN B 101 -10.23 -35.37 -7.39
N ASN B 102 -11.04 -36.34 -6.96
CA ASN B 102 -10.72 -37.18 -5.83
C ASN B 102 -9.33 -37.82 -5.96
N LYS B 103 -9.03 -38.37 -7.15
CA LYS B 103 -7.72 -38.99 -7.36
C LYS B 103 -6.60 -37.93 -7.18
N ILE B 104 -6.83 -36.71 -7.65
CA ILE B 104 -5.85 -35.64 -7.55
C ILE B 104 -5.62 -35.28 -6.08
N MET B 105 -6.69 -35.25 -5.30
CA MET B 105 -6.61 -34.88 -3.87
C MET B 105 -5.83 -35.93 -3.08
N ILE B 106 -6.02 -37.18 -3.48
CA ILE B 106 -5.31 -38.30 -2.86
C ILE B 106 -3.82 -38.15 -3.13
N GLU B 107 -3.45 -37.93 -4.39
CA GLU B 107 -2.05 -37.68 -4.74
C GLU B 107 -1.40 -36.50 -3.94
N ILE B 108 -2.07 -35.36 -3.94
CA ILE B 108 -1.54 -34.15 -3.28
C ILE B 108 -1.47 -34.41 -1.78
N GLY B 109 -2.52 -35.00 -1.22
CA GLY B 109 -2.62 -35.28 0.19
C GLY B 109 -1.50 -36.11 0.77
N GLY B 110 -1.15 -37.21 0.11
CA GLY B 110 0.03 -37.96 0.55
C GLY B 110 1.31 -37.11 0.56
N HIS B 111 1.52 -36.27 -0.45
CA HIS B 111 2.70 -35.41 -0.46
C HIS B 111 2.73 -34.35 0.67
N ILE B 112 1.58 -33.76 0.96
CA ILE B 112 1.48 -32.80 2.07
C ILE B 112 1.81 -33.44 3.41
N LYS B 113 1.21 -34.60 3.70
CA LYS B 113 1.49 -35.37 4.92
C LYS B 113 2.98 -35.64 5.09
N ASN B 114 3.68 -36.00 4.03
CA ASN B 114 5.11 -36.30 4.09
C ASN B 114 6.00 -35.12 4.20
N LEU B 115 5.71 -34.08 3.44
CA LEU B 115 6.63 -32.97 3.21
C LEU B 115 6.28 -31.66 3.93
N CYS B 116 5.00 -31.37 4.14
CA CYS B 116 4.69 -30.09 4.81
C CYS B 116 3.47 -30.25 5.69
N PRO B 117 3.53 -31.18 6.69
CA PRO B 117 2.35 -31.42 7.54
C PRO B 117 1.91 -30.24 8.40
N ASN B 118 2.77 -29.23 8.55
CA ASN B 118 2.42 -28.03 9.32
C ASN B 118 2.01 -26.84 8.46
N ALA B 119 1.89 -27.00 7.12
CA ALA B 119 1.39 -25.92 6.29
C ALA B 119 -0.09 -25.58 6.54
N PHE B 120 -0.44 -24.35 6.25
CA PHE B 120 -1.86 -23.94 6.17
C PHE B 120 -2.37 -24.21 4.73
N ILE B 121 -3.45 -24.98 4.62
CA ILE B 121 -3.97 -25.40 3.32
C ILE B 121 -5.30 -24.71 2.96
N ILE B 122 -5.35 -24.18 1.76
CA ILE B 122 -6.54 -23.60 1.18
C ILE B 122 -6.92 -24.39 -0.10
N VAL B 123 -8.11 -24.97 -0.10
CA VAL B 123 -8.60 -25.75 -1.26
C VAL B 123 -9.59 -24.95 -2.09
N VAL B 124 -9.36 -24.96 -3.40
CA VAL B 124 -10.14 -24.23 -4.38
C VAL B 124 -10.85 -25.21 -5.38
N THR B 125 -10.13 -26.29 -5.73
CA THR B 125 -10.68 -27.36 -6.59
C THR B 125 -12.14 -27.73 -6.33
N ASN B 126 -12.97 -27.66 -7.38
CA ASN B 126 -14.38 -27.95 -7.26
C ASN B 126 -14.67 -29.48 -7.37
N PRO B 127 -15.77 -29.94 -6.74
CA PRO B 127 -16.67 -29.21 -5.85
C PRO B 127 -15.97 -28.99 -4.51
N VAL B 128 -15.75 -27.73 -4.17
CA VAL B 128 -14.78 -27.39 -3.12
C VAL B 128 -15.13 -27.96 -1.75
N ASP B 129 -16.41 -27.97 -1.35
CA ASP B 129 -16.75 -28.39 0.01
C ASP B 129 -16.54 -29.90 0.21
N VAL B 130 -16.63 -30.62 -0.91
CA VAL B 130 -16.19 -32.05 -0.99
C VAL B 130 -14.65 -32.21 -1.06
N MET B 131 -14.01 -31.44 -1.92
CA MET B 131 -12.58 -31.61 -2.20
C MET B 131 -11.76 -31.26 -0.99
N VAL B 132 -12.19 -30.25 -0.25
CA VAL B 132 -11.45 -29.81 0.92
C VAL B 132 -11.49 -30.90 2.00
N GLN B 133 -12.67 -31.49 2.22
CA GLN B 133 -12.78 -32.60 3.16
C GLN B 133 -11.94 -33.80 2.70
N LEU B 134 -11.92 -34.07 1.40
CA LEU B 134 -11.06 -35.17 0.86
C LEU B 134 -9.58 -34.92 1.12
N LEU B 135 -9.12 -33.69 0.85
CA LEU B 135 -7.72 -33.38 1.11
C LEU B 135 -7.39 -33.41 2.62
N PHE B 136 -8.28 -32.91 3.46
CA PHE B 136 -8.17 -33.00 4.91
C PHE B 136 -7.92 -34.47 5.33
N GLU B 137 -8.81 -35.38 4.87
CA GLU B 137 -8.66 -36.83 5.13
C GLU B 137 -7.31 -37.38 4.63
N HIS B 138 -6.96 -37.14 3.38
CA HIS B 138 -5.73 -37.73 2.82
C HIS B 138 -4.42 -37.07 3.27
N SER B 139 -4.48 -35.78 3.61
CA SER B 139 -3.30 -35.05 4.10
C SER B 139 -3.05 -35.31 5.59
N GLY B 140 -4.09 -35.59 6.36
CA GLY B 140 -3.95 -35.72 7.81
C GLY B 140 -3.63 -34.42 8.58
N VAL B 141 -3.73 -33.25 7.94
CA VAL B 141 -3.51 -31.99 8.70
C VAL B 141 -4.60 -31.67 9.75
N PRO B 142 -4.27 -30.88 10.80
CA PRO B 142 -5.31 -30.57 11.77
C PRO B 142 -6.47 -29.78 11.10
N LYS B 143 -7.63 -29.86 11.72
CA LYS B 143 -8.86 -29.20 11.25
C LYS B 143 -8.72 -27.65 11.19
N ASN B 144 -7.89 -27.04 12.05
CA ASN B 144 -7.66 -25.59 12.02
C ASN B 144 -6.68 -25.13 10.93
N LYS B 145 -6.12 -26.08 10.16
CA LYS B 145 -5.10 -25.81 9.16
C LYS B 145 -5.51 -26.03 7.70
N ILE B 146 -6.78 -26.30 7.45
CA ILE B 146 -7.26 -26.46 6.11
C ILE B 146 -8.66 -25.85 5.94
N ILE B 147 -8.83 -25.08 4.88
CA ILE B 147 -10.09 -24.47 4.54
C ILE B 147 -10.36 -24.47 3.04
N GLY B 148 -11.62 -24.26 2.67
CA GLY B 148 -12.00 -24.15 1.30
C GLY B 148 -12.47 -22.75 0.99
N LEU B 149 -12.15 -22.29 -0.21
CA LEU B 149 -12.71 -21.12 -0.84
C LEU B 149 -14.25 -21.30 -1.00
N GLY B 150 -14.98 -20.22 -0.78
CA GLY B 150 -16.42 -20.16 -0.98
C GLY B 150 -16.93 -18.76 -0.67
N GLY B 151 -17.25 -18.53 0.59
CA GLY B 151 -17.97 -17.34 1.00
C GLY B 151 -17.34 -16.00 0.73
N VAL B 152 -15.99 -15.91 0.70
CA VAL B 152 -15.32 -14.64 0.38
C VAL B 152 -15.60 -14.20 -1.03
N LEU B 153 -15.55 -15.16 -1.95
CA LEU B 153 -15.83 -14.95 -3.34
C LEU B 153 -17.33 -14.73 -3.57
N ASP B 154 -18.16 -15.59 -3.00
CA ASP B 154 -19.63 -15.49 -3.18
C ASP B 154 -20.17 -14.16 -2.61
N THR B 155 -19.77 -13.79 -1.40
CA THR B 155 -20.21 -12.50 -0.84
C THR B 155 -19.65 -11.29 -1.57
N SER B 156 -18.50 -11.43 -2.22
CA SER B 156 -17.94 -10.35 -3.02
C SER B 156 -18.87 -9.91 -4.16
N ARG B 157 -19.55 -10.87 -4.83
CA ARG B 157 -20.55 -10.55 -5.84
C ARG B 157 -21.74 -9.83 -5.25
N LEU B 158 -22.29 -10.40 -4.20
CA LEU B 158 -23.44 -9.84 -3.51
C LEU B 158 -23.15 -8.41 -3.00
N LYS B 159 -22.01 -8.27 -2.29
CA LYS B 159 -21.54 -7.00 -1.83
C LYS B 159 -21.42 -5.99 -2.97
N TYR B 160 -20.76 -6.42 -4.03
CA TYR B 160 -20.51 -5.56 -5.15
C TYR B 160 -21.84 -5.11 -5.77
N TYR B 161 -22.73 -6.06 -6.10
CA TYR B 161 -23.97 -5.67 -6.84
C TYR B 161 -24.86 -4.73 -5.98
N ILE B 162 -24.96 -5.01 -4.70
CA ILE B 162 -25.66 -4.09 -3.77
C ILE B 162 -25.02 -2.72 -3.75
N SER B 163 -23.69 -2.67 -3.63
CA SER B 163 -22.98 -1.38 -3.55
C SER B 163 -23.22 -0.54 -4.82
N GLN B 164 -23.29 -1.21 -5.98
CA GLN B 164 -23.53 -0.49 -7.21
C GLN B 164 -24.96 0.09 -7.26
N LYS B 165 -25.95 -0.63 -6.72
CA LYS B 165 -27.31 -0.09 -6.62
C LYS B 165 -27.41 1.09 -5.63
N LEU B 166 -26.68 1.03 -4.50
CA LEU B 166 -26.81 2.03 -3.41
C LEU B 166 -25.80 3.14 -3.55
N ASN B 167 -24.86 2.97 -4.49
CA ASN B 167 -23.81 3.95 -4.76
C ASN B 167 -22.83 4.21 -3.64
N VAL B 168 -22.38 3.12 -3.02
CA VAL B 168 -21.40 3.20 -1.92
C VAL B 168 -20.12 2.38 -2.28
N CYS B 169 -19.08 2.55 -1.48
CA CYS B 169 -17.87 1.74 -1.63
C CYS B 169 -18.23 0.26 -1.55
N PRO B 170 -17.79 -0.60 -2.50
CA PRO B 170 -18.15 -2.05 -2.39
C PRO B 170 -17.87 -2.71 -1.03
N ARG B 171 -16.69 -2.46 -0.44
CA ARG B 171 -16.37 -3.04 0.87
C ARG B 171 -17.24 -2.57 2.02
N ASP B 172 -17.91 -1.43 1.85
CA ASP B 172 -18.88 -0.96 2.89
C ASP B 172 -20.21 -1.74 2.96
N VAL B 173 -20.41 -2.64 2.01
CA VAL B 173 -21.51 -3.63 2.09
C VAL B 173 -20.97 -4.89 2.73
N ASN B 174 -21.60 -5.32 3.81
CA ASN B 174 -21.33 -6.59 4.47
C ASN B 174 -22.49 -7.57 4.28
N ALA B 175 -22.16 -8.84 4.08
CA ALA B 175 -23.13 -9.86 3.70
C ALA B 175 -22.49 -11.20 4.06
N LEU B 176 -23.33 -12.20 4.34
CA LEU B 176 -22.85 -13.56 4.63
C LEU B 176 -23.60 -14.53 3.73
N ILE B 177 -22.84 -15.41 3.07
CA ILE B 177 -23.39 -16.52 2.27
C ILE B 177 -22.70 -17.77 2.81
N VAL B 178 -23.51 -18.73 3.29
CA VAL B 178 -23.06 -19.86 4.09
C VAL B 178 -23.52 -21.24 3.51
N GLY B 179 -23.16 -22.33 4.18
CA GLY B 179 -23.57 -23.71 3.82
C GLY B 179 -22.68 -24.42 2.82
N ALA B 180 -22.68 -23.93 1.58
CA ALA B 180 -21.90 -24.50 0.47
C ALA B 180 -21.70 -23.48 -0.58
N HIS B 181 -20.62 -23.65 -1.35
CA HIS B 181 -20.39 -22.94 -2.60
C HIS B 181 -21.10 -23.75 -3.71
N GLY B 182 -21.82 -23.05 -4.58
CA GLY B 182 -22.57 -23.69 -5.65
C GLY B 182 -24.01 -23.18 -5.62
N ASN B 183 -24.91 -23.85 -6.36
CA ASN B 183 -26.30 -23.33 -6.51
C ASN B 183 -27.14 -23.36 -5.26
N LYS B 184 -26.72 -24.15 -4.28
CA LYS B 184 -27.41 -24.20 -3.02
C LYS B 184 -26.87 -23.24 -1.92
N MET B 185 -26.03 -22.27 -2.31
CA MET B 185 -25.41 -21.32 -1.33
C MET B 185 -26.51 -20.56 -0.62
N VAL B 186 -26.35 -20.40 0.69
CA VAL B 186 -27.39 -19.74 1.48
C VAL B 186 -27.13 -18.22 1.56
N LEU B 187 -27.91 -17.43 0.80
CA LEU B 187 -27.80 -15.96 0.83
C LEU B 187 -28.64 -15.48 1.98
N LEU B 188 -27.99 -14.92 3.01
CA LEU B 188 -28.69 -14.55 4.23
C LEU B 188 -29.15 -13.07 4.26
N LYS B 189 -30.35 -12.79 3.69
CA LYS B 189 -30.87 -11.45 3.56
C LYS B 189 -30.84 -10.64 4.87
N ARG B 190 -31.17 -11.30 5.98
CA ARG B 190 -31.23 -10.70 7.30
C ARG B 190 -29.85 -10.15 7.77
N TYR B 191 -28.78 -10.69 7.21
CA TYR B 191 -27.42 -10.33 7.67
C TYR B 191 -26.70 -9.34 6.71
N ILE B 192 -27.42 -8.63 5.84
CA ILE B 192 -26.75 -7.69 4.97
C ILE B 192 -26.79 -6.32 5.62
N THR B 193 -25.63 -5.64 5.61
CA THR B 193 -25.50 -4.27 6.12
C THR B 193 -24.81 -3.36 5.10
N VAL B 194 -25.02 -2.05 5.24
CA VAL B 194 -24.42 -1.05 4.31
C VAL B 194 -23.92 0.02 5.24
N GLY B 195 -22.60 0.22 5.29
CA GLY B 195 -22.00 1.08 6.31
C GLY B 195 -22.39 0.69 7.74
N GLY B 196 -22.58 -0.61 8.00
CA GLY B 196 -22.98 -1.05 9.36
C GLY B 196 -24.48 -0.99 9.62
N ILE B 197 -25.25 -0.47 8.66
CA ILE B 197 -26.70 -0.23 8.78
C ILE B 197 -27.52 -1.37 8.12
N PRO B 198 -28.56 -1.89 8.80
CA PRO B 198 -29.33 -2.98 8.18
C PRO B 198 -29.80 -2.58 6.81
N LEU B 199 -29.75 -3.53 5.90
CA LEU B 199 -30.18 -3.31 4.55
C LEU B 199 -31.71 -2.95 4.51
N GLN B 200 -32.49 -3.48 5.45
CA GLN B 200 -33.92 -3.15 5.55
C GLN B 200 -34.19 -1.64 5.52
N GLU B 201 -33.31 -0.86 6.18
CA GLU B 201 -33.47 0.59 6.24
C GLU B 201 -33.49 1.24 4.85
N PHE B 202 -32.66 0.69 3.95
CA PHE B 202 -32.47 1.21 2.59
C PHE B 202 -33.66 0.78 1.72
N ILE B 203 -34.21 -0.39 1.99
CA ILE B 203 -35.47 -0.86 1.36
C ILE B 203 -36.65 0.02 1.82
N ASN B 204 -36.80 0.20 3.13
CA ASN B 204 -37.79 1.16 3.66
C ASN B 204 -37.75 2.57 3.10
N ASN B 205 -36.55 3.03 2.71
CA ASN B 205 -36.32 4.40 2.20
C ASN B 205 -36.43 4.41 0.69
N LYS B 206 -36.79 3.27 0.12
CA LYS B 206 -36.96 3.08 -1.32
C LYS B 206 -35.69 3.29 -2.13
N LYS B 207 -34.53 3.08 -1.47
CA LYS B 207 -33.25 3.17 -2.16
C LYS B 207 -33.07 1.88 -3.00
N ILE B 208 -33.74 0.81 -2.60
CA ILE B 208 -33.65 -0.45 -3.32
C ILE B 208 -34.91 -1.20 -2.92
N THR B 209 -35.46 -2.03 -3.81
CA THR B 209 -36.65 -2.82 -3.47
C THR B 209 -36.35 -4.27 -3.14
N ASP B 210 -37.32 -4.92 -2.52
CA ASP B 210 -37.25 -6.35 -2.24
C ASP B 210 -37.04 -7.19 -3.52
N GLU B 211 -37.62 -6.74 -4.63
CA GLU B 211 -37.50 -7.39 -5.93
C GLU B 211 -36.09 -7.22 -6.53
N GLU B 212 -35.57 -5.99 -6.50
CA GLU B 212 -34.13 -5.74 -6.79
C GLU B 212 -33.16 -6.62 -5.97
N VAL B 213 -33.38 -6.73 -4.66
CA VAL B 213 -32.60 -7.61 -3.79
C VAL B 213 -32.69 -9.07 -4.25
N GLU B 214 -33.91 -9.55 -4.59
CA GLU B 214 -34.08 -10.91 -5.11
C GLU B 214 -33.35 -11.15 -6.44
N GLY B 215 -33.40 -10.17 -7.33
CA GLY B 215 -32.74 -10.24 -8.62
C GLY B 215 -31.21 -10.27 -8.41
N ILE B 216 -30.74 -9.54 -7.40
CA ILE B 216 -29.29 -9.54 -7.01
C ILE B 216 -28.89 -10.89 -6.46
N PHE B 217 -29.75 -11.48 -5.62
CA PHE B 217 -29.54 -12.88 -5.16
C PHE B 217 -29.40 -13.87 -6.30
N ASP B 218 -30.33 -13.83 -7.25
CA ASP B 218 -30.24 -14.63 -8.47
C ASP B 218 -28.96 -14.33 -9.22
N ARG B 219 -28.60 -13.05 -9.35
CA ARG B 219 -27.38 -12.72 -10.07
C ARG B 219 -26.14 -13.32 -9.37
N THR B 220 -26.13 -13.25 -8.04
CA THR B 220 -25.00 -13.77 -7.23
C THR B 220 -24.87 -15.30 -7.41
N VAL B 221 -25.98 -16.03 -7.25
CA VAL B 221 -25.93 -17.50 -7.47
C VAL B 221 -25.39 -17.85 -8.85
N ASN B 222 -25.77 -17.06 -9.85
CA ASN B 222 -25.54 -17.41 -11.24
C ASN B 222 -24.38 -16.70 -11.91
N THR B 223 -23.50 -16.12 -11.11
CA THR B 223 -22.39 -15.34 -11.64
C THR B 223 -21.38 -16.07 -12.54
N ALA B 224 -20.88 -17.22 -12.09
CA ALA B 224 -19.93 -18.03 -12.89
C ALA B 224 -20.50 -18.37 -14.30
N LEU B 225 -21.75 -18.83 -14.32
CA LEU B 225 -22.54 -19.06 -15.53
C LEU B 225 -22.67 -17.81 -16.43
N GLU B 226 -23.12 -16.70 -15.85
CA GLU B 226 -23.10 -15.42 -16.55
C GLU B 226 -21.75 -15.13 -17.20
N ILE B 227 -20.66 -15.22 -16.42
CA ILE B 227 -19.34 -14.96 -16.95
C ILE B 227 -18.97 -15.98 -18.04
N VAL B 228 -19.21 -17.26 -17.78
CA VAL B 228 -18.95 -18.32 -18.82
C VAL B 228 -19.74 -18.03 -20.13
N ASN B 229 -21.04 -17.76 -20.02
CA ASN B 229 -21.81 -17.34 -21.22
C ASN B 229 -21.22 -16.16 -22.00
N LEU B 230 -20.43 -15.31 -21.31
CA LEU B 230 -19.82 -14.16 -21.94
C LEU B 230 -18.46 -14.48 -22.51
N LEU B 231 -18.15 -15.77 -22.59
CA LEU B 231 -16.90 -16.25 -23.20
C LEU B 231 -15.64 -15.92 -22.38
N ALA B 232 -15.77 -16.03 -21.05
CA ALA B 232 -14.68 -15.94 -20.05
C ALA B 232 -15.23 -16.95 -19.03
N SER B 233 -15.19 -16.81 -17.70
CA SER B 233 -14.25 -17.38 -16.70
C SER B 233 -13.79 -16.57 -15.52
N PRO B 234 -14.46 -16.79 -14.37
CA PRO B 234 -14.06 -16.25 -13.06
C PRO B 234 -12.72 -16.80 -12.61
N TYR B 235 -11.68 -15.98 -12.77
CA TYR B 235 -10.42 -16.25 -12.06
C TYR B 235 -9.81 -15.06 -11.33
N VAL B 236 -10.15 -13.82 -11.68
CA VAL B 236 -9.50 -12.66 -11.04
C VAL B 236 -10.02 -12.53 -9.62
N ALA B 237 -11.33 -12.49 -9.45
CA ALA B 237 -11.90 -12.41 -8.14
C ALA B 237 -11.66 -13.64 -7.31
N PRO B 238 -11.83 -14.87 -7.89
CA PRO B 238 -11.36 -16.02 -7.07
C PRO B 238 -9.93 -15.85 -6.57
N ALA B 239 -9.00 -15.42 -7.42
CA ALA B 239 -7.61 -15.25 -6.96
C ALA B 239 -7.54 -14.24 -5.82
N ALA B 240 -8.21 -13.08 -6.01
CA ALA B 240 -8.18 -12.05 -4.97
C ALA B 240 -8.71 -12.57 -3.62
N ALA B 241 -9.76 -13.41 -3.64
CA ALA B 241 -10.42 -13.88 -2.43
C ALA B 241 -9.47 -14.82 -1.68
N ILE B 242 -8.79 -15.68 -2.44
CA ILE B 242 -7.86 -16.62 -1.86
C ILE B 242 -6.66 -15.90 -1.24
N ILE B 243 -6.12 -14.92 -1.94
CA ILE B 243 -5.02 -14.18 -1.36
C ILE B 243 -5.44 -13.40 -0.12
N GLU B 244 -6.70 -12.92 -0.08
CA GLU B 244 -7.16 -12.29 1.13
C GLU B 244 -7.13 -13.25 2.33
N MET B 245 -7.57 -14.51 2.14
CA MET B 245 -7.50 -15.54 3.15
C MET B 245 -6.06 -15.90 3.60
N ALA B 246 -5.20 -16.17 2.61
CA ALA B 246 -3.80 -16.56 2.84
C ALA B 246 -3.10 -15.39 3.55
N GLU B 247 -3.38 -14.16 3.13
CA GLU B 247 -2.72 -12.98 3.78
C GLU B 247 -3.17 -12.82 5.24
N SER B 248 -4.47 -13.05 5.54
CA SER B 248 -4.99 -12.96 6.93
C SER B 248 -4.23 -13.94 7.87
N TYR B 249 -3.90 -15.12 7.33
CA TYR B 249 -3.02 -16.10 7.99
C TYR B 249 -1.58 -15.62 8.13
N LEU B 250 -0.95 -15.28 7.02
CA LEU B 250 0.48 -14.94 7.00
C LEU B 250 0.79 -13.73 7.84
N LYS B 251 -0.14 -12.77 7.89
CA LYS B 251 0.07 -11.53 8.69
C LYS B 251 -0.67 -11.48 10.02
N ASP B 252 -1.27 -12.61 10.42
CA ASP B 252 -2.07 -12.76 11.63
C ASP B 252 -3.06 -11.58 11.77
N ILE B 253 -3.87 -11.35 10.74
CA ILE B 253 -4.78 -10.20 10.78
C ILE B 253 -6.03 -10.51 11.63
N LYS B 254 -6.45 -11.77 11.64
CA LYS B 254 -7.66 -12.24 12.35
C LYS B 254 -8.92 -11.66 11.76
N LYS B 255 -8.92 -11.53 10.43
CA LYS B 255 -10.13 -11.19 9.70
C LYS B 255 -11.22 -12.26 9.85
N VAL B 256 -12.48 -11.80 9.82
CA VAL B 256 -13.63 -12.67 9.79
C VAL B 256 -13.95 -12.90 8.32
N LEU B 257 -13.82 -14.15 7.88
CA LEU B 257 -13.97 -14.50 6.50
C LEU B 257 -14.80 -15.80 6.40
N VAL B 258 -15.77 -15.85 5.51
CA VAL B 258 -16.60 -17.05 5.34
C VAL B 258 -15.87 -18.04 4.41
N CYS B 259 -15.53 -19.17 5.02
CA CYS B 259 -14.85 -20.26 4.35
C CYS B 259 -15.44 -21.62 4.77
N SER B 260 -15.07 -22.63 4.00
CA SER B 260 -15.49 -23.98 4.24
C SER B 260 -14.54 -24.62 5.25
N THR B 261 -15.15 -25.16 6.28
CA THR B 261 -14.43 -25.64 7.44
C THR B 261 -15.16 -26.88 7.96
N LEU B 262 -14.44 -27.76 8.67
CA LEU B 262 -15.06 -28.93 9.33
C LEU B 262 -16.12 -28.53 10.35
N LEU B 263 -17.34 -29.02 10.13
CA LEU B 263 -18.43 -28.82 11.10
C LEU B 263 -18.41 -29.98 12.07
N GLU B 264 -18.43 -29.65 13.35
CA GLU B 264 -18.45 -30.62 14.43
C GLU B 264 -19.68 -30.35 15.34
N GLY B 265 -20.87 -30.30 14.75
CA GLY B 265 -22.00 -30.02 15.59
C GLY B 265 -22.68 -28.71 15.27
N GLN B 266 -21.92 -27.74 14.74
CA GLN B 266 -22.50 -26.44 14.34
C GLN B 266 -23.62 -26.62 13.33
N TYR B 267 -24.73 -25.90 13.53
CA TYR B 267 -25.89 -25.97 12.61
C TYR B 267 -26.61 -27.35 12.63
N GLY B 268 -26.25 -28.19 13.60
CA GLY B 268 -26.73 -29.56 13.72
C GLY B 268 -26.04 -30.56 12.79
N HIS B 269 -24.89 -30.19 12.21
CA HIS B 269 -24.16 -31.05 11.23
C HIS B 269 -22.77 -31.45 11.72
N SER B 270 -22.38 -32.67 11.40
CA SER B 270 -21.07 -33.21 11.74
C SER B 270 -20.52 -33.96 10.51
N ASN B 271 -19.22 -34.29 10.55
CA ASN B 271 -18.52 -35.08 9.49
C ASN B 271 -18.59 -34.55 8.08
N ILE B 272 -18.61 -33.24 7.96
CA ILE B 272 -18.79 -32.59 6.68
C ILE B 272 -18.18 -31.19 6.81
N PHE B 273 -17.76 -30.62 5.69
CA PHE B 273 -17.32 -29.23 5.66
C PHE B 273 -18.42 -28.40 5.06
N GLY B 274 -18.62 -27.22 5.63
CA GLY B 274 -19.54 -26.25 5.08
C GLY B 274 -19.11 -24.80 5.37
N GLY B 275 -19.57 -23.89 4.52
CA GLY B 275 -19.21 -22.47 4.65
C GLY B 275 -19.87 -21.84 5.88
N THR B 276 -19.05 -21.16 6.67
CA THR B 276 -19.49 -20.42 7.87
C THR B 276 -18.45 -19.35 8.18
N PRO B 277 -18.87 -18.22 8.80
CA PRO B 277 -17.78 -17.28 9.14
C PRO B 277 -16.76 -17.88 10.08
N LEU B 278 -15.51 -17.52 9.85
CA LEU B 278 -14.49 -18.01 10.70
C LEU B 278 -13.42 -16.91 10.83
N VAL B 279 -12.58 -17.02 11.87
CA VAL B 279 -11.44 -16.11 12.05
C VAL B 279 -10.11 -16.76 11.58
N ILE B 280 -9.44 -16.12 10.62
CA ILE B 280 -8.13 -16.57 10.18
C ILE B 280 -7.00 -15.72 10.77
N GLY B 281 -6.24 -16.32 11.69
CA GLY B 281 -5.05 -15.68 12.23
C GLY B 281 -3.81 -16.50 12.02
N GLY B 282 -2.73 -16.08 12.69
CA GLY B 282 -1.40 -16.72 12.57
C GLY B 282 -1.35 -18.21 12.86
N THR B 283 -2.29 -18.72 13.66
CA THR B 283 -2.32 -20.15 13.91
C THR B 283 -3.27 -20.94 13.02
N GLY B 284 -3.91 -20.32 12.03
CA GLY B 284 -4.92 -20.99 11.20
C GLY B 284 -6.30 -20.46 11.58
N VAL B 285 -7.28 -21.35 11.59
CA VAL B 285 -8.67 -21.05 12.00
C VAL B 285 -8.64 -20.91 13.49
N GLU B 286 -8.80 -19.67 13.96
CA GLU B 286 -8.76 -19.41 15.38
C GLU B 286 -10.11 -19.57 16.04
N GLN B 287 -11.19 -19.32 15.28
CA GLN B 287 -12.56 -19.47 15.79
C GLN B 287 -13.41 -19.87 14.63
N VAL B 288 -14.38 -20.74 14.87
CA VAL B 288 -15.43 -21.00 13.90
C VAL B 288 -16.68 -20.35 14.47
N ILE B 289 -17.30 -19.46 13.69
CA ILE B 289 -18.43 -18.73 14.27
C ILE B 289 -19.69 -19.41 13.73
N GLU B 290 -20.50 -19.96 14.63
CA GLU B 290 -21.84 -20.46 14.31
C GLU B 290 -22.91 -19.34 14.38
N LEU B 291 -23.46 -18.97 13.23
CA LEU B 291 -24.56 -18.02 13.12
C LEU B 291 -25.86 -18.52 13.82
N GLN B 292 -26.55 -17.61 14.53
CA GLN B 292 -27.80 -17.99 15.20
C GLN B 292 -28.93 -17.91 14.20
N LEU B 293 -29.00 -18.95 13.37
CA LEU B 293 -29.92 -18.97 12.27
C LEU B 293 -31.32 -19.23 12.81
N ASN B 294 -32.30 -18.67 12.15
CA ASN B 294 -33.69 -18.96 12.49
C ASN B 294 -34.12 -20.24 11.72
N ALA B 295 -35.38 -20.67 11.93
CA ALA B 295 -35.86 -21.94 11.43
C ALA B 295 -35.71 -22.07 9.95
N GLU B 296 -36.16 -21.06 9.23
CA GLU B 296 -36.09 -21.03 7.76
C GLU B 296 -34.68 -20.91 7.18
N GLU B 297 -33.83 -20.13 7.84
CA GLU B 297 -32.42 -20.06 7.43
C GLU B 297 -31.77 -21.43 7.60
N LYS B 298 -32.00 -22.06 8.74
CA LYS B 298 -31.44 -23.38 9.06
C LYS B 298 -31.78 -24.45 8.04
N THR B 299 -33.01 -24.46 7.52
CA THR B 299 -33.37 -25.51 6.57
C THR B 299 -32.75 -25.23 5.21
N LYS B 300 -32.45 -23.97 4.90
CA LYS B 300 -31.62 -23.65 3.73
C LYS B 300 -30.17 -24.18 3.83
N PHE B 301 -29.60 -24.07 5.03
CA PHE B 301 -28.28 -24.60 5.35
C PHE B 301 -28.30 -26.15 5.25
N ASP B 302 -29.31 -26.78 5.85
CA ASP B 302 -29.53 -28.23 5.71
C ASP B 302 -29.54 -28.71 4.27
N GLU B 303 -30.28 -28.01 3.43
CA GLU B 303 -30.29 -28.35 2.02
C GLU B 303 -28.92 -28.15 1.34
N ALA B 304 -28.11 -27.18 1.80
CA ALA B 304 -26.77 -27.00 1.20
C ALA B 304 -25.82 -28.12 1.60
N VAL B 305 -25.84 -28.50 2.88
CA VAL B 305 -24.99 -29.56 3.37
C VAL B 305 -25.47 -30.91 2.81
N ALA B 306 -26.79 -31.06 2.72
CA ALA B 306 -27.37 -32.27 2.12
C ALA B 306 -26.73 -32.53 0.77
N GLU B 307 -26.57 -31.49 -0.05
CA GLU B 307 -26.01 -31.60 -1.38
C GLU B 307 -24.53 -31.96 -1.40
N THR B 308 -23.76 -31.36 -0.49
CA THR B 308 -22.35 -31.74 -0.23
C THR B 308 -22.26 -33.23 0.22
N LYS B 309 -23.13 -33.64 1.15
CA LYS B 309 -23.18 -35.04 1.57
C LYS B 309 -23.48 -35.96 0.37
N ARG B 310 -24.44 -35.55 -0.48
CA ARG B 310 -24.79 -36.35 -1.66
C ARG B 310 -23.56 -36.60 -2.56
N MET B 311 -22.82 -35.55 -2.88
CA MET B 311 -21.63 -35.71 -3.71
C MET B 311 -20.52 -36.49 -3.03
N LYS B 312 -20.37 -36.29 -1.71
CA LYS B 312 -19.39 -37.05 -0.98
C LYS B 312 -19.73 -38.56 -1.04
N ALA B 313 -21.01 -38.90 -0.87
CA ALA B 313 -21.45 -40.32 -0.91
C ALA B 313 -20.99 -41.04 -2.19
N LEU B 314 -21.06 -40.32 -3.32
CA LEU B 314 -20.53 -40.80 -4.61
C LEU B 314 -19.09 -41.34 -4.63
N ILE B 315 -18.26 -40.94 -3.67
CA ILE B 315 -16.83 -41.24 -3.70
C ILE B 315 -16.47 -42.64 -3.22
N THR C 1 1.95 -14.67 11.52
CA THR C 1 2.62 -15.96 11.84
C THR C 1 4.08 -15.74 12.26
N PRO C 2 4.31 -15.72 13.58
CA PRO C 2 3.30 -15.26 14.51
C PRO C 2 3.60 -13.81 14.86
N LYS C 3 3.22 -12.86 13.99
CA LYS C 3 3.29 -11.39 14.23
C LYS C 3 4.59 -10.97 14.97
N PRO C 4 5.49 -10.27 14.25
CA PRO C 4 6.73 -9.74 14.87
C PRO C 4 6.42 -8.82 16.07
N LYS C 5 7.30 -8.85 17.06
CA LYS C 5 7.28 -7.92 18.20
C LYS C 5 8.42 -6.88 18.02
N ILE C 6 8.04 -5.61 18.00
CA ILE C 6 8.98 -4.50 17.83
C ILE C 6 8.91 -3.64 19.08
N VAL C 7 10.05 -3.41 19.69
CA VAL C 7 10.09 -2.63 20.92
C VAL C 7 10.87 -1.39 20.60
N LEU C 8 10.23 -0.26 20.82
CA LEU C 8 10.82 1.09 20.68
C LEU C 8 11.35 1.42 22.07
N VAL C 9 12.64 1.28 22.30
CA VAL C 9 13.27 1.73 23.58
C VAL C 9 13.48 3.25 23.45
N GLY C 10 12.55 4.02 23.99
CA GLY C 10 12.45 5.45 23.71
C GLY C 10 11.19 5.74 22.91
N SER C 11 10.27 6.48 23.51
CA SER C 11 8.97 6.76 22.91
C SER C 11 8.74 8.25 22.83
N GLY C 12 9.76 9.00 22.42
CA GLY C 12 9.59 10.45 22.23
C GLY C 12 9.16 10.74 20.80
N MET C 13 9.72 11.79 20.23
CA MET C 13 9.23 12.33 18.93
C MET C 13 9.31 11.27 17.82
N ILE C 14 10.48 10.68 17.74
CA ILE C 14 10.82 9.64 16.78
C ILE C 14 10.03 8.36 17.05
N GLY C 15 10.07 7.85 18.28
CA GLY C 15 9.19 6.78 18.73
C GLY C 15 7.72 6.90 18.38
N GLY C 16 7.16 8.08 18.54
CA GLY C 16 5.76 8.29 18.19
C GLY C 16 5.45 8.03 16.72
N VAL C 17 6.30 8.59 15.84
CA VAL C 17 6.10 8.46 14.39
C VAL C 17 6.37 7.01 13.97
N MET C 18 7.40 6.38 14.54
CA MET C 18 7.66 4.97 14.27
C MET C 18 6.46 4.08 14.57
N ALA C 19 5.79 4.26 15.73
CA ALA C 19 4.65 3.43 16.09
C ALA C 19 3.53 3.66 15.07
N THR C 20 3.34 4.92 14.69
CA THR C 20 2.31 5.29 13.70
C THR C 20 2.53 4.59 12.36
N LEU C 21 3.77 4.59 11.87
CA LEU C 21 4.17 4.00 10.59
C LEU C 21 4.09 2.46 10.64
N ILE C 22 4.46 1.86 11.78
CA ILE C 22 4.28 0.43 12.00
C ILE C 22 2.81 -0.02 11.84
N VAL C 23 1.87 0.74 12.43
CA VAL C 23 0.47 0.39 12.36
C VAL C 23 0.03 0.52 10.88
N GLN C 24 0.43 1.63 10.25
CA GLN C 24 0.05 1.91 8.84
C GLN C 24 0.42 0.74 7.91
N LYS C 25 1.63 0.22 8.12
CA LYS C 25 2.22 -0.83 7.32
C LYS C 25 1.89 -2.20 7.87
N ASN C 26 1.14 -2.27 8.97
CA ASN C 26 0.83 -3.55 9.60
C ASN C 26 2.06 -4.43 9.95
N LEU C 27 3.16 -3.83 10.48
CA LEU C 27 4.44 -4.59 10.55
C LEU C 27 4.67 -5.53 11.73
N GLY C 28 4.03 -5.24 12.86
CA GLY C 28 4.16 -6.04 14.06
C GLY C 28 3.54 -5.39 15.28
N ASP C 29 3.38 -6.16 16.36
CA ASP C 29 2.98 -5.58 17.62
C ASP C 29 4.08 -4.61 18.06
N VAL C 30 3.68 -3.54 18.71
CA VAL C 30 4.61 -2.48 19.12
C VAL C 30 4.56 -2.32 20.64
N VAL C 31 5.72 -2.31 21.30
CA VAL C 31 5.81 -1.86 22.67
C VAL C 31 6.50 -0.49 22.66
N MET C 32 5.83 0.51 23.20
CA MET C 32 6.39 1.84 23.29
C MET C 32 6.94 1.88 24.72
N PHE C 33 8.24 1.71 24.82
CA PHE C 33 8.96 1.76 26.13
C PHE C 33 9.59 3.15 26.35
N ASP C 34 9.48 3.67 27.58
CA ASP C 34 10.18 4.88 27.95
C ASP C 34 10.43 4.88 29.48
N VAL C 35 11.35 5.74 29.92
CA VAL C 35 11.54 5.90 31.36
C VAL C 35 10.53 6.87 31.91
N VAL C 36 9.95 7.71 31.02
CA VAL C 36 8.86 8.62 31.39
C VAL C 36 7.53 7.88 31.65
N LYS C 37 6.95 8.10 32.84
CA LYS C 37 5.71 7.44 33.27
C LYS C 37 4.54 8.00 32.48
N ASN C 38 3.59 7.13 32.13
CA ASN C 38 2.27 7.47 31.54
C ASN C 38 2.31 7.90 30.07
N MET C 39 3.30 8.71 29.73
CA MET C 39 3.51 9.20 28.37
C MET C 39 3.43 8.05 27.30
N PRO C 40 4.29 6.99 27.38
CA PRO C 40 4.14 5.89 26.36
C PRO C 40 2.78 5.24 26.36
N GLN C 41 2.17 5.11 27.54
CA GLN C 41 0.88 4.45 27.64
C GLN C 41 -0.14 5.29 26.88
N GLY C 42 -0.06 6.62 27.04
CA GLY C 42 -1.00 7.54 26.38
C GLY C 42 -0.83 7.51 24.86
N LYS C 43 0.40 7.64 24.39
CA LYS C 43 0.69 7.53 22.92
C LYS C 43 0.28 6.16 22.36
N ALA C 44 0.54 5.07 23.11
CA ALA C 44 0.19 3.74 22.59
C ALA C 44 -1.31 3.59 22.47
N LEU C 45 -2.07 4.16 23.41
CA LEU C 45 -3.55 4.04 23.37
C LEU C 45 -4.15 4.75 22.15
N ASP C 46 -3.76 6.02 21.96
CA ASP C 46 -4.07 6.84 20.78
C ASP C 46 -3.71 6.08 19.49
N THR C 47 -2.47 5.64 19.40
CA THR C 47 -1.96 4.96 18.21
C THR C 47 -2.73 3.66 17.94
N SER C 48 -3.07 2.91 19.00
CA SER C 48 -3.79 1.61 18.83
C SER C 48 -5.10 1.77 18.08
N HIS C 49 -5.81 2.90 18.28
CA HIS C 49 -7.06 3.20 17.54
C HIS C 49 -6.97 3.29 16.00
N SER C 50 -5.82 3.78 15.52
CA SER C 50 -5.55 3.98 14.10
C SER C 50 -5.50 2.63 13.34
N ASN C 51 -5.41 1.51 14.08
CA ASN C 51 -5.51 0.19 13.44
C ASN C 51 -6.80 0.09 12.61
N VAL C 52 -7.89 0.69 13.10
CA VAL C 52 -9.20 0.66 12.35
C VAL C 52 -9.10 1.37 11.01
N MET C 53 -8.66 2.62 11.05
CA MET C 53 -8.45 3.36 9.79
C MET C 53 -7.48 2.66 8.83
N ALA C 54 -6.49 1.96 9.37
CA ALA C 54 -5.43 1.37 8.55
C ALA C 54 -5.74 -0.04 8.04
N TYR C 55 -6.89 -0.61 8.47
CA TYR C 55 -7.21 -2.05 8.29
CA TYR C 55 -7.16 -2.01 8.16
C TYR C 55 -6.05 -2.92 8.76
N SER C 56 -5.44 -2.51 9.86
CA SER C 56 -4.31 -3.25 10.42
C SER C 56 -4.72 -4.01 11.72
N ASN C 57 -3.81 -4.82 12.25
CA ASN C 57 -4.00 -5.50 13.54
C ASN C 57 -2.69 -5.68 14.33
N CYS C 58 -2.17 -4.54 14.81
CA CYS C 58 -0.94 -4.48 15.59
C CYS C 58 -1.36 -4.03 16.96
N LYS C 59 -1.05 -4.80 17.98
CA LYS C 59 -1.17 -4.31 19.38
C LYS C 59 -0.17 -3.19 19.61
N VAL C 60 -0.60 -2.11 20.27
CA VAL C 60 0.35 -1.04 20.60
C VAL C 60 0.15 -0.82 22.06
N THR C 61 1.21 -1.07 22.83
CA THR C 61 1.15 -0.93 24.30
C THR C 61 2.27 -0.03 24.80
N GLY C 62 2.04 0.67 25.90
CA GLY C 62 3.06 1.49 26.54
C GLY C 62 3.71 0.80 27.75
N SER C 63 5.00 1.01 27.96
CA SER C 63 5.70 0.36 29.06
C SER C 63 6.78 1.23 29.71
N ASN C 64 6.92 1.09 31.03
CA ASN C 64 8.04 1.60 31.78
C ASN C 64 8.86 0.47 32.36
N SER C 65 8.63 -0.76 31.92
CA SER C 65 9.43 -1.88 32.36
C SER C 65 10.30 -2.55 31.28
N TYR C 66 11.59 -2.72 31.56
CA TYR C 66 12.48 -3.44 30.64
C TYR C 66 12.11 -4.91 30.36
N ASP C 67 11.41 -5.57 31.29
CA ASP C 67 10.79 -6.90 31.10
C ASP C 67 10.08 -7.10 29.74
N ASP C 68 9.51 -6.01 29.21
CA ASP C 68 8.75 -6.06 27.94
C ASP C 68 9.61 -6.13 26.67
N LEU C 69 10.94 -6.14 26.84
CA LEU C 69 11.88 -6.52 25.81
C LEU C 69 11.87 -8.03 25.49
N LYS C 70 11.39 -8.85 26.44
CA LYS C 70 11.33 -10.30 26.23
C LYS C 70 10.67 -10.69 24.91
N GLY C 71 11.36 -11.48 24.11
CA GLY C 71 10.75 -11.95 22.86
C GLY C 71 10.78 -10.98 21.69
N ALA C 72 11.38 -9.79 21.88
CA ALA C 72 11.40 -8.78 20.79
C ALA C 72 12.13 -9.32 19.57
N ASP C 73 11.57 -9.08 18.38
CA ASP C 73 12.21 -9.42 17.13
C ASP C 73 13.09 -8.28 16.62
N VAL C 74 12.66 -7.05 16.93
CA VAL C 74 13.36 -5.86 16.50
C VAL C 74 13.37 -4.94 17.70
N VAL C 75 14.52 -4.33 17.99
CA VAL C 75 14.56 -3.32 19.07
C VAL C 75 15.14 -2.05 18.46
N ILE C 76 14.45 -0.94 18.64
CA ILE C 76 14.92 0.32 18.07
C ILE C 76 15.18 1.26 19.24
N VAL C 77 16.39 1.79 19.30
CA VAL C 77 16.86 2.57 20.44
C VAL C 77 17.01 4.03 20.08
N THR C 78 16.11 4.87 20.59
CA THR C 78 16.19 6.30 20.47
C THR C 78 16.36 6.98 21.86
N ALA C 79 16.40 6.14 22.91
CA ALA C 79 16.61 6.56 24.29
C ALA C 79 17.89 7.34 24.47
N GLY C 80 17.78 8.48 25.13
CA GLY C 80 18.97 9.17 25.58
C GLY C 80 18.71 10.54 26.19
N PHE C 81 19.82 11.26 26.39
CA PHE C 81 19.90 12.68 26.82
C PHE C 81 19.22 12.90 28.16
N THR C 82 18.19 13.41 27.70
CA THR C 82 17.63 14.09 28.84
C THR C 82 17.89 15.59 28.89
N LYS C 83 17.35 16.24 29.94
CA LYS C 83 17.99 17.45 30.47
C LYS C 83 17.68 17.74 31.95
N ALA C 84 18.46 18.64 32.54
CA ALA C 84 18.36 18.91 33.98
C ALA C 84 18.08 20.39 34.30
N PRO C 85 17.77 20.68 35.57
CA PRO C 85 17.57 22.04 36.05
C PRO C 85 18.89 22.77 36.23
N GLY C 86 19.06 23.89 35.54
CA GLY C 86 20.30 24.66 35.58
C GLY C 86 20.12 26.15 35.32
N LYS C 87 20.54 26.59 34.13
CA LYS C 87 21.17 25.72 33.14
C LYS C 87 20.30 25.53 31.90
N SER C 88 19.43 26.50 31.63
CA SER C 88 18.51 26.42 30.49
C SER C 88 18.28 27.78 29.84
N ASP C 89 17.30 27.85 28.94
CA ASP C 89 16.50 26.70 28.55
C ASP C 89 17.01 26.17 27.20
N LYS C 90 18.31 25.96 27.13
CA LYS C 90 18.95 25.51 25.89
C LYS C 90 20.25 24.79 26.25
N GLU C 91 20.64 24.90 27.52
CA GLU C 91 21.84 24.26 28.03
C GLU C 91 21.71 22.74 27.93
N TRP C 92 22.37 22.16 26.94
CA TRP C 92 22.33 20.71 26.73
C TRP C 92 23.65 20.27 26.08
N ASN C 93 23.82 20.59 24.79
CA ASN C 93 25.08 20.31 24.12
C ASN C 93 25.07 18.93 23.49
N ARG C 94 25.96 18.09 23.98
CA ARG C 94 26.84 17.33 23.13
C ARG C 94 27.96 16.74 23.96
N ASP C 95 29.28 17.22 23.66
CA ASP C 95 30.41 16.63 24.39
C ASP C 95 29.93 16.24 25.78
N ASP C 96 29.26 16.96 26.77
CA ASP C 96 29.06 16.56 28.15
C ASP C 96 28.25 15.27 28.24
N LEU C 97 27.42 14.96 27.22
CA LEU C 97 26.32 13.98 27.26
C LEU C 97 26.80 12.57 26.89
N LEU C 98 28.03 12.49 26.39
CA LEU C 98 28.69 11.22 26.11
C LEU C 98 28.77 10.13 27.22
N PRO C 99 29.28 10.49 28.45
CA PRO C 99 29.12 9.59 29.63
C PRO C 99 27.66 9.29 30.02
N LEU C 100 26.78 10.29 29.94
CA LEU C 100 25.38 10.06 30.21
C LEU C 100 24.75 8.99 29.28
N ASN C 101 24.95 9.13 27.97
CA ASN C 101 24.32 8.23 27.00
C ASN C 101 25.04 6.87 26.94
N ASN C 102 26.37 6.84 27.20
CA ASN C 102 27.12 5.59 27.38
C ASN C 102 26.44 4.76 28.46
N LYS C 103 26.07 5.42 29.55
CA LYS C 103 25.46 4.72 30.68
C LYS C 103 24.03 4.22 30.39
N ILE C 104 23.31 4.90 29.50
CA ILE C 104 22.00 4.41 29.06
C ILE C 104 22.19 3.16 28.17
N MET C 105 23.18 3.18 27.27
CA MET C 105 23.50 2.01 26.44
C MET C 105 23.93 0.76 27.21
N ILE C 106 24.74 0.94 28.27
CA ILE C 106 25.07 -0.17 29.16
C ILE C 106 23.81 -0.75 29.80
N GLU C 107 22.94 0.10 30.32
CA GLU C 107 21.71 -0.38 30.95
C GLU C 107 20.80 -1.15 29.98
N ILE C 108 20.55 -0.56 28.81
CA ILE C 108 19.80 -1.22 27.76
C ILE C 108 20.50 -2.49 27.31
N GLY C 109 21.82 -2.46 27.10
CA GLY C 109 22.57 -3.63 26.61
C GLY C 109 22.42 -4.87 27.49
N GLY C 110 22.55 -4.68 28.80
CA GLY C 110 22.43 -5.82 29.77
C GLY C 110 21.04 -6.45 29.68
N HIS C 111 20.01 -5.60 29.56
CA HIS C 111 18.64 -6.10 29.36
C HIS C 111 18.39 -6.82 28.04
N ILE C 112 18.99 -6.36 26.94
CA ILE C 112 18.88 -7.06 25.65
C ILE C 112 19.54 -8.45 25.76
N LYS C 113 20.75 -8.47 26.33
CA LYS C 113 21.52 -9.70 26.53
C LYS C 113 20.67 -10.75 27.24
N ASN C 114 19.97 -10.32 28.28
CA ASN C 114 19.16 -11.25 29.06
C ASN C 114 17.78 -11.61 28.47
N LEU C 115 17.13 -10.65 27.81
CA LEU C 115 15.72 -10.81 27.47
C LEU C 115 15.43 -11.01 25.99
N CYS C 116 16.31 -10.51 25.11
CA CYS C 116 16.12 -10.68 23.65
C CYS C 116 17.44 -10.71 22.89
N PRO C 117 18.32 -11.67 23.27
CA PRO C 117 19.64 -11.74 22.62
C PRO C 117 19.56 -12.01 21.11
N ASN C 118 18.43 -12.53 20.62
CA ASN C 118 18.24 -12.70 19.17
C ASN C 118 17.54 -11.56 18.39
N ALA C 119 17.38 -10.40 19.02
CA ALA C 119 16.76 -9.28 18.36
C ALA C 119 17.69 -8.68 17.34
N PHE C 120 17.11 -8.10 16.31
CA PHE C 120 17.81 -7.20 15.42
C PHE C 120 17.71 -5.77 16.04
N ILE C 121 18.84 -5.09 16.19
CA ILE C 121 18.88 -3.82 16.95
C ILE C 121 19.16 -2.71 15.99
N ILE C 122 18.41 -1.61 16.09
CA ILE C 122 18.72 -0.41 15.34
C ILE C 122 18.96 0.68 16.33
N VAL C 123 20.16 1.27 16.28
CA VAL C 123 20.50 2.38 17.18
C VAL C 123 20.36 3.70 16.50
N VAL C 124 19.79 4.64 17.25
CA VAL C 124 19.49 5.98 16.77
C VAL C 124 20.12 7.11 17.61
N THR C 125 20.19 6.89 18.92
CA THR C 125 20.76 7.85 19.88
C THR C 125 22.10 8.45 19.41
N ASN C 126 22.20 9.78 19.47
CA ASN C 126 23.40 10.49 18.99
C ASN C 126 24.50 10.59 20.05
N PRO C 127 25.79 10.63 19.62
CA PRO C 127 26.28 10.47 18.26
C PRO C 127 26.21 8.97 17.88
N VAL C 128 25.49 8.68 16.78
CA VAL C 128 25.01 7.31 16.52
C VAL C 128 26.15 6.33 16.28
N ASP C 129 27.19 6.79 15.59
CA ASP C 129 28.31 5.93 15.20
C ASP C 129 29.14 5.48 16.41
N VAL C 130 29.15 6.32 17.46
CA VAL C 130 29.65 5.97 18.81
C VAL C 130 28.68 5.04 19.60
N MET C 131 27.42 5.49 19.78
CA MET C 131 26.40 4.78 20.58
C MET C 131 26.09 3.37 20.07
N VAL C 132 26.07 3.17 18.76
CA VAL C 132 25.78 1.81 18.22
C VAL C 132 26.86 0.82 18.71
N GLN C 133 28.15 1.22 18.63
CA GLN C 133 29.25 0.35 19.06
C GLN C 133 29.19 0.07 20.55
N LEU C 134 28.82 1.09 21.33
CA LEU C 134 28.62 0.91 22.76
C LEU C 134 27.56 -0.12 23.08
N LEU C 135 26.38 -0.03 22.43
CA LEU C 135 25.34 -1.05 22.54
C LEU C 135 25.76 -2.42 22.08
N PHE C 136 26.41 -2.52 20.92
CA PHE C 136 27.02 -3.78 20.45
C PHE C 136 27.87 -4.45 21.57
N GLU C 137 28.85 -3.71 22.09
CA GLU C 137 29.68 -4.14 23.25
C GLU C 137 28.91 -4.68 24.44
N HIS C 138 27.88 -3.96 24.89
CA HIS C 138 27.21 -4.31 26.14
C HIS C 138 26.02 -5.26 25.97
N SER C 139 25.46 -5.34 24.76
CA SER C 139 24.38 -6.30 24.47
C SER C 139 24.88 -7.69 24.15
N GLY C 140 26.09 -7.77 23.61
CA GLY C 140 26.65 -9.03 23.14
C GLY C 140 26.09 -9.65 21.87
N VAL C 141 25.22 -8.94 21.14
CA VAL C 141 24.64 -9.48 19.89
C VAL C 141 25.72 -9.65 18.79
N PRO C 142 25.50 -10.55 17.81
CA PRO C 142 26.44 -10.68 16.68
C PRO C 142 26.50 -9.37 15.86
N LYS C 143 27.65 -9.10 15.23
CA LYS C 143 27.88 -7.85 14.51
C LYS C 143 26.88 -7.65 13.37
N ASN C 144 26.29 -8.74 12.87
CA ASN C 144 25.29 -8.68 11.76
C ASN C 144 23.85 -8.43 12.25
N LYS C 145 23.68 -8.22 13.56
CA LYS C 145 22.36 -8.01 14.20
C LYS C 145 22.19 -6.61 14.84
N ILE C 146 23.17 -5.75 14.61
CA ILE C 146 23.12 -4.37 15.14
C ILE C 146 23.69 -3.34 14.16
N ILE C 147 22.91 -2.30 13.89
CA ILE C 147 23.31 -1.22 12.98
C ILE C 147 22.84 0.12 13.52
N GLY C 148 23.40 1.20 12.98
CA GLY C 148 22.98 2.53 13.37
C GLY C 148 22.36 3.25 12.21
N LEU C 149 21.34 4.05 12.51
CA LEU C 149 20.81 5.02 11.56
C LEU C 149 21.88 6.05 11.09
N GLY C 150 22.01 6.26 9.78
CA GLY C 150 22.56 7.55 9.32
C GLY C 150 22.36 7.77 7.85
N GLY C 151 23.00 6.93 7.03
CA GLY C 151 22.99 7.09 5.56
C GLY C 151 21.62 7.15 4.90
N VAL C 152 20.67 6.34 5.35
CA VAL C 152 19.33 6.33 4.75
C VAL C 152 18.72 7.73 4.90
N LEU C 153 18.89 8.31 6.11
CA LEU C 153 18.34 9.62 6.40
C LEU C 153 19.16 10.75 5.70
N ASP C 154 20.49 10.68 5.80
CA ASP C 154 21.34 11.75 5.25
C ASP C 154 21.19 11.81 3.72
N THR C 155 21.15 10.64 3.07
CA THR C 155 20.98 10.60 1.60
C THR C 155 19.59 10.99 1.21
N SER C 156 18.58 10.76 2.04
CA SER C 156 17.23 11.23 1.71
C SER C 156 17.15 12.73 1.48
N ARG C 157 17.90 13.51 2.26
CA ARG C 157 17.96 14.98 2.05
C ARG C 157 18.60 15.32 0.72
N LEU C 158 19.76 14.72 0.45
CA LEU C 158 20.49 14.97 -0.81
C LEU C 158 19.68 14.55 -2.04
N LYS C 159 19.17 13.31 -1.99
CA LYS C 159 18.21 12.83 -2.99
C LYS C 159 17.07 13.82 -3.18
N TYR C 160 16.45 14.21 -2.05
CA TYR C 160 15.32 15.15 -2.12
C TYR C 160 15.63 16.51 -2.77
N TYR C 161 16.68 17.17 -2.27
CA TYR C 161 17.08 18.48 -2.80
C TYR C 161 17.44 18.47 -4.33
N ILE C 162 18.18 17.44 -4.79
CA ILE C 162 18.44 17.27 -6.23
C ILE C 162 17.18 17.06 -7.06
N SER C 163 16.29 16.17 -6.59
CA SER C 163 15.07 15.83 -7.34
C SER C 163 14.25 17.07 -7.53
N GLN C 164 14.27 17.98 -6.56
CA GLN C 164 13.48 19.20 -6.69
C GLN C 164 14.10 20.19 -7.71
N LYS C 165 15.42 20.31 -7.69
CA LYS C 165 16.13 21.09 -8.76
C LYS C 165 15.92 20.50 -10.16
N LEU C 166 15.95 19.17 -10.28
CA LEU C 166 15.81 18.51 -11.59
C LEU C 166 14.41 18.15 -11.96
N ASN C 167 13.44 18.34 -11.02
CA ASN C 167 12.00 18.05 -11.28
C ASN C 167 11.72 16.59 -11.64
N VAL C 168 12.32 15.68 -10.86
CA VAL C 168 12.04 14.25 -10.96
C VAL C 168 11.52 13.70 -9.59
N CYS C 169 10.98 12.49 -9.62
CA CYS C 169 10.59 11.75 -8.44
C CYS C 169 11.76 11.64 -7.48
N PRO C 170 11.58 12.06 -6.18
CA PRO C 170 12.70 11.99 -5.19
C PRO C 170 13.45 10.67 -5.11
N ARG C 171 12.76 9.53 -5.11
CA ARG C 171 13.49 8.26 -5.05
C ARG C 171 14.23 7.88 -6.33
N ASP C 172 13.96 8.58 -7.42
CA ASP C 172 14.76 8.42 -8.65
C ASP C 172 16.16 9.02 -8.63
N VAL C 173 16.47 9.77 -7.58
CA VAL C 173 17.86 10.22 -7.32
C VAL C 173 18.43 9.19 -6.37
N ASN C 174 19.66 8.72 -6.69
CA ASN C 174 20.44 7.87 -5.84
C ASN C 174 21.76 8.56 -5.50
N ALA C 175 22.26 8.30 -4.29
CA ALA C 175 23.38 9.02 -3.71
C ALA C 175 23.88 8.17 -2.57
N LEU C 176 25.19 8.28 -2.32
CA LEU C 176 25.80 7.66 -1.17
C LEU C 176 26.47 8.73 -0.32
N ILE C 177 26.24 8.63 0.98
CA ILE C 177 26.88 9.44 2.01
C ILE C 177 27.40 8.45 3.04
N VAL C 178 28.72 8.52 3.32
CA VAL C 178 29.37 7.48 4.12
C VAL C 178 30.23 8.01 5.29
N GLY C 179 30.92 7.12 6.00
CA GLY C 179 31.81 7.54 7.13
C GLY C 179 31.15 7.64 8.49
N ALA C 180 30.28 8.65 8.64
CA ALA C 180 29.55 8.90 9.89
C ALA C 180 28.33 9.71 9.60
N HIS C 181 27.38 9.66 10.54
CA HIS C 181 26.29 10.64 10.62
C HIS C 181 26.87 11.91 11.31
N GLY C 182 26.45 13.09 10.95
CA GLY C 182 27.05 14.26 11.61
C GLY C 182 27.83 15.18 10.65
N ASN C 183 28.47 16.20 11.21
CA ASN C 183 29.14 17.22 10.38
C ASN C 183 30.25 16.72 9.43
N LYS C 184 30.86 15.58 9.74
CA LYS C 184 31.91 14.96 8.90
C LYS C 184 31.40 13.90 7.92
N MET C 185 30.08 13.80 7.76
CA MET C 185 29.53 12.86 6.78
C MET C 185 30.16 13.07 5.38
N VAL C 186 30.45 11.99 4.71
CA VAL C 186 31.12 12.07 3.43
C VAL C 186 30.16 12.02 2.21
N LEU C 187 29.92 13.19 1.59
CA LEU C 187 29.07 13.31 0.41
C LEU C 187 29.89 13.03 -0.83
N LEU C 188 29.53 11.97 -1.51
CA LEU C 188 30.27 11.47 -2.66
C LEU C 188 29.66 11.91 -3.98
N LYS C 189 30.12 13.06 -4.50
CA LYS C 189 29.58 13.67 -5.73
C LYS C 189 29.60 12.69 -6.91
N ARG C 190 30.68 11.93 -6.96
CA ARG C 190 30.92 10.86 -7.94
C ARG C 190 29.78 9.83 -8.04
N TYR C 191 29.21 9.46 -6.88
CA TYR C 191 28.17 8.42 -6.77
C TYR C 191 26.68 8.89 -6.84
N ILE C 192 26.42 10.06 -7.40
CA ILE C 192 25.07 10.57 -7.55
C ILE C 192 24.48 10.26 -8.93
N THR C 193 23.32 9.61 -8.95
CA THR C 193 22.68 9.28 -10.21
C THR C 193 21.23 9.77 -10.16
N VAL C 194 20.65 9.95 -11.34
CA VAL C 194 19.30 10.47 -11.50
C VAL C 194 18.65 9.63 -12.59
N GLY C 195 17.70 8.77 -12.21
CA GLY C 195 17.18 7.77 -13.13
C GLY C 195 18.27 6.85 -13.66
N GLY C 196 19.26 6.56 -12.82
CA GLY C 196 20.36 5.68 -13.16
C GLY C 196 21.48 6.36 -13.96
N ILE C 197 21.29 7.63 -14.31
CA ILE C 197 22.24 8.43 -15.11
C ILE C 197 23.18 9.25 -14.21
N PRO C 198 24.53 9.26 -14.49
CA PRO C 198 25.40 10.09 -13.62
C PRO C 198 24.96 11.54 -13.55
N LEU C 199 25.07 12.13 -12.37
CA LEU C 199 24.72 13.54 -12.17
C LEU C 199 25.49 14.47 -13.12
N GLN C 200 26.74 14.11 -13.42
CA GLN C 200 27.63 14.93 -14.30
C GLN C 200 26.99 15.20 -15.67
N GLU C 201 26.09 14.32 -16.13
CA GLU C 201 25.38 14.54 -17.40
C GLU C 201 24.39 15.70 -17.28
N PHE C 202 23.74 15.83 -16.12
CA PHE C 202 22.83 16.97 -15.89
C PHE C 202 23.64 18.27 -15.68
N ILE C 203 24.84 18.18 -15.10
CA ILE C 203 25.74 19.35 -15.01
C ILE C 203 26.24 19.81 -16.42
N ASN C 204 26.64 18.85 -17.27
CA ASN C 204 27.04 19.15 -18.67
C ASN C 204 25.92 19.74 -19.48
N ASN C 205 24.69 19.35 -19.18
CA ASN C 205 23.49 19.87 -19.80
C ASN C 205 22.95 21.21 -19.25
N LYS C 206 23.70 21.81 -18.31
CA LYS C 206 23.26 23.04 -17.64
C LYS C 206 21.82 22.94 -17.12
N LYS C 207 21.48 21.76 -16.58
CA LYS C 207 20.21 21.54 -15.84
C LYS C 207 20.39 21.90 -14.38
N ILE C 208 21.64 21.84 -13.95
CA ILE C 208 22.07 22.14 -12.58
C ILE C 208 23.57 22.48 -12.64
N THR C 209 24.00 23.47 -11.87
CA THR C 209 25.42 23.86 -11.89
C THR C 209 26.21 23.18 -10.78
N ASP C 210 27.52 23.24 -10.88
CA ASP C 210 28.40 22.77 -9.80
C ASP C 210 28.22 23.58 -8.51
N GLU C 211 27.86 24.87 -8.65
CA GLU C 211 27.62 25.79 -7.53
C GLU C 211 26.30 25.41 -6.86
N GLU C 212 25.32 25.04 -7.69
CA GLU C 212 24.03 24.59 -7.19
C GLU C 212 24.13 23.26 -6.44
N VAL C 213 25.02 22.38 -6.91
CA VAL C 213 25.29 21.08 -6.25
C VAL C 213 25.99 21.27 -4.90
N GLU C 214 26.99 22.18 -4.86
CA GLU C 214 27.68 22.45 -3.62
C GLU C 214 26.75 23.17 -2.61
N GLY C 215 25.88 24.04 -3.11
CA GLY C 215 24.78 24.57 -2.32
C GLY C 215 23.96 23.46 -1.65
N ILE C 216 23.63 22.43 -2.44
CA ILE C 216 22.83 21.31 -1.96
C ILE C 216 23.60 20.46 -0.98
N PHE C 217 24.87 20.23 -1.23
CA PHE C 217 25.78 19.56 -0.29
C PHE C 217 25.85 20.17 1.09
N ASP C 218 26.11 21.48 1.16
CA ASP C 218 26.07 22.21 2.42
C ASP C 218 24.68 22.18 3.03
N ARG C 219 23.61 22.39 2.24
CA ARG C 219 22.27 22.24 2.82
C ARG C 219 22.01 20.86 3.45
N THR C 220 22.45 19.79 2.77
CA THR C 220 22.37 18.41 3.30
C THR C 220 23.09 18.24 4.65
N VAL C 221 24.39 18.63 4.69
CA VAL C 221 25.16 18.63 5.94
C VAL C 221 24.44 19.37 7.05
N ASN C 222 23.87 20.52 6.71
CA ASN C 222 23.33 21.44 7.70
C ASN C 222 21.81 21.34 7.98
N THR C 223 21.19 20.25 7.47
CA THR C 223 19.74 20.13 7.51
C THR C 223 19.20 20.03 8.95
N ALA C 224 19.81 19.18 9.77
CA ALA C 224 19.41 19.06 11.17
C ALA C 224 19.34 20.46 11.78
N LEU C 225 20.40 21.24 11.59
CA LEU C 225 20.49 22.60 12.19
C LEU C 225 19.39 23.51 11.68
N GLU C 226 19.18 23.47 10.37
CA GLU C 226 18.15 24.25 9.69
C GLU C 226 16.76 23.99 10.26
N ILE C 227 16.44 22.70 10.45
CA ILE C 227 15.16 22.31 11.07
C ILE C 227 15.11 22.65 12.57
N VAL C 228 16.19 22.41 13.31
CA VAL C 228 16.24 22.80 14.72
C VAL C 228 15.96 24.30 14.89
N ASN C 229 16.60 25.14 14.09
CA ASN C 229 16.34 26.58 14.09
C ASN C 229 14.93 27.03 13.67
N LEU C 230 14.25 26.25 12.84
CA LEU C 230 12.84 26.55 12.59
C LEU C 230 11.92 25.96 13.68
N LEU C 231 12.36 24.88 14.35
CA LEU C 231 11.51 23.99 15.18
CA LEU C 231 11.54 24.18 15.33
C LEU C 231 12.32 23.31 16.29
N ALA C 232 12.85 22.15 15.87
CA ALA C 232 13.47 21.23 16.80
C ALA C 232 14.13 20.06 16.02
N SER C 233 14.78 19.17 16.75
CA SER C 233 15.48 18.02 16.18
C SER C 233 14.40 17.33 15.29
N PRO C 234 14.70 17.10 13.98
CA PRO C 234 13.82 16.40 13.02
C PRO C 234 13.40 15.00 13.50
N TYR C 235 12.21 14.55 13.11
CA TYR C 235 11.71 13.26 13.61
C TYR C 235 10.83 12.44 12.65
N VAL C 236 10.17 13.09 11.70
CA VAL C 236 9.33 12.41 10.67
C VAL C 236 10.21 11.62 9.72
N ALA C 237 11.17 12.27 9.06
CA ALA C 237 12.09 11.56 8.16
C ALA C 237 13.00 10.52 8.86
N PRO C 238 13.58 10.87 10.01
CA PRO C 238 14.34 9.84 10.72
C PRO C 238 13.46 8.58 10.99
N ALA C 239 12.22 8.76 11.46
CA ALA C 239 11.33 7.61 11.69
C ALA C 239 11.10 6.83 10.40
N ALA C 240 10.80 7.52 9.30
CA ALA C 240 10.60 6.84 8.04
C ALA C 240 11.84 6.01 7.62
N ALA C 241 13.03 6.60 7.71
CA ALA C 241 14.30 5.88 7.39
C ALA C 241 14.48 4.68 8.31
N ILE C 242 14.20 4.85 9.61
CA ILE C 242 14.38 3.70 10.52
C ILE C 242 13.37 2.54 10.18
N ILE C 243 12.12 2.92 9.89
CA ILE C 243 11.10 1.94 9.49
C ILE C 243 11.48 1.28 8.13
N GLU C 244 12.10 2.03 7.22
CA GLU C 244 12.53 1.40 5.97
C GLU C 244 13.59 0.29 6.23
N MET C 245 14.52 0.57 7.13
CA MET C 245 15.55 -0.43 7.60
C MET C 245 14.92 -1.61 8.33
N ALA C 246 14.05 -1.34 9.32
CA ALA C 246 13.38 -2.45 10.02
C ALA C 246 12.50 -3.33 9.12
N GLU C 247 11.78 -2.73 8.18
CA GLU C 247 10.94 -3.47 7.23
C GLU C 247 11.78 -4.38 6.28
N SER C 248 12.93 -3.89 5.82
CA SER C 248 13.84 -4.68 5.00
C SER C 248 14.25 -5.97 5.72
N TYR C 249 14.46 -5.88 7.03
CA TYR C 249 14.74 -7.02 7.88
C TYR C 249 13.53 -7.94 8.06
N LEU C 250 12.40 -7.37 8.52
CA LEU C 250 11.20 -8.13 8.79
C LEU C 250 10.60 -8.80 7.54
N LYS C 251 10.75 -8.18 6.38
CA LYS C 251 10.19 -8.78 5.16
C LYS C 251 11.26 -9.40 4.26
N ASP C 252 12.47 -9.49 4.78
CA ASP C 252 13.62 -10.02 4.00
C ASP C 252 13.67 -9.42 2.58
N ILE C 253 13.77 -8.11 2.48
CA ILE C 253 13.71 -7.45 1.18
C ILE C 253 15.10 -7.35 0.51
N LYS C 254 16.15 -7.34 1.35
CA LYS C 254 17.55 -7.27 0.89
C LYS C 254 17.84 -5.94 0.16
N LYS C 255 17.21 -4.87 0.67
CA LYS C 255 17.54 -3.53 0.23
C LYS C 255 19.02 -3.20 0.55
N VAL C 256 19.65 -2.44 -0.33
CA VAL C 256 20.96 -1.85 -0.06
C VAL C 256 20.64 -0.56 0.61
N LEU C 257 21.13 -0.40 1.84
CA LEU C 257 20.86 0.76 2.67
C LEU C 257 22.14 1.22 3.35
N VAL C 258 22.46 2.51 3.27
CA VAL C 258 23.68 2.96 3.99
C VAL C 258 23.43 3.08 5.48
N CYS C 259 24.11 2.29 6.27
CA CYS C 259 23.95 2.32 7.71
C CYS C 259 25.31 2.17 8.39
N SER C 260 25.33 2.43 9.69
CA SER C 260 26.54 2.24 10.52
C SER C 260 26.71 0.78 10.97
N THR C 261 27.88 0.24 10.66
CA THR C 261 28.16 -1.14 10.92
C THR C 261 29.60 -1.25 11.41
N LEU C 262 29.89 -2.29 12.19
CA LEU C 262 31.27 -2.67 12.56
C LEU C 262 32.20 -2.81 11.32
N LEU C 263 33.25 -1.97 11.29
CA LEU C 263 34.22 -2.05 10.20
C LEU C 263 35.30 -3.04 10.60
N GLU C 264 35.63 -3.99 9.70
CA GLU C 264 36.65 -5.04 9.96
C GLU C 264 37.73 -5.00 8.87
N GLY C 265 38.29 -3.81 8.66
CA GLY C 265 39.32 -3.57 7.66
C GLY C 265 38.86 -2.74 6.50
N GLN C 266 37.54 -2.58 6.34
CA GLN C 266 37.04 -1.83 5.21
C GLN C 266 37.53 -0.41 5.37
N TYR C 267 37.89 0.21 4.27
CA TYR C 267 38.37 1.60 4.27
C TYR C 267 39.64 1.76 5.12
N GLY C 268 40.19 0.64 5.58
CA GLY C 268 41.43 0.65 6.34
C GLY C 268 41.16 0.87 7.81
N HIS C 269 39.92 0.61 8.26
CA HIS C 269 39.56 0.88 9.64
C HIS C 269 39.00 -0.34 10.32
N SER C 270 39.23 -0.43 11.63
CA SER C 270 38.89 -1.57 12.41
C SER C 270 38.49 -1.09 13.78
N ASN C 271 37.80 -1.95 14.54
CA ASN C 271 37.44 -1.66 15.96
C ASN C 271 36.56 -0.41 16.12
N ILE C 272 35.71 -0.15 15.11
CA ILE C 272 34.95 1.10 15.04
C ILE C 272 33.75 0.88 14.10
N PHE C 273 32.63 1.57 14.38
CA PHE C 273 31.49 1.56 13.42
C PHE C 273 31.53 2.78 12.51
N GLY C 274 31.10 2.59 11.26
CA GLY C 274 30.92 3.69 10.34
C GLY C 274 29.90 3.41 9.24
N GLY C 275 29.46 4.46 8.56
CA GLY C 275 28.45 4.39 7.54
C GLY C 275 29.02 3.85 6.25
N THR C 276 28.41 2.76 5.78
CA THR C 276 28.71 2.17 4.46
C THR C 276 27.44 1.48 3.89
N PRO C 277 27.27 1.41 2.55
CA PRO C 277 26.12 0.62 2.05
C PRO C 277 26.23 -0.82 2.56
N LEU C 278 25.09 -1.37 2.96
CA LEU C 278 24.99 -2.75 3.35
C LEU C 278 23.66 -3.32 2.86
N VAL C 279 23.51 -4.63 2.96
CA VAL C 279 22.25 -5.27 2.52
C VAL C 279 21.56 -5.80 3.75
N ILE C 280 20.31 -5.35 3.96
CA ILE C 280 19.53 -5.84 5.08
C ILE C 280 18.48 -6.85 4.66
N GLY C 281 18.63 -8.08 5.13
CA GLY C 281 17.66 -9.14 4.83
C GLY C 281 17.22 -9.83 6.10
N GLY C 282 16.51 -10.96 5.93
CA GLY C 282 15.91 -11.67 7.06
C GLY C 282 16.90 -12.18 8.09
N THR C 283 18.18 -12.29 7.73
CA THR C 283 19.19 -12.70 8.73
C THR C 283 19.95 -11.51 9.37
N GLY C 284 19.70 -10.28 8.92
CA GLY C 284 20.33 -9.11 9.53
C GLY C 284 21.13 -8.48 8.44
N VAL C 285 22.30 -7.97 8.78
CA VAL C 285 23.24 -7.51 7.76
C VAL C 285 23.78 -8.73 6.98
N GLU C 286 23.46 -8.80 5.69
CA GLU C 286 23.85 -9.97 4.90
C GLU C 286 25.12 -9.74 4.11
N GLN C 287 25.42 -8.47 3.83
CA GLN C 287 26.59 -8.04 3.09
C GLN C 287 26.96 -6.64 3.60
N VAL C 288 28.26 -6.41 3.82
CA VAL C 288 28.84 -5.05 3.99
C VAL C 288 29.59 -4.77 2.71
N ILE C 289 29.20 -3.68 2.07
CA ILE C 289 29.73 -3.30 0.77
C ILE C 289 30.73 -2.15 0.95
N GLU C 290 31.97 -2.35 0.46
CA GLU C 290 33.02 -1.30 0.58
C GLU C 290 33.12 -0.57 -0.73
N LEU C 291 32.80 0.71 -0.72
CA LEU C 291 33.02 1.54 -1.91
C LEU C 291 34.50 1.62 -2.25
N GLN C 292 34.79 1.70 -3.55
CA GLN C 292 36.16 1.82 -4.07
C GLN C 292 36.51 3.31 -4.19
N LEU C 293 36.78 3.88 -3.02
CA LEU C 293 37.06 5.31 -2.86
C LEU C 293 38.43 5.67 -3.41
N ASN C 294 38.57 6.82 -4.04
CA ASN C 294 39.89 7.34 -4.41
C ASN C 294 40.62 7.91 -3.15
N ALA C 295 41.88 8.31 -3.29
CA ALA C 295 42.65 8.95 -2.21
C ALA C 295 41.92 10.05 -1.48
N GLU C 296 41.45 11.02 -2.23
CA GLU C 296 40.83 12.20 -1.69
C GLU C 296 39.54 11.82 -0.90
N GLU C 297 38.76 10.88 -1.46
CA GLU C 297 37.56 10.34 -0.79
C GLU C 297 37.93 9.59 0.50
N LYS C 298 39.04 8.84 0.46
CA LYS C 298 39.44 8.08 1.67
C LYS C 298 39.87 8.99 2.80
N THR C 299 40.54 10.11 2.46
CA THR C 299 40.91 11.13 3.44
C THR C 299 39.66 11.69 4.19
N LYS C 300 38.62 12.00 3.44
CA LYS C 300 37.33 12.41 4.04
C LYS C 300 36.73 11.36 4.98
N PHE C 301 36.75 10.08 4.56
CA PHE C 301 36.24 8.95 5.37
C PHE C 301 37.07 8.85 6.68
N ASP C 302 38.40 8.95 6.50
CA ASP C 302 39.35 8.89 7.62
C ASP C 302 38.99 9.96 8.63
N GLU C 303 38.71 11.19 8.16
CA GLU C 303 38.25 12.25 9.04
C GLU C 303 36.93 11.95 9.78
N ALA C 304 36.03 11.23 9.12
CA ALA C 304 34.76 10.90 9.77
C ALA C 304 35.01 9.93 10.91
N VAL C 305 35.77 8.87 10.68
CA VAL C 305 36.06 7.87 11.72
C VAL C 305 36.91 8.43 12.91
N ALA C 306 37.91 9.24 12.55
CA ALA C 306 38.69 10.02 13.52
C ALA C 306 37.77 10.80 14.46
N GLU C 307 36.71 11.42 13.93
CA GLU C 307 35.79 12.19 14.79
C GLU C 307 34.95 11.27 15.71
N THR C 308 34.44 10.17 15.15
CA THR C 308 33.82 9.10 15.96
C THR C 308 34.77 8.61 17.07
N LYS C 309 36.04 8.31 16.72
CA LYS C 309 37.05 7.90 17.74
C LYS C 309 37.27 9.02 18.78
N ARG C 310 37.34 10.27 18.32
CA ARG C 310 37.42 11.40 19.25
C ARG C 310 36.30 11.40 20.30
N MET C 311 35.05 11.34 19.82
CA MET C 311 33.92 11.31 20.71
C MET C 311 33.87 10.05 21.58
N LYS C 312 34.23 8.89 21.03
CA LYS C 312 34.23 7.65 21.79
C LYS C 312 35.21 7.74 22.99
N ALA C 313 36.35 8.42 22.78
CA ALA C 313 37.34 8.63 23.85
C ALA C 313 36.85 9.61 24.91
N LEU C 314 35.72 10.28 24.69
CA LEU C 314 35.19 11.16 25.73
C LEU C 314 34.14 10.54 26.68
N ILE C 315 33.84 9.23 26.53
CA ILE C 315 32.81 8.54 27.39
C ILE C 315 33.19 8.54 28.87
N HIS C 316 34.49 8.71 29.17
CA HIS C 316 34.92 8.86 30.58
C HIS C 316 35.54 10.24 30.92
N HIS C 317 35.18 11.26 30.14
CA HIS C 317 35.75 12.62 30.29
C HIS C 317 35.12 13.42 31.43
N HIS C 318 35.93 14.27 32.10
CA HIS C 318 35.48 15.12 33.22
C HIS C 318 35.94 16.58 33.17
N THR D 1 -9.70 13.31 -9.82
CA THR D 1 -11.13 12.85 -9.75
C THR D 1 -12.09 14.05 -9.74
N PRO D 2 -13.18 14.01 -10.54
CA PRO D 2 -13.71 12.83 -11.20
C PRO D 2 -12.65 11.76 -11.34
N LYS D 3 -13.05 10.56 -10.95
CA LYS D 3 -12.26 9.33 -11.05
C LYS D 3 -11.65 9.32 -12.47
N PRO D 4 -10.34 9.06 -12.61
CA PRO D 4 -9.82 8.92 -13.99
C PRO D 4 -10.52 7.79 -14.78
N LYS D 5 -10.59 7.94 -16.12
CA LYS D 5 -11.12 6.90 -16.99
C LYS D 5 -10.00 6.31 -17.83
N ILE D 6 -9.81 5.01 -17.72
CA ILE D 6 -8.68 4.35 -18.40
C ILE D 6 -9.34 3.37 -19.39
N VAL D 7 -9.06 3.54 -20.67
CA VAL D 7 -9.62 2.62 -21.66
C VAL D 7 -8.54 1.68 -22.16
N LEU D 8 -8.81 0.39 -22.03
CA LEU D 8 -7.89 -0.61 -22.54
C LEU D 8 -8.36 -1.01 -23.94
N VAL D 9 -7.63 -0.55 -24.95
CA VAL D 9 -7.97 -0.88 -26.35
C VAL D 9 -7.20 -2.15 -26.66
N GLY D 10 -7.89 -3.25 -26.44
CA GLY D 10 -7.32 -4.56 -26.48
C GLY D 10 -7.50 -5.12 -25.08
N SER D 11 -8.17 -6.26 -25.01
CA SER D 11 -8.54 -6.91 -23.73
C SER D 11 -8.10 -8.37 -23.72
N GLY D 12 -6.90 -8.62 -24.23
CA GLY D 12 -6.32 -10.00 -24.24
C GLY D 12 -5.58 -10.24 -22.93
N MET D 13 -4.44 -10.93 -23.03
CA MET D 13 -3.67 -11.38 -21.85
C MET D 13 -3.18 -10.18 -21.02
N ILE D 14 -2.54 -9.22 -21.70
CA ILE D 14 -2.03 -8.00 -21.05
C ILE D 14 -3.17 -7.11 -20.52
N GLY D 15 -4.18 -6.85 -21.36
CA GLY D 15 -5.40 -6.15 -20.92
C GLY D 15 -5.98 -6.65 -19.60
N GLY D 16 -6.10 -7.97 -19.47
CA GLY D 16 -6.56 -8.64 -18.25
C GLY D 16 -5.78 -8.31 -16.99
N VAL D 17 -4.44 -8.43 -17.06
CA VAL D 17 -3.56 -8.07 -15.93
C VAL D 17 -3.63 -6.57 -15.59
N MET D 18 -3.64 -5.72 -16.61
CA MET D 18 -3.74 -4.28 -16.41
C MET D 18 -5.02 -3.90 -15.67
N ALA D 19 -6.18 -4.49 -16.06
CA ALA D 19 -7.46 -4.23 -15.37
C ALA D 19 -7.38 -4.67 -13.89
N THR D 20 -6.86 -5.88 -13.68
CA THR D 20 -6.63 -6.38 -12.34
C THR D 20 -5.79 -5.40 -11.48
N LEU D 21 -4.61 -5.02 -11.98
CA LEU D 21 -3.74 -4.07 -11.29
C LEU D 21 -4.34 -2.70 -11.08
N ILE D 22 -5.09 -2.18 -12.07
CA ILE D 22 -5.78 -0.88 -11.91
C ILE D 22 -6.73 -0.94 -10.71
N VAL D 23 -7.42 -2.06 -10.54
CA VAL D 23 -8.34 -2.23 -9.42
C VAL D 23 -7.59 -2.34 -8.07
N GLN D 24 -6.52 -3.15 -8.04
CA GLN D 24 -5.67 -3.28 -6.84
C GLN D 24 -5.23 -1.95 -6.31
N LYS D 25 -4.83 -1.07 -7.25
CA LYS D 25 -4.26 0.28 -6.97
C LYS D 25 -5.34 1.36 -6.94
N ASN D 26 -6.59 0.99 -7.15
CA ASN D 26 -7.68 1.96 -7.15
C ASN D 26 -7.43 3.16 -8.07
N LEU D 27 -6.93 2.87 -9.29
CA LEU D 27 -6.40 3.95 -10.15
C LEU D 27 -7.41 4.70 -11.01
N GLY D 28 -8.49 4.05 -11.39
CA GLY D 28 -9.51 4.73 -12.17
C GLY D 28 -10.55 3.74 -12.66
N ASP D 29 -11.62 4.26 -13.24
CA ASP D 29 -12.63 3.40 -13.91
C ASP D 29 -11.89 2.80 -15.12
N VAL D 30 -12.27 1.56 -15.45
CA VAL D 30 -11.62 0.78 -16.55
C VAL D 30 -12.68 0.41 -17.57
N VAL D 31 -12.40 0.76 -18.83
CA VAL D 31 -13.15 0.18 -19.96
C VAL D 31 -12.25 -0.85 -20.65
N MET D 32 -12.71 -2.10 -20.63
CA MET D 32 -12.07 -3.18 -21.35
C MET D 32 -12.70 -3.25 -22.79
N PHE D 33 -12.01 -2.65 -23.73
CA PHE D 33 -12.41 -2.63 -25.11
C PHE D 33 -11.71 -3.75 -25.88
N ASP D 34 -12.49 -4.46 -26.70
CA ASP D 34 -11.94 -5.38 -27.66
C ASP D 34 -12.86 -5.48 -28.89
N VAL D 35 -12.27 -5.95 -29.98
CA VAL D 35 -13.00 -6.27 -31.20
C VAL D 35 -13.79 -7.56 -31.03
N VAL D 36 -13.32 -8.43 -30.13
CA VAL D 36 -13.98 -9.70 -29.87
C VAL D 36 -15.20 -9.44 -29.01
N LYS D 37 -16.34 -9.96 -29.45
CA LYS D 37 -17.63 -9.70 -28.78
C LYS D 37 -17.75 -10.53 -27.52
N ASN D 38 -18.37 -9.94 -26.48
CA ASN D 38 -18.71 -10.62 -25.23
C ASN D 38 -17.56 -10.95 -24.27
N MET D 39 -16.39 -11.23 -24.82
CA MET D 39 -15.22 -11.59 -24.05
C MET D 39 -14.84 -10.46 -23.07
N PRO D 40 -14.66 -9.20 -23.53
CA PRO D 40 -14.27 -8.13 -22.54
C PRO D 40 -15.33 -7.83 -21.45
N GLN D 41 -16.63 -7.92 -21.80
CA GLN D 41 -17.72 -7.91 -20.82
C GLN D 41 -17.55 -9.00 -19.74
N GLY D 42 -17.13 -10.18 -20.14
CA GLY D 42 -17.00 -11.32 -19.25
C GLY D 42 -15.83 -11.10 -18.29
N LYS D 43 -14.69 -10.72 -18.82
CA LYS D 43 -13.51 -10.35 -18.02
C LYS D 43 -13.75 -9.14 -17.06
N ALA D 44 -14.43 -8.13 -17.58
CA ALA D 44 -14.81 -6.97 -16.81
C ALA D 44 -15.68 -7.34 -15.60
N LEU D 45 -16.73 -8.15 -15.80
CA LEU D 45 -17.56 -8.60 -14.68
C LEU D 45 -16.74 -9.29 -13.58
N ASP D 46 -15.95 -10.31 -13.95
CA ASP D 46 -15.00 -11.01 -13.02
C ASP D 46 -14.13 -9.99 -12.23
N THR D 47 -13.48 -9.09 -12.97
CA THR D 47 -12.54 -8.10 -12.40
C THR D 47 -13.23 -7.15 -11.43
N SER D 48 -14.48 -6.77 -11.76
CA SER D 48 -15.18 -5.79 -10.97
C SER D 48 -15.41 -6.29 -9.54
N HIS D 49 -15.59 -7.60 -9.35
CA HIS D 49 -15.80 -8.19 -8.00
C HIS D 49 -14.58 -8.05 -7.07
N SER D 50 -13.39 -7.94 -7.68
CA SER D 50 -12.11 -7.80 -6.90
C SER D 50 -11.98 -6.42 -6.21
N ASN D 51 -12.83 -5.44 -6.55
CA ASN D 51 -12.98 -4.18 -5.76
C ASN D 51 -13.26 -4.43 -4.30
N VAL D 52 -14.08 -5.44 -3.98
CA VAL D 52 -14.34 -5.78 -2.59
C VAL D 52 -13.02 -6.16 -1.83
N MET D 53 -12.32 -7.19 -2.34
CA MET D 53 -11.09 -7.68 -1.72
C MET D 53 -10.06 -6.56 -1.70
N ALA D 54 -10.07 -5.71 -2.74
CA ALA D 54 -9.06 -4.65 -2.83
C ALA D 54 -9.37 -3.34 -2.01
N TYR D 55 -10.54 -3.23 -1.36
CA TYR D 55 -11.08 -1.95 -0.77
CA TYR D 55 -10.89 -1.97 -0.72
C TYR D 55 -10.98 -0.82 -1.77
N SER D 56 -11.29 -1.13 -3.03
CA SER D 56 -11.23 -0.12 -4.10
C SER D 56 -12.64 0.23 -4.57
N ASN D 57 -12.72 1.22 -5.46
CA ASN D 57 -14.03 1.54 -6.08
C ASN D 57 -13.82 2.07 -7.51
N CYS D 58 -13.40 1.15 -8.38
CA CYS D 58 -13.22 1.32 -9.82
C CYS D 58 -14.32 0.58 -10.59
N LYS D 59 -15.05 1.29 -11.46
CA LYS D 59 -16.00 0.64 -12.35
C LYS D 59 -15.22 -0.11 -13.42
N VAL D 60 -15.56 -1.37 -13.64
CA VAL D 60 -14.88 -2.12 -14.71
C VAL D 60 -15.97 -2.69 -15.66
N THR D 61 -16.01 -2.17 -16.88
CA THR D 61 -16.97 -2.60 -17.89
C THR D 61 -16.23 -3.08 -19.14
N GLY D 62 -16.87 -3.95 -19.92
CA GLY D 62 -16.33 -4.31 -21.23
C GLY D 62 -17.08 -3.64 -22.35
N SER D 63 -16.43 -3.47 -23.50
CA SER D 63 -17.05 -2.74 -24.61
C SER D 63 -16.61 -3.30 -25.95
N ASN D 64 -17.50 -3.21 -26.95
CA ASN D 64 -17.11 -3.52 -28.34
C ASN D 64 -17.32 -2.30 -29.21
N SER D 65 -17.54 -1.15 -28.57
CA SER D 65 -17.77 0.10 -29.28
C SER D 65 -16.73 1.19 -29.01
N TYR D 66 -16.17 1.76 -30.07
CA TYR D 66 -15.20 2.83 -29.93
C TYR D 66 -15.71 4.09 -29.25
N ASP D 67 -17.04 4.25 -29.18
CA ASP D 67 -17.67 5.41 -28.56
C ASP D 67 -17.29 5.52 -27.06
N ASP D 68 -16.97 4.37 -26.48
CA ASP D 68 -16.58 4.31 -25.06
C ASP D 68 -15.19 4.94 -24.80
N LEU D 69 -14.51 5.41 -25.85
CA LEU D 69 -13.26 6.14 -25.73
C LEU D 69 -13.50 7.56 -25.23
N LYS D 70 -14.76 7.97 -25.32
CA LYS D 70 -15.23 9.27 -24.87
C LYS D 70 -14.86 9.58 -23.44
N GLY D 71 -14.05 10.63 -23.30
CA GLY D 71 -13.70 11.15 -22.00
C GLY D 71 -12.56 10.42 -21.34
N ALA D 72 -11.87 9.56 -22.10
CA ALA D 72 -10.71 8.78 -21.61
C ALA D 72 -9.61 9.71 -21.18
N ASP D 73 -9.08 9.50 -19.96
CA ASP D 73 -7.88 10.18 -19.52
C ASP D 73 -6.57 9.55 -20.04
N VAL D 74 -6.59 8.24 -20.18
CA VAL D 74 -5.45 7.42 -20.54
C VAL D 74 -6.01 6.31 -21.43
N VAL D 75 -5.30 6.04 -22.53
CA VAL D 75 -5.67 5.00 -23.45
C VAL D 75 -4.46 4.08 -23.63
N ILE D 76 -4.61 2.78 -23.40
CA ILE D 76 -3.47 1.87 -23.54
C ILE D 76 -3.83 0.95 -24.69
N VAL D 77 -2.98 0.90 -25.69
CA VAL D 77 -3.25 0.10 -26.88
C VAL D 77 -2.37 -1.14 -26.98
N THR D 78 -2.99 -2.29 -26.79
CA THR D 78 -2.39 -3.60 -26.97
C THR D 78 -3.06 -4.35 -28.13
N ALA D 79 -4.09 -3.73 -28.72
CA ALA D 79 -4.88 -4.30 -29.84
C ALA D 79 -3.97 -4.69 -30.99
N GLY D 80 -4.11 -5.94 -31.42
CA GLY D 80 -3.26 -6.52 -32.46
C GLY D 80 -3.90 -7.71 -33.15
N PHE D 81 -3.77 -8.78 -32.33
CA PHE D 81 -2.54 -9.74 -32.38
C PHE D 81 -1.46 -10.20 -31.22
N THR D 82 -0.45 -11.09 -31.49
CA THR D 82 0.62 -11.49 -30.58
C THR D 82 1.59 -12.45 -31.24
N LYS D 83 1.10 -13.19 -32.25
CA LYS D 83 1.95 -14.03 -33.09
C LYS D 83 1.36 -14.22 -34.48
N ALA D 84 1.92 -15.17 -35.23
CA ALA D 84 1.57 -15.34 -36.64
C ALA D 84 0.95 -16.71 -36.89
N PRO D 85 -0.24 -16.71 -37.50
CA PRO D 85 -0.86 -17.95 -37.96
C PRO D 85 -0.01 -18.61 -39.04
N GLY D 86 0.11 -19.93 -38.98
CA GLY D 86 0.99 -20.66 -39.89
C GLY D 86 2.42 -20.63 -39.40
N LYS D 87 2.72 -19.69 -38.52
CA LYS D 87 4.03 -19.58 -37.90
C LYS D 87 4.02 -20.17 -36.49
N SER D 88 5.10 -20.86 -36.13
CA SER D 88 5.17 -21.56 -34.86
C SER D 88 5.71 -20.69 -33.73
N ASP D 89 6.52 -21.31 -32.87
CA ASP D 89 7.09 -20.64 -31.71
C ASP D 89 8.61 -20.75 -31.69
N LYS D 90 9.13 -21.78 -32.35
CA LYS D 90 10.57 -21.98 -32.44
C LYS D 90 11.19 -21.03 -33.46
N GLU D 91 10.32 -20.33 -34.18
CA GLU D 91 10.75 -19.31 -35.13
C GLU D 91 10.28 -17.95 -34.64
N TRP D 92 9.42 -17.97 -33.62
CA TRP D 92 8.82 -16.75 -33.09
C TRP D 92 9.58 -15.51 -33.56
N ASN D 93 8.84 -14.57 -34.15
CA ASN D 93 9.45 -13.32 -34.63
C ASN D 93 8.41 -12.23 -34.91
N ARG D 94 8.37 -11.77 -36.16
CA ARG D 94 7.34 -10.81 -36.59
C ARG D 94 7.68 -10.22 -37.96
N ASP D 95 6.63 -9.99 -38.74
CA ASP D 95 6.66 -9.89 -40.20
C ASP D 95 5.48 -9.08 -40.77
N ASP D 96 5.25 -9.15 -42.08
CA ASP D 96 3.98 -8.76 -42.70
C ASP D 96 3.04 -7.99 -41.75
N LEU D 97 1.94 -8.62 -41.37
CA LEU D 97 1.20 -8.20 -40.19
C LEU D 97 1.39 -6.70 -39.93
N LEU D 98 2.43 -6.13 -40.52
CA LEU D 98 2.71 -4.69 -40.40
C LEU D 98 1.67 -3.76 -40.99
N PRO D 99 1.02 -4.18 -42.08
CA PRO D 99 -0.01 -3.37 -42.74
C PRO D 99 -1.37 -3.55 -42.12
N LEU D 100 -1.66 -4.76 -41.64
CA LEU D 100 -2.88 -5.02 -40.90
C LEU D 100 -2.91 -4.20 -39.61
N ASN D 101 -1.78 -4.20 -38.90
CA ASN D 101 -1.61 -3.42 -37.68
C ASN D 101 -1.58 -1.92 -37.92
N ASN D 102 -0.98 -1.48 -39.03
CA ASN D 102 -1.09 -0.06 -39.42
C ASN D 102 -2.53 0.33 -39.61
N LYS D 103 -3.33 -0.57 -40.19
CA LYS D 103 -4.75 -0.31 -40.42
C LYS D 103 -5.52 -0.26 -39.10
N ILE D 104 -5.08 -1.03 -38.11
CA ILE D 104 -5.63 -0.92 -36.74
C ILE D 104 -5.33 0.46 -36.12
N MET D 105 -4.10 0.94 -36.28
CA MET D 105 -3.69 2.21 -35.69
C MET D 105 -4.36 3.41 -36.33
N ILE D 106 -4.70 3.27 -37.62
CA ILE D 106 -5.44 4.25 -38.43
C ILE D 106 -6.84 4.41 -37.90
N GLU D 107 -7.50 3.27 -37.67
CA GLU D 107 -8.89 3.19 -37.19
C GLU D 107 -8.99 3.66 -35.73
N ILE D 108 -8.19 3.08 -34.84
CA ILE D 108 -8.06 3.57 -33.43
C ILE D 108 -7.75 5.09 -33.39
N GLY D 109 -6.71 5.49 -34.13
CA GLY D 109 -6.25 6.87 -34.24
C GLY D 109 -7.33 7.88 -34.57
N GLY D 110 -8.16 7.57 -35.57
CA GLY D 110 -9.32 8.42 -35.93
C GLY D 110 -10.30 8.60 -34.78
N HIS D 111 -10.59 7.48 -34.12
CA HIS D 111 -11.41 7.50 -32.92
C HIS D 111 -10.82 8.30 -31.75
N ILE D 112 -9.51 8.19 -31.51
CA ILE D 112 -8.88 9.05 -30.50
C ILE D 112 -9.06 10.54 -30.86
N LYS D 113 -8.77 10.90 -32.11
CA LYS D 113 -8.88 12.29 -32.62
C LYS D 113 -10.28 12.84 -32.32
N ASN D 114 -11.27 11.99 -32.55
CA ASN D 114 -12.68 12.35 -32.42
C ASN D 114 -13.26 12.41 -31.00
N LEU D 115 -12.95 11.39 -30.19
CA LEU D 115 -13.61 11.18 -28.89
C LEU D 115 -12.78 11.53 -27.62
N CYS D 116 -11.45 11.42 -27.71
CA CYS D 116 -10.59 11.70 -26.55
C CYS D 116 -9.25 12.29 -26.99
N PRO D 117 -9.29 13.47 -27.66
CA PRO D 117 -8.08 14.12 -28.19
C PRO D 117 -7.09 14.55 -27.10
N ASN D 118 -7.56 14.68 -25.86
CA ASN D 118 -6.75 15.09 -24.72
C ASN D 118 -6.21 13.94 -23.84
N ALA D 119 -6.39 12.69 -24.28
CA ALA D 119 -5.87 11.53 -23.57
C ALA D 119 -4.34 11.37 -23.59
N PHE D 120 -3.84 10.75 -22.53
CA PHE D 120 -2.50 10.24 -22.54
C PHE D 120 -2.50 8.81 -23.13
N ILE D 121 -1.63 8.56 -24.11
CA ILE D 121 -1.66 7.30 -24.90
C ILE D 121 -0.40 6.49 -24.66
N ILE D 122 -0.59 5.20 -24.40
CA ILE D 122 0.52 4.29 -24.29
C ILE D 122 0.30 3.15 -25.29
N VAL D 123 1.28 2.95 -26.16
CA VAL D 123 1.18 1.96 -27.22
C VAL D 123 2.04 0.75 -26.88
N VAL D 124 1.45 -0.43 -27.02
CA VAL D 124 2.09 -1.69 -26.64
C VAL D 124 2.24 -2.67 -27.87
N THR D 125 1.32 -2.54 -28.83
CA THR D 125 1.30 -3.30 -30.09
C THR D 125 2.64 -3.21 -30.84
N ASN D 126 3.15 -4.38 -31.21
CA ASN D 126 4.43 -4.56 -31.89
C ASN D 126 4.37 -4.50 -33.43
N PRO D 127 5.48 -4.09 -34.09
CA PRO D 127 6.70 -3.54 -33.44
C PRO D 127 6.37 -2.20 -32.81
N VAL D 128 6.66 -2.06 -31.50
CA VAL D 128 6.21 -0.91 -30.73
C VAL D 128 6.75 0.45 -31.21
N ASP D 129 8.03 0.54 -31.55
CA ASP D 129 8.63 1.84 -31.91
C ASP D 129 8.11 2.36 -33.27
N VAL D 130 7.59 1.43 -34.07
CA VAL D 130 6.91 1.72 -35.34
C VAL D 130 5.45 2.10 -35.09
N MET D 131 4.73 1.24 -34.37
CA MET D 131 3.29 1.35 -34.12
C MET D 131 2.89 2.64 -33.42
N VAL D 132 3.78 3.12 -32.54
CA VAL D 132 3.53 4.32 -31.77
C VAL D 132 3.57 5.58 -32.62
N GLN D 133 4.54 5.67 -33.55
CA GLN D 133 4.62 6.79 -34.49
C GLN D 133 3.38 6.84 -35.37
N LEU D 134 2.91 5.67 -35.76
CA LEU D 134 1.70 5.48 -36.55
C LEU D 134 0.45 6.02 -35.87
N LEU D 135 0.19 5.57 -34.63
CA LEU D 135 -0.90 6.14 -33.82
C LEU D 135 -0.64 7.65 -33.58
N PHE D 136 0.60 8.02 -33.33
CA PHE D 136 0.95 9.43 -33.23
C PHE D 136 0.47 10.24 -34.46
N GLU D 137 0.77 9.72 -35.67
CA GLU D 137 0.41 10.41 -36.94
C GLU D 137 -1.09 10.48 -37.13
N HIS D 138 -1.77 9.36 -36.93
CA HIS D 138 -3.23 9.27 -37.12
C HIS D 138 -4.16 9.85 -36.05
N SER D 139 -3.72 9.86 -34.80
CA SER D 139 -4.56 10.39 -33.74
C SER D 139 -4.43 11.89 -33.65
N GLY D 140 -3.33 12.42 -34.16
CA GLY D 140 -3.04 13.86 -34.04
C GLY D 140 -2.73 14.43 -32.64
N VAL D 141 -2.45 13.55 -31.66
CA VAL D 141 -2.20 13.99 -30.26
C VAL D 141 -0.86 14.68 -30.21
N PRO D 142 -0.65 15.63 -29.25
CA PRO D 142 0.65 16.25 -29.07
C PRO D 142 1.73 15.22 -28.76
N LYS D 143 2.99 15.56 -29.04
CA LYS D 143 4.11 14.62 -28.92
C LYS D 143 4.42 14.27 -27.48
N ASN D 144 3.96 15.09 -26.54
CA ASN D 144 4.24 14.85 -25.13
C ASN D 144 3.12 14.02 -24.50
N LYS D 145 2.16 13.61 -25.33
CA LYS D 145 1.01 12.80 -24.89
C LYS D 145 0.86 11.39 -25.44
N ILE D 146 1.91 10.84 -26.06
CA ILE D 146 1.90 9.47 -26.56
C ILE D 146 3.31 8.89 -26.46
N ILE D 147 3.42 7.71 -25.83
CA ILE D 147 4.69 7.02 -25.68
C ILE D 147 4.47 5.55 -25.95
N GLY D 148 5.57 4.84 -26.18
CA GLY D 148 5.55 3.41 -26.41
C GLY D 148 6.23 2.65 -25.27
N LEU D 149 5.70 1.46 -24.96
CA LEU D 149 6.33 0.54 -24.03
C LEU D 149 7.65 -0.01 -24.61
N GLY D 150 8.72 0.06 -23.82
CA GLY D 150 9.90 -0.79 -24.06
C GLY D 150 10.83 -0.86 -22.85
N GLY D 151 11.51 0.24 -22.56
CA GLY D 151 12.60 0.19 -21.61
C GLY D 151 12.21 -0.22 -20.16
N VAL D 152 11.01 0.14 -19.71
CA VAL D 152 10.61 -0.27 -18.34
C VAL D 152 10.60 -1.77 -18.28
N LEU D 153 10.04 -2.43 -19.29
CA LEU D 153 9.97 -3.88 -19.32
C LEU D 153 11.35 -4.58 -19.54
N ASP D 154 12.06 -4.13 -20.56
CA ASP D 154 13.41 -4.64 -20.85
C ASP D 154 14.36 -4.42 -19.67
N THR D 155 14.35 -3.23 -19.05
CA THR D 155 15.25 -3.01 -17.91
C THR D 155 14.83 -3.82 -16.71
N SER D 156 13.54 -4.14 -16.61
CA SER D 156 13.11 -4.97 -15.49
C SER D 156 13.75 -6.34 -15.48
N ARG D 157 13.94 -6.91 -16.66
CA ARG D 157 14.56 -8.24 -16.79
C ARG D 157 16.03 -8.14 -16.39
N LEU D 158 16.68 -7.11 -16.90
CA LEU D 158 18.11 -6.93 -16.67
C LEU D 158 18.32 -6.66 -15.17
N LYS D 159 17.60 -5.66 -14.66
CA LYS D 159 17.58 -5.38 -13.19
C LYS D 159 17.33 -6.66 -12.42
N TYR D 160 16.27 -7.39 -12.77
CA TYR D 160 15.95 -8.62 -12.04
C TYR D 160 17.09 -9.65 -12.06
N TYR D 161 17.64 -9.92 -13.26
CA TYR D 161 18.67 -10.98 -13.36
C TYR D 161 19.93 -10.59 -12.59
N ILE D 162 20.30 -9.33 -12.66
CA ILE D 162 21.47 -8.88 -11.93
C ILE D 162 21.25 -8.96 -10.43
N SER D 163 20.06 -8.56 -9.97
CA SER D 163 19.72 -8.60 -8.53
C SER D 163 19.82 -10.01 -7.97
N GLN D 164 19.39 -11.01 -8.74
CA GLN D 164 19.46 -12.43 -8.26
C GLN D 164 20.88 -12.97 -8.16
N LYS D 165 21.75 -12.54 -9.05
CA LYS D 165 23.16 -12.90 -8.95
C LYS D 165 23.85 -12.21 -7.77
N LEU D 166 23.49 -10.95 -7.51
CA LEU D 166 24.13 -10.20 -6.44
C LEU D 166 23.41 -10.26 -5.08
N ASN D 167 22.25 -10.93 -5.07
CA ASN D 167 21.48 -11.14 -3.85
C ASN D 167 21.02 -9.83 -3.15
N VAL D 168 20.49 -8.90 -3.95
CA VAL D 168 19.92 -7.62 -3.49
C VAL D 168 18.47 -7.48 -3.97
N CYS D 169 17.75 -6.51 -3.40
CA CYS D 169 16.39 -6.18 -3.83
C CYS D 169 16.38 -5.86 -5.33
N PRO D 170 15.53 -6.51 -6.13
CA PRO D 170 15.49 -6.22 -7.59
C PRO D 170 15.50 -4.70 -7.99
N ARG D 171 14.71 -3.87 -7.31
CA ARG D 171 14.67 -2.47 -7.68
C ARG D 171 15.89 -1.64 -7.26
N ASP D 172 16.72 -2.19 -6.35
CA ASP D 172 18.03 -1.60 -6.04
C ASP D 172 19.07 -1.71 -7.19
N VAL D 173 18.78 -2.50 -8.22
CA VAL D 173 19.53 -2.42 -9.49
C VAL D 173 18.93 -1.38 -10.42
N ASN D 174 19.74 -0.44 -10.90
CA ASN D 174 19.29 0.46 -11.94
C ASN D 174 20.06 0.22 -13.24
N ALA D 175 19.39 0.39 -14.36
CA ALA D 175 19.90 0.04 -15.69
C ALA D 175 19.12 0.81 -16.76
N LEU D 176 19.78 1.08 -17.88
CA LEU D 176 19.18 1.80 -19.03
C LEU D 176 19.33 0.91 -20.29
N ILE D 177 18.22 0.67 -20.96
CA ILE D 177 18.20 -0.05 -22.23
C ILE D 177 17.43 0.84 -23.17
N VAL D 178 18.07 1.12 -24.32
CA VAL D 178 17.65 2.22 -25.19
C VAL D 178 17.52 1.83 -26.67
N GLY D 179 17.20 2.81 -27.51
CA GLY D 179 17.12 2.58 -28.97
C GLY D 179 15.77 2.13 -29.46
N ALA D 180 15.51 0.86 -29.24
CA ALA D 180 14.28 0.24 -29.68
C ALA D 180 14.00 -0.91 -28.74
N HIS D 181 12.73 -1.26 -28.63
CA HIS D 181 12.33 -2.53 -28.03
C HIS D 181 12.48 -3.58 -29.13
N GLY D 182 13.14 -4.69 -28.80
CA GLY D 182 13.34 -5.78 -29.75
C GLY D 182 14.80 -6.15 -29.77
N ASN D 183 15.19 -7.09 -30.65
CA ASN D 183 16.56 -7.60 -30.72
C ASN D 183 17.66 -6.56 -30.87
N LYS D 184 17.34 -5.38 -31.36
CA LYS D 184 18.37 -4.32 -31.48
C LYS D 184 18.55 -3.47 -30.19
N MET D 185 17.83 -3.82 -29.11
CA MET D 185 17.88 -3.01 -27.87
C MET D 185 19.29 -2.73 -27.40
N VAL D 186 19.56 -1.46 -27.08
CA VAL D 186 20.91 -1.11 -26.63
C VAL D 186 21.04 -1.26 -25.12
N LEU D 187 21.80 -2.29 -24.71
CA LEU D 187 22.06 -2.58 -23.31
C LEU D 187 23.31 -1.85 -22.91
N LEU D 188 23.16 -0.82 -22.11
CA LEU D 188 24.28 0.04 -21.77
C LEU D 188 24.97 -0.41 -20.48
N LYS D 189 25.96 -1.28 -20.63
CA LYS D 189 26.71 -1.85 -19.49
C LYS D 189 27.27 -0.80 -18.51
N ARG D 190 27.75 0.32 -19.04
CA ARG D 190 28.38 1.41 -18.26
C ARG D 190 27.37 2.10 -17.32
N TYR D 191 26.09 2.09 -17.69
CA TYR D 191 25.00 2.74 -16.92
C TYR D 191 24.26 1.80 -15.93
N ILE D 192 24.89 0.71 -15.50
CA ILE D 192 24.24 -0.16 -14.51
C ILE D 192 24.79 0.16 -13.13
N THR D 193 23.89 0.24 -12.14
CA THR D 193 24.32 0.52 -10.79
C THR D 193 23.58 -0.43 -9.89
N VAL D 194 24.15 -0.67 -8.72
CA VAL D 194 23.56 -1.52 -7.70
C VAL D 194 23.55 -0.75 -6.37
N GLY D 195 22.37 -0.43 -5.82
CA GLY D 195 22.34 0.41 -4.61
C GLY D 195 23.06 1.74 -4.90
N GLY D 196 23.01 2.19 -6.16
CA GLY D 196 23.60 3.46 -6.55
C GLY D 196 25.08 3.36 -6.93
N ILE D 197 25.66 2.18 -6.73
CA ILE D 197 27.10 1.93 -6.89
C ILE D 197 27.34 1.36 -8.32
N PRO D 198 28.38 1.82 -9.03
CA PRO D 198 28.66 1.25 -10.36
C PRO D 198 28.75 -0.28 -10.36
N LEU D 199 28.08 -0.95 -11.30
CA LEU D 199 28.28 -2.41 -11.46
C LEU D 199 29.81 -2.81 -11.45
N GLN D 200 30.61 -2.06 -12.20
CA GLN D 200 32.09 -2.34 -12.26
C GLN D 200 32.73 -2.65 -10.91
N GLU D 201 32.25 -2.03 -9.84
CA GLU D 201 32.78 -2.32 -8.49
C GLU D 201 32.51 -3.73 -8.00
N PHE D 202 31.38 -4.32 -8.38
CA PHE D 202 31.06 -5.69 -7.97
C PHE D 202 31.81 -6.65 -8.92
N ILE D 203 32.02 -6.24 -10.15
CA ILE D 203 32.88 -7.02 -11.05
C ILE D 203 34.29 -7.06 -10.42
N ASN D 204 34.83 -5.89 -10.03
CA ASN D 204 36.15 -5.78 -9.39
C ASN D 204 36.27 -6.62 -8.15
N ASN D 205 35.20 -6.62 -7.35
CA ASN D 205 35.14 -7.47 -6.16
C ASN D 205 34.83 -8.95 -6.47
N LYS D 206 34.73 -9.30 -7.75
CA LYS D 206 34.46 -10.68 -8.19
C LYS D 206 33.15 -11.30 -7.62
N LYS D 207 32.12 -10.46 -7.47
CA LYS D 207 30.80 -10.91 -7.04
C LYS D 207 30.03 -11.33 -8.29
N ILE D 208 30.38 -10.71 -9.41
CA ILE D 208 29.89 -11.04 -10.74
C ILE D 208 31.03 -10.84 -11.76
N THR D 209 31.07 -11.67 -12.79
CA THR D 209 32.11 -11.59 -13.82
C THR D 209 31.63 -10.89 -15.08
N ASP D 210 32.56 -10.43 -15.92
CA ASP D 210 32.19 -9.79 -17.20
C ASP D 210 31.41 -10.74 -18.11
N GLU D 211 31.70 -12.05 -17.98
CA GLU D 211 31.03 -13.10 -18.78
C GLU D 211 29.64 -13.48 -18.25
N GLU D 212 29.43 -13.37 -16.94
CA GLU D 212 28.06 -13.48 -16.41
C GLU D 212 27.16 -12.31 -16.83
N VAL D 213 27.74 -11.11 -16.84
CA VAL D 213 27.04 -9.91 -17.28
C VAL D 213 26.68 -10.00 -18.77
N GLU D 214 27.57 -10.57 -19.58
CA GLU D 214 27.18 -10.76 -20.99
C GLU D 214 26.11 -11.83 -21.13
N GLY D 215 26.19 -12.90 -20.31
CA GLY D 215 25.16 -13.96 -20.32
C GLY D 215 23.79 -13.36 -19.96
N ILE D 216 23.79 -12.47 -18.97
CA ILE D 216 22.55 -11.78 -18.51
C ILE D 216 22.03 -10.81 -19.60
N PHE D 217 22.92 -10.03 -20.25
CA PHE D 217 22.55 -9.25 -21.43
C PHE D 217 21.83 -10.09 -22.50
N ASP D 218 22.40 -11.24 -22.79
CA ASP D 218 21.85 -12.12 -23.78
C ASP D 218 20.47 -12.60 -23.33
N ARG D 219 20.36 -12.94 -22.06
CA ARG D 219 19.13 -13.50 -21.53
C ARG D 219 18.01 -12.43 -21.60
N THR D 220 18.36 -11.15 -21.42
CA THR D 220 17.42 -10.02 -21.43
C THR D 220 16.88 -9.82 -22.84
N VAL D 221 17.81 -9.77 -23.80
CA VAL D 221 17.40 -9.63 -25.18
C VAL D 221 16.45 -10.77 -25.54
N ASN D 222 16.77 -12.00 -25.14
CA ASN D 222 15.99 -13.15 -25.61
C ASN D 222 14.89 -13.64 -24.66
N THR D 223 14.63 -12.86 -23.60
CA THR D 223 13.60 -13.26 -22.62
C THR D 223 12.26 -13.66 -23.19
N ALA D 224 11.72 -12.88 -24.12
CA ALA D 224 10.39 -13.18 -24.66
C ALA D 224 10.37 -14.57 -25.32
N LEU D 225 11.38 -14.88 -26.14
CA LEU D 225 11.58 -16.23 -26.77
C LEU D 225 11.70 -17.35 -25.74
N GLU D 226 12.51 -17.09 -24.68
CA GLU D 226 12.68 -18.02 -23.56
C GLU D 226 11.34 -18.42 -22.92
N ILE D 227 10.49 -17.41 -22.68
CA ILE D 227 9.17 -17.63 -22.12
C ILE D 227 8.27 -18.40 -23.11
N VAL D 228 8.24 -17.94 -24.36
CA VAL D 228 7.43 -18.57 -25.41
C VAL D 228 7.86 -20.04 -25.60
N ASN D 229 9.18 -20.30 -25.62
CA ASN D 229 9.67 -21.68 -25.79
C ASN D 229 9.27 -22.50 -24.57
N LEU D 230 8.96 -21.85 -23.42
CA LEU D 230 8.51 -22.60 -22.23
C LEU D 230 6.99 -22.77 -22.19
N LEU D 231 6.32 -22.45 -23.28
CA LEU D 231 4.88 -22.72 -23.37
C LEU D 231 4.04 -21.71 -22.55
N ALA D 232 4.58 -20.50 -22.40
CA ALA D 232 3.88 -19.33 -21.80
C ALA D 232 4.10 -18.12 -22.71
N SER D 233 3.63 -16.93 -22.34
CA SER D 233 3.98 -15.70 -23.09
C SER D 233 4.13 -14.59 -22.06
N PRO D 234 4.91 -13.54 -22.38
CA PRO D 234 5.05 -12.59 -21.30
C PRO D 234 3.86 -11.64 -21.30
N TYR D 235 3.17 -11.55 -20.18
CA TYR D 235 2.07 -10.58 -20.09
C TYR D 235 1.95 -9.93 -18.72
N VAL D 236 2.39 -10.65 -17.67
CA VAL D 236 2.31 -10.13 -16.28
C VAL D 236 3.32 -8.98 -16.17
N ALA D 237 4.60 -9.21 -16.49
CA ALA D 237 5.55 -8.10 -16.43
C ALA D 237 5.27 -6.97 -17.41
N PRO D 238 4.95 -7.27 -18.70
CA PRO D 238 4.51 -6.14 -19.52
C PRO D 238 3.33 -5.30 -18.89
N ALA D 239 2.29 -5.93 -18.35
CA ALA D 239 1.18 -5.18 -17.74
C ALA D 239 1.67 -4.35 -16.57
N ALA D 240 2.54 -4.90 -15.72
CA ALA D 240 3.01 -4.11 -14.58
C ALA D 240 3.84 -2.88 -15.01
N ALA D 241 4.64 -3.05 -16.07
CA ALA D 241 5.43 -1.99 -16.63
C ALA D 241 4.55 -0.83 -17.17
N ILE D 242 3.49 -1.19 -17.86
CA ILE D 242 2.58 -0.23 -18.45
C ILE D 242 1.83 0.55 -17.36
N ILE D 243 1.41 -0.15 -16.32
CA ILE D 243 0.65 0.46 -15.19
C ILE D 243 1.60 1.37 -14.39
N GLU D 244 2.89 0.99 -14.28
CA GLU D 244 3.85 1.93 -13.67
C GLU D 244 3.95 3.28 -14.43
N MET D 245 3.99 3.19 -15.75
CA MET D 245 3.95 4.35 -16.66
C MET D 245 2.64 5.13 -16.51
N ALA D 246 1.52 4.42 -16.60
CA ALA D 246 0.21 5.03 -16.46
C ALA D 246 0.02 5.69 -15.11
N GLU D 247 0.46 5.05 -14.05
CA GLU D 247 0.34 5.62 -12.70
C GLU D 247 1.21 6.86 -12.50
N SER D 248 2.41 6.88 -13.10
CA SER D 248 3.27 8.06 -12.98
C SER D 248 2.58 9.31 -13.55
N TYR D 249 1.82 9.12 -14.65
CA TYR D 249 1.08 10.20 -15.28
C TYR D 249 -0.11 10.61 -14.37
N LEU D 250 -0.96 9.64 -14.04
CA LEU D 250 -2.20 9.90 -13.27
C LEU D 250 -1.94 10.48 -11.86
N LYS D 251 -0.79 10.14 -11.27
CA LYS D 251 -0.45 10.66 -9.91
C LYS D 251 0.63 11.74 -9.89
N ASP D 252 0.98 12.17 -11.10
CA ASP D 252 2.01 13.18 -11.32
C ASP D 252 3.27 12.86 -10.50
N ILE D 253 3.83 11.65 -10.64
CA ILE D 253 4.97 11.22 -9.81
C ILE D 253 6.31 11.75 -10.39
N LYS D 254 6.34 11.92 -11.71
CA LYS D 254 7.57 12.38 -12.37
C LYS D 254 8.73 11.39 -12.28
N LYS D 255 8.42 10.09 -12.41
CA LYS D 255 9.43 9.04 -12.46
C LYS D 255 10.20 9.13 -13.74
N VAL D 256 11.46 8.75 -13.69
CA VAL D 256 12.31 8.63 -14.89
C VAL D 256 12.09 7.19 -15.33
N LEU D 257 11.54 7.04 -16.54
CA LEU D 257 11.14 5.75 -17.12
C LEU D 257 11.67 5.81 -18.58
N VAL D 258 12.35 4.76 -19.03
CA VAL D 258 12.74 4.64 -20.45
C VAL D 258 11.55 4.17 -21.31
N CYS D 259 11.08 5.05 -22.20
CA CYS D 259 9.96 4.78 -23.06
C CYS D 259 10.29 5.28 -24.49
N SER D 260 9.45 4.91 -25.43
CA SER D 260 9.59 5.23 -26.85
C SER D 260 8.86 6.53 -27.09
N THR D 261 9.62 7.52 -27.52
CA THR D 261 9.10 8.85 -27.69
C THR D 261 9.66 9.42 -29.01
N LEU D 262 9.07 10.51 -29.51
CA LEU D 262 9.50 11.16 -30.76
C LEU D 262 10.89 11.77 -30.61
N LEU D 263 11.87 11.28 -31.39
CA LEU D 263 13.20 11.90 -31.39
C LEU D 263 13.15 13.13 -32.29
N GLU D 264 13.66 14.25 -31.77
CA GLU D 264 13.79 15.53 -32.47
C GLU D 264 15.25 16.07 -32.51
N GLY D 265 16.16 15.24 -33.02
CA GLY D 265 17.59 15.59 -33.06
C GLY D 265 18.41 14.90 -31.99
N GLN D 266 17.74 14.26 -31.02
CA GLN D 266 18.45 13.48 -30.01
C GLN D 266 19.08 12.26 -30.65
N TYR D 267 20.33 12.00 -30.28
CA TYR D 267 21.09 10.86 -30.75
C TYR D 267 21.46 10.98 -32.25
N GLY D 268 21.38 12.21 -32.75
CA GLY D 268 21.50 12.54 -34.17
C GLY D 268 20.33 12.09 -35.02
N HIS D 269 19.16 11.90 -34.40
CA HIS D 269 18.00 11.31 -35.06
C HIS D 269 16.75 12.20 -35.00
N SER D 270 15.91 12.10 -36.03
CA SER D 270 14.67 12.86 -36.11
C SER D 270 13.64 12.09 -36.87
N ASN D 271 12.39 12.56 -36.81
CA ASN D 271 11.25 11.91 -37.49
C ASN D 271 11.11 10.39 -37.28
N ILE D 272 11.48 9.95 -36.08
CA ILE D 272 11.47 8.55 -35.65
C ILE D 272 11.21 8.48 -34.12
N PHE D 273 10.62 7.37 -33.65
CA PHE D 273 10.46 7.12 -32.20
C PHE D 273 11.56 6.18 -31.72
N GLY D 274 12.20 6.60 -30.63
CA GLY D 274 13.27 5.83 -30.05
C GLY D 274 13.08 5.74 -28.56
N GLY D 275 13.67 4.71 -27.97
CA GLY D 275 13.60 4.45 -26.53
C GLY D 275 14.67 5.28 -25.87
N THR D 276 14.29 6.06 -24.84
CA THR D 276 15.24 6.94 -24.11
C THR D 276 14.64 7.30 -22.72
N PRO D 277 15.48 7.52 -21.69
CA PRO D 277 14.88 7.98 -20.44
C PRO D 277 14.00 9.20 -20.63
N LEU D 278 12.82 9.19 -20.01
CA LEU D 278 12.02 10.42 -19.96
C LEU D 278 11.30 10.52 -18.60
N VAL D 279 10.69 11.68 -18.36
CA VAL D 279 10.00 11.95 -17.10
C VAL D 279 8.53 11.96 -17.42
N ILE D 280 7.76 11.11 -16.74
CA ILE D 280 6.30 11.09 -16.91
C ILE D 280 5.65 11.78 -15.71
N GLY D 281 4.95 12.87 -15.98
CA GLY D 281 4.32 13.66 -14.95
C GLY D 281 2.90 13.88 -15.37
N GLY D 282 2.19 14.74 -14.64
CA GLY D 282 0.75 14.98 -14.89
C GLY D 282 0.42 15.69 -16.21
N THR D 283 1.43 16.26 -16.87
CA THR D 283 1.19 16.90 -18.19
C THR D 283 1.65 15.98 -19.34
N GLY D 284 2.10 14.77 -18.99
CA GLY D 284 2.54 13.75 -19.94
C GLY D 284 4.05 13.62 -19.89
N VAL D 285 4.68 13.56 -21.06
CA VAL D 285 6.15 13.63 -21.14
C VAL D 285 6.61 15.05 -20.83
N GLU D 286 7.28 15.21 -19.70
CA GLU D 286 7.70 16.51 -19.20
C GLU D 286 9.15 16.80 -19.56
N GLN D 287 9.93 15.77 -19.83
CA GLN D 287 11.37 15.88 -20.16
C GLN D 287 11.76 14.66 -20.97
N VAL D 288 12.53 14.87 -22.05
CA VAL D 288 13.17 13.77 -22.76
C VAL D 288 14.64 13.95 -22.44
N ILE D 289 15.25 12.92 -21.87
CA ILE D 289 16.61 13.00 -21.39
C ILE D 289 17.49 12.30 -22.43
N GLU D 290 18.54 12.98 -22.90
CA GLU D 290 19.41 12.44 -23.94
C GLU D 290 20.69 11.96 -23.29
N LEU D 291 20.92 10.63 -23.30
CA LEU D 291 22.13 10.09 -22.70
C LEU D 291 23.39 10.61 -23.42
N GLN D 292 24.48 10.78 -22.69
CA GLN D 292 25.73 11.25 -23.30
C GLN D 292 26.57 10.03 -23.72
N LEU D 293 26.08 9.41 -24.78
CA LEU D 293 26.67 8.18 -25.29
C LEU D 293 28.05 8.45 -25.94
N ASN D 294 28.95 7.48 -25.77
CA ASN D 294 30.23 7.42 -26.48
C ASN D 294 30.01 6.82 -27.88
N ALA D 295 30.99 6.88 -28.77
CA ALA D 295 30.74 6.53 -30.17
C ALA D 295 30.36 5.06 -30.34
N GLU D 296 30.98 4.19 -29.55
CA GLU D 296 30.69 2.73 -29.53
C GLU D 296 29.21 2.46 -29.21
N GLU D 297 28.65 3.30 -28.34
CA GLU D 297 27.23 3.21 -27.93
C GLU D 297 26.32 3.89 -28.94
N LYS D 298 26.78 4.99 -29.52
CA LYS D 298 25.98 5.70 -30.51
C LYS D 298 25.80 4.84 -31.77
N THR D 299 26.84 4.06 -32.12
CA THR D 299 26.69 3.04 -33.20
C THR D 299 25.59 2.02 -32.95
N LYS D 300 25.54 1.47 -31.74
CA LYS D 300 24.44 0.57 -31.32
C LYS D 300 23.03 1.24 -31.34
N PHE D 301 22.94 2.52 -30.96
CA PHE D 301 21.68 3.30 -31.07
C PHE D 301 21.27 3.53 -32.53
N ASP D 302 22.22 4.02 -33.34
CA ASP D 302 22.05 4.14 -34.80
C ASP D 302 21.44 2.89 -35.38
N GLU D 303 22.05 1.74 -35.12
CA GLU D 303 21.53 0.46 -35.61
C GLU D 303 20.10 0.16 -35.15
N ALA D 304 19.77 0.36 -33.86
CA ALA D 304 18.38 0.12 -33.39
C ALA D 304 17.38 1.03 -34.09
N VAL D 305 17.73 2.30 -34.24
CA VAL D 305 16.84 3.18 -35.01
C VAL D 305 16.79 2.78 -36.52
N ALA D 306 17.94 2.36 -37.06
CA ALA D 306 17.97 1.78 -38.42
C ALA D 306 16.88 0.73 -38.68
N GLU D 307 16.79 -0.29 -37.81
CA GLU D 307 15.76 -1.34 -37.88
C GLU D 307 14.31 -0.85 -37.76
N THR D 308 14.12 0.28 -37.06
CA THR D 308 12.78 0.89 -36.89
C THR D 308 12.35 1.63 -38.18
N LYS D 309 13.29 2.41 -38.75
CA LYS D 309 13.14 3.09 -40.04
C LYS D 309 12.91 2.10 -41.18
N ARG D 310 13.47 0.90 -41.03
CA ARG D 310 13.33 -0.17 -41.99
C ARG D 310 11.94 -0.72 -42.02
N MET D 311 11.34 -0.96 -40.85
CA MET D 311 9.96 -1.46 -40.75
C MET D 311 8.84 -0.43 -41.06
N LYS D 312 9.09 0.85 -40.77
CA LYS D 312 8.15 1.94 -41.04
C LYS D 312 8.02 2.19 -42.55
N ALA D 313 9.16 2.48 -43.17
CA ALA D 313 9.24 2.63 -44.61
C ALA D 313 9.04 1.25 -45.19
N LEU D 314 7.79 0.84 -45.36
CA LEU D 314 7.49 -0.56 -45.61
C LEU D 314 5.99 -0.86 -45.50
N ILE D 315 5.26 -0.02 -44.79
CA ILE D 315 3.82 -0.17 -44.63
C ILE D 315 3.05 0.41 -45.83
S SO4 E . -39.82 2.16 20.10
O1 SO4 E . -41.02 2.16 20.94
O2 SO4 E . -38.69 2.12 21.00
O3 SO4 E . -39.79 1.00 19.23
O4 SO4 E . -39.83 3.31 19.21
O7N AP0 F . -12.76 14.47 17.16
C7N AP0 F . -12.56 15.66 17.09
C8N AP0 F . -13.42 16.57 16.50
C3N AP0 F . -11.24 16.05 17.69
C4N AP0 F . -10.40 15.05 18.20
C5N AP0 F . -9.19 15.40 18.74
C6N AP0 F . -8.90 16.79 18.79
C2N AP0 F . -10.90 17.40 17.76
N1N AP0 F . -9.74 17.77 18.33
C1D AP0 F . -9.28 19.07 18.38
C2D AP0 F . -9.20 19.96 19.37
O2D AP0 F . -9.86 20.03 20.49
C3D AP0 F . -8.25 21.07 19.09
O3D AP0 F . -9.23 22.14 19.10
O4D AP0 F . -8.48 19.54 17.27
C4D AP0 F . -7.79 20.74 17.65
C5D AP0 F . -6.30 20.67 17.40
O5D AP0 F . -5.63 19.59 18.05
PN AP0 F . -4.05 19.49 18.10
O1N AP0 F . -3.81 18.35 19.01
O2N AP0 F . -3.56 19.57 16.69
O3 AP0 F . -3.69 20.92 18.84
PA AP0 F . -2.38 21.81 18.68
O1A AP0 F . -1.13 21.02 18.68
O2A AP0 F . -2.56 22.90 19.70
O5B AP0 F . -2.63 22.55 17.30
C5B AP0 F . -3.46 23.73 17.13
C4B AP0 F . -2.67 24.61 16.17
O4B AP0 F . -3.46 25.64 15.64
C1B AP0 F . -2.70 26.83 15.57
C2B AP0 F . -1.86 26.81 16.82
O2B AP0 F . -0.71 27.61 16.65
C3B AP0 F . -1.50 25.31 16.85
O3B AP0 F . -0.30 24.97 16.16
N9A AP0 F . -3.53 28.04 15.36
C8A AP0 F . -4.11 28.89 16.26
N7A AP0 F . -4.75 29.87 15.56
C5A AP0 F . -4.56 29.65 14.25
C6A AP0 F . -4.95 30.29 13.07
N6A AP0 F . -5.73 31.43 13.06
C4A AP0 F . -3.76 28.49 14.14
N3A AP0 F . -3.38 28.02 12.91
C2A AP0 F . -3.81 28.65 11.83
N1A AP0 F . -4.58 29.77 11.92
O7N AP0 G . -15.11 -20.62 -5.41
C7N AP0 G . -14.48 -21.59 -5.82
C8N AP0 G . -14.28 -22.63 -4.98
C3N AP0 G . -13.99 -21.60 -7.25
C4N AP0 G . -14.21 -20.52 -8.12
C5N AP0 G . -13.78 -20.58 -9.46
C6N AP0 G . -13.07 -21.71 -9.90
C2N AP0 G . -13.31 -22.71 -7.75
N1N AP0 G . -12.89 -22.77 -9.04
C1D AP0 G . -12.15 -23.84 -9.51
C2D AP0 G . -12.49 -24.87 -10.35
O2D AP0 G . -13.73 -25.31 -10.67
C3D AP0 G . -11.25 -25.58 -10.79
O3D AP0 G . -11.39 -26.84 -10.08
O4D AP0 G . -10.72 -23.86 -9.20
C4D AP0 G . -10.10 -24.79 -10.10
C5D AP0 G . -9.07 -24.06 -10.95
O5D AP0 G . -9.62 -23.04 -11.80
PN AP0 G . -8.74 -22.53 -12.97
O1N AP0 G . -9.60 -21.64 -13.79
O2N AP0 G . -7.39 -21.99 -12.44
O3 AP0 G . -8.48 -23.94 -13.84
PA AP0 G . -7.29 -24.20 -14.92
O1A AP0 G . -6.86 -23.00 -15.68
O2A AP0 G . -7.58 -25.50 -15.64
O5B AP0 G . -6.08 -24.61 -13.95
C5B AP0 G . -6.08 -25.92 -13.37
C4B AP0 G . -4.63 -26.41 -13.40
O4B AP0 G . -4.52 -27.59 -12.60
C1B AP0 G . -3.52 -28.38 -13.24
C2B AP0 G . -3.88 -28.25 -14.71
O2B AP0 G . -2.75 -28.63 -15.46
C3B AP0 G . -4.16 -26.76 -14.80
O3B AP0 G . -2.97 -26.01 -15.08
N9A AP0 G . -3.48 -29.76 -12.74
C8A AP0 G . -4.26 -30.79 -13.14
N7A AP0 G . -3.91 -31.90 -12.45
C5A AP0 G . -2.89 -31.57 -11.62
C6A AP0 G . -2.13 -32.31 -10.71
N6A AP0 G . -2.40 -33.63 -10.54
C4A AP0 G . -2.60 -30.21 -11.82
N3A AP0 G . -1.59 -29.62 -11.11
C2A AP0 G . -0.89 -30.36 -10.23
N1A AP0 G . -1.16 -31.68 -10.01
S SO4 H . 43.14 8.59 -7.05
O1 SO4 H . 42.84 10.01 -6.86
O2 SO4 H . 42.24 8.06 -8.09
O3 SO4 H . 44.53 8.50 -7.50
O4 SO4 H . 43.02 7.83 -5.81
O7N AP0 I . 20.17 10.22 12.05
C7N AP0 I . 20.23 10.03 13.27
C8N AP0 I . 21.07 9.11 13.84
C3N AP0 I . 19.34 10.86 14.15
C4N AP0 I . 18.47 11.77 13.55
C5N AP0 I . 17.63 12.54 14.38
C6N AP0 I . 17.69 12.36 15.74
C2N AP0 I . 19.35 10.69 15.53
N1N AP0 I . 18.55 11.46 16.29
C1D AP0 I . 18.49 11.31 17.67
C2D AP0 I . 18.93 12.10 18.68
O2D AP0 I . 19.86 13.06 18.66
C3D AP0 I . 18.29 11.76 19.97
O3D AP0 I . 19.41 11.34 20.78
O4D AP0 I . 17.62 10.27 18.19
C4D AP0 I . 17.41 10.55 19.59
C5D AP0 I . 15.91 10.71 19.87
O5D AP0 I . 15.26 11.73 19.12
PN AP0 I . 13.81 12.22 19.56
O1N AP0 I . 13.53 13.47 18.78
O2N AP0 I . 12.85 11.04 19.58
O3 AP0 I . 14.16 12.65 21.09
PA AP0 I . 13.10 12.69 22.33
O1A AP0 I . 11.73 13.18 21.92
O2A AP0 I . 13.83 13.42 23.43
O5B AP0 I . 13.06 11.12 22.70
C5B AP0 I . 14.00 10.42 23.52
C4B AP0 I . 13.22 9.64 24.59
O4B AP0 I . 14.05 8.69 25.29
C1B AP0 I . 13.62 8.59 26.65
C2B AP0 I . 13.33 10.03 26.98
O2B AP0 I . 12.47 9.98 28.09
C3B AP0 I . 12.62 10.49 25.67
O3B AP0 I . 11.20 10.29 25.63
N9A AP0 I . 14.63 7.89 27.50
C8A AP0 I . 15.68 8.40 28.22
N7A AP0 I . 16.33 7.38 28.82
C5A AP0 I . 15.68 6.25 28.51
C6A AP0 I . 15.87 4.88 28.81
N6A AP0 I . 16.91 4.50 29.62
C4A AP0 I . 14.59 6.58 27.69
N3A AP0 I . 13.76 5.61 27.22
C2A AP0 I . 14.00 4.33 27.51
N1A AP0 I . 15.02 3.96 28.30
O7N AP0 J . 7.34 -4.75 -24.75
C7N AP0 J . 6.39 -4.65 -25.51
C8N AP0 J . 6.18 -3.55 -26.24
C3N AP0 J . 5.48 -5.82 -25.60
C4N AP0 J . 5.66 -6.88 -24.73
C5N AP0 J . 4.77 -7.98 -24.76
C6N AP0 J . 3.75 -7.97 -25.72
C2N AP0 J . 4.42 -5.84 -26.52
N1N AP0 J . 3.60 -6.91 -26.55
C1D AP0 J . 2.53 -6.96 -27.41
C2D AP0 J . 2.43 -7.66 -28.54
O2D AP0 J . 3.44 -8.14 -29.26
C3D AP0 J . 1.02 -7.87 -28.91
O3D AP0 J . 0.94 -7.21 -30.16
O4D AP0 J . 1.25 -6.40 -27.04
C4D AP0 J . 0.27 -7.04 -27.85
C5D AP0 J . -0.75 -7.77 -26.95
O5D AP0 J . -0.23 -8.90 -26.24
PN AP0 J . -1.28 -9.81 -25.49
O1N AP0 J . -0.52 -10.93 -24.86
O2N AP0 J . -2.25 -8.96 -24.78
O3 AP0 J . -2.10 -10.35 -26.83
PA AP0 J . -3.59 -10.95 -26.94
O1A AP0 J . -3.96 -11.84 -25.77
O2A AP0 J . -3.64 -11.60 -28.32
O5B AP0 J . -4.56 -9.68 -26.98
C5B AP0 J . -4.61 -8.76 -28.07
C4B AP0 J . -6.08 -8.36 -28.17
O4B AP0 J . -6.28 -7.29 -29.08
C1B AP0 J . -7.58 -7.48 -29.68
C2B AP0 J . -7.66 -8.98 -29.91
O2B AP0 J . -9.01 -9.46 -29.96
C3B AP0 J . -6.95 -9.50 -28.67
O3B AP0 J . -7.89 -9.80 -27.62
N9A AP0 J . -7.83 -6.69 -30.89
C8A AP0 J . -7.52 -6.97 -32.18
N7A AP0 J . -7.93 -5.95 -32.97
C5A AP0 J . -8.50 -5.00 -32.17
C6A AP0 J . -9.08 -3.75 -32.40
N6A AP0 J . -9.20 -3.23 -33.64
C4A AP0 J . -8.42 -5.47 -30.87
N3A AP0 J . -8.90 -4.73 -29.86
C2A AP0 J . -9.46 -3.54 -30.11
N1A AP0 J . -9.53 -3.02 -31.35
#